data_7KUP
# 
_entry.id   7KUP 
# 
_audit_conform.dict_name       mmcif_pdbx.dic 
_audit_conform.dict_version    5.380 
_audit_conform.dict_location   http://mmcif.pdb.org/dictionaries/ascii/mmcif_pdbx.dic 
# 
loop_
_database_2.database_id 
_database_2.database_code 
_database_2.pdbx_database_accession 
_database_2.pdbx_DOI 
PDB   7KUP         pdb_00007kup 10.2210/pdb7kup/pdb 
WWPDB D_1000253081 ?            ?                   
# 
_pdbx_database_status.status_code                     REL 
_pdbx_database_status.status_code_sf                  REL 
_pdbx_database_status.status_code_mr                  ? 
_pdbx_database_status.entry_id                        7KUP 
_pdbx_database_status.recvd_initial_deposition_date   2020-11-25 
_pdbx_database_status.SG_entry                        N 
_pdbx_database_status.deposit_site                    RCSB 
_pdbx_database_status.process_site                    RCSB 
_pdbx_database_status.status_code_cs                  ? 
_pdbx_database_status.status_code_nmr_data            ? 
_pdbx_database_status.methods_development_category    ? 
_pdbx_database_status.pdb_format_compatible           Y 
# 
loop_
_audit_author.name 
_audit_author.pdbx_ordinal 
_audit_author.identifier_ORCID 
'Fang, Z.'      1 0000-0001-8679-6633 
'Giurgiu, C.'   2 0000-0003-0145-0110 
'Szostak, J.W.' 3 0000-0003-4131-1203 
# 
_citation.abstract                  ? 
_citation.abstract_id_CAS           ? 
_citation.book_id_ISBN              ? 
_citation.book_publisher            ? 
_citation.book_publisher_city       ? 
_citation.book_title                ? 
_citation.coordinate_linkage        ? 
_citation.country                   GE 
_citation.database_id_Medline       ? 
_citation.details                   ? 
_citation.id                        primary 
_citation.journal_abbrev            Angew.Chem.Int.Ed.Engl. 
_citation.journal_id_ASTM           ACIEAY 
_citation.journal_id_CSD            0179 
_citation.journal_id_ISSN           1521-3773 
_citation.journal_full              ? 
_citation.journal_issue             ? 
_citation.journal_volume            60 
_citation.language                  ? 
_citation.page_first                22925 
_citation.page_last                 22932 
_citation.title                     'Structure-Activity Relationships in Nonenzymatic Template-Directed RNA Synthesis.' 
_citation.year                      2021 
_citation.database_id_CSD           ? 
_citation.pdbx_database_id_DOI      10.1002/anie.202109714 
_citation.pdbx_database_id_PubMed   34428345 
_citation.unpublished_flag          ? 
# 
loop_
_citation_author.citation_id 
_citation_author.name 
_citation_author.ordinal 
_citation_author.identifier_ORCID 
primary 'Giurgiu, C.'    1 0000-0003-0145-0110 
primary 'Fang, Z.'       2 ?                   
primary 'Aitken, H.R.M.' 3 ?                   
primary 'Kim, S.C.'      4 ?                   
primary 'Pazienza, L.'   5 ?                   
primary 'Mittal, S.'     6 ?                   
primary 'Szostak, J.W.'  7 0000-0003-4131-1203 
# 
_cell.angle_alpha                  90.000 
_cell.angle_alpha_esd              ? 
_cell.angle_beta                   90.000 
_cell.angle_beta_esd               ? 
_cell.angle_gamma                  120.000 
_cell.angle_gamma_esd              ? 
_cell.entry_id                     7KUP 
_cell.details                      ? 
_cell.formula_units_Z              ? 
_cell.length_a                     48.972 
_cell.length_a_esd                 ? 
_cell.length_b                     48.972 
_cell.length_b_esd                 ? 
_cell.length_c                     82.204 
_cell.length_c_esd                 ? 
_cell.volume                       ? 
_cell.volume_esd                   ? 
_cell.Z_PDB                        12 
_cell.reciprocal_angle_alpha       ? 
_cell.reciprocal_angle_beta        ? 
_cell.reciprocal_angle_gamma       ? 
_cell.reciprocal_angle_alpha_esd   ? 
_cell.reciprocal_angle_beta_esd    ? 
_cell.reciprocal_angle_gamma_esd   ? 
_cell.reciprocal_length_a          ? 
_cell.reciprocal_length_b          ? 
_cell.reciprocal_length_c          ? 
_cell.reciprocal_length_a_esd      ? 
_cell.reciprocal_length_b_esd      ? 
_cell.reciprocal_length_c_esd      ? 
_cell.pdbx_unique_axis             ? 
# 
_symmetry.entry_id                         7KUP 
_symmetry.cell_setting                     ? 
_symmetry.Int_Tables_number                150 
_symmetry.space_group_name_Hall            ? 
_symmetry.space_group_name_H-M             'P 3 2 1' 
_symmetry.pdbx_full_space_group_name_H-M   ? 
# 
loop_
_entity.id 
_entity.type 
_entity.src_method 
_entity.pdbx_description 
_entity.formula_weight 
_entity.pdbx_number_of_molecules 
_entity.pdbx_ec 
_entity.pdbx_mutation 
_entity.pdbx_fragment 
_entity.details 
1 polymer     syn "5'-R((LCC)P*(LCC)P*(LCC)P*(LCG)P*AP*CP*UP*UP*AP*AP*GP*UP*CP*(OMG))-3'" 4446.850 2   ? ? ? ? 
2 non-polymer syn "DIGUANOSINE-5'-TRIPHOSPHATE"                                           788.406  2   ? ? ? ? 
3 non-polymer syn 'MAGNESIUM ION'                                                         24.305   8   ? ? ? ? 
4 water       nat water                                                                   18.015   148 ? ? ? ? 
# 
_entity_poly.entity_id                      1 
_entity_poly.type                           polyribonucleotide 
_entity_poly.nstd_linkage                   no 
_entity_poly.nstd_monomer                   yes 
_entity_poly.pdbx_seq_one_letter_code       '(LKC)(LCC)(LCC)(LCG)ACUUAAGUC(OMG)' 
_entity_poly.pdbx_seq_one_letter_code_can   NNNGACUUAAGUCG 
_entity_poly.pdbx_strand_id                 A,B 
_entity_poly.pdbx_target_identifier         ? 
# 
loop_
_entity_poly_seq.entity_id 
_entity_poly_seq.num 
_entity_poly_seq.mon_id 
_entity_poly_seq.hetero 
1 1  LKC n 
1 2  LCC n 
1 3  LCC n 
1 4  LCG n 
1 5  A   n 
1 6  C   n 
1 7  U   n 
1 8  U   n 
1 9  A   n 
1 10 A   n 
1 11 G   n 
1 12 U   n 
1 13 C   n 
1 14 OMG n 
# 
_pdbx_entity_src_syn.entity_id              1 
_pdbx_entity_src_syn.pdbx_src_id            1 
_pdbx_entity_src_syn.pdbx_alt_source_flag   sample 
_pdbx_entity_src_syn.pdbx_beg_seq_num       1 
_pdbx_entity_src_syn.pdbx_end_seq_num       14 
_pdbx_entity_src_syn.organism_scientific    'synthetic construct' 
_pdbx_entity_src_syn.organism_common_name   ? 
_pdbx_entity_src_syn.ncbi_taxonomy_id       32630 
_pdbx_entity_src_syn.details                ? 
# 
_struct_ref.id                         1 
_struct_ref.db_name                    PDB 
_struct_ref.db_code                    7KUP 
_struct_ref.pdbx_db_accession          7KUP 
_struct_ref.pdbx_db_isoform            ? 
_struct_ref.entity_id                  1 
_struct_ref.pdbx_seq_one_letter_code   ? 
_struct_ref.pdbx_align_begin           1 
# 
loop_
_struct_ref_seq.align_id 
_struct_ref_seq.ref_id 
_struct_ref_seq.pdbx_PDB_id_code 
_struct_ref_seq.pdbx_strand_id 
_struct_ref_seq.seq_align_beg 
_struct_ref_seq.pdbx_seq_align_beg_ins_code 
_struct_ref_seq.seq_align_end 
_struct_ref_seq.pdbx_seq_align_end_ins_code 
_struct_ref_seq.pdbx_db_accession 
_struct_ref_seq.db_align_beg 
_struct_ref_seq.pdbx_db_align_beg_ins_code 
_struct_ref_seq.db_align_end 
_struct_ref_seq.pdbx_db_align_end_ins_code 
_struct_ref_seq.pdbx_auth_seq_align_beg 
_struct_ref_seq.pdbx_auth_seq_align_end 
1 1 7KUP A 1 ? 14 ? 7KUP 1 ? 19 ? 1 19 
2 1 7KUP B 1 ? 14 ? 7KUP 1 ? 19 ? 1 19 
# 
loop_
_chem_comp.id 
_chem_comp.type 
_chem_comp.mon_nstd_flag 
_chem_comp.name 
_chem_comp.pdbx_synonyms 
_chem_comp.formula 
_chem_comp.formula_weight 
A   'RNA linking' y "ADENOSINE-5'-MONOPHOSPHATE" ? 'C10 H14 N5 O7 P'    347.221 
C   'RNA linking' y "CYTIDINE-5'-MONOPHOSPHATE" ? 'C9 H14 N3 O8 P'     323.197 
G   'RNA linking' y "GUANOSINE-5'-MONOPHOSPHATE" ? 'C10 H14 N5 O8 P'    363.221 
GP3 non-polymer   . "DIGUANOSINE-5'-TRIPHOSPHATE" ? 'C20 H27 N10 O18 P3' 788.406 
HOH non-polymer   . WATER ? 'H2 O'               18.015  
LCC 'RNA linking' . 
'[(1R,3R,4R,7S)-7-HYDROXY-3-(5-METHYLCYTOSIN-1-YL)-2,5-DIOXABICYCLO[2.2.1]HEPT-1-YL]METHYL DIHYDROGEN PHOSPHATE'     ? 
'C11 H16 N3 O8 P'    349.234 
LCG 'RNA linking' n '[(1R,3R,4R,7S)-7-HYDROXY-3-(GUANIN-9-YL)-2,5-DIOXABICYCLO[2.2.1]HEPT-1-YL]METHYL DIHYDROGEN PHOSPHATE' ? 
'C11 H14 N5 O8 P'    375.231 
LKC 'RNA linking' . 
'4-AMINO-1-[(1S,3R,4R,7S)-7-HYDROXY-1-(HYDROXYMETHYL)-2,5-DIOXABICYCLO[2.2.1]HEPT-3-YL]-5-METHYLPYRIMIDIN-2(1H)-ONE' ? 
'C11 H15 N3 O5'      269.254 
MG  non-polymer   . 'MAGNESIUM ION' ? 'Mg 2'               24.305  
OMG 'RNA linking' n "O2'-METHYLGUANOSINE-5'-MONOPHOSPHATE" ? 'C11 H16 N5 O8 P'    377.247 
U   'RNA linking' y "URIDINE-5'-MONOPHOSPHATE" ? 'C9 H13 N2 O9 P'     324.181 
# 
_exptl.absorpt_coefficient_mu     ? 
_exptl.absorpt_correction_T_max   ? 
_exptl.absorpt_correction_T_min   ? 
_exptl.absorpt_correction_type    ? 
_exptl.absorpt_process_details    ? 
_exptl.entry_id                   7KUP 
_exptl.crystals_number            1 
_exptl.details                    ? 
_exptl.method                     'X-RAY DIFFRACTION' 
_exptl.method_details             ? 
# 
_exptl_crystal.colour                      ? 
_exptl_crystal.density_diffrn              ? 
_exptl_crystal.density_Matthews            2.85 
_exptl_crystal.density_method              ? 
_exptl_crystal.density_percent_sol         56.80 
_exptl_crystal.description                 ? 
_exptl_crystal.F_000                       ? 
_exptl_crystal.id                          1 
_exptl_crystal.preparation                 ? 
_exptl_crystal.size_max                    ? 
_exptl_crystal.size_mid                    ? 
_exptl_crystal.size_min                    ? 
_exptl_crystal.size_rad                    ? 
_exptl_crystal.colour_lustre               ? 
_exptl_crystal.colour_modifier             ? 
_exptl_crystal.colour_primary              ? 
_exptl_crystal.density_meas                ? 
_exptl_crystal.density_meas_esd            ? 
_exptl_crystal.density_meas_gt             ? 
_exptl_crystal.density_meas_lt             ? 
_exptl_crystal.density_meas_temp           ? 
_exptl_crystal.density_meas_temp_esd       ? 
_exptl_crystal.density_meas_temp_gt        ? 
_exptl_crystal.density_meas_temp_lt        ? 
_exptl_crystal.pdbx_crystal_image_url      ? 
_exptl_crystal.pdbx_crystal_image_format   ? 
_exptl_crystal.pdbx_mosaicity              ? 
_exptl_crystal.pdbx_mosaicity_esd          ? 
# 
_exptl_crystal_grow.apparatus       ? 
_exptl_crystal_grow.atmosphere      ? 
_exptl_crystal_grow.crystal_id      1 
_exptl_crystal_grow.details         ? 
_exptl_crystal_grow.method          'VAPOR DIFFUSION, HANGING DROP' 
_exptl_crystal_grow.method_ref      ? 
_exptl_crystal_grow.pH              4.6 
_exptl_crystal_grow.pressure        ? 
_exptl_crystal_grow.pressure_esd    ? 
_exptl_crystal_grow.seeding         ? 
_exptl_crystal_grow.seeding_ref     ? 
_exptl_crystal_grow.temp            293 
_exptl_crystal_grow.temp_details    ? 
_exptl_crystal_grow.temp_esd        ? 
_exptl_crystal_grow.time            ? 
_exptl_crystal_grow.pdbx_details    '0.1 M Sodium acetate trihydrate pH 4.6, 2.0 M Sodium formate, 50 mM Magnesium chloride' 
_exptl_crystal_grow.pdbx_pH_range   ? 
# 
_diffrn.ambient_environment              ? 
_diffrn.ambient_temp                     99 
_diffrn.ambient_temp_details             ? 
_diffrn.ambient_temp_esd                 ? 
_diffrn.crystal_id                       1 
_diffrn.crystal_support                  ? 
_diffrn.crystal_treatment                ? 
_diffrn.details                          ? 
_diffrn.id                               1 
_diffrn.ambient_pressure                 ? 
_diffrn.ambient_pressure_esd             ? 
_diffrn.ambient_pressure_gt              ? 
_diffrn.ambient_pressure_lt              ? 
_diffrn.ambient_temp_gt                  ? 
_diffrn.ambient_temp_lt                  ? 
_diffrn.pdbx_serial_crystal_experiment   N 
# 
_diffrn_detector.details                      ? 
_diffrn_detector.detector                     PIXEL 
_diffrn_detector.diffrn_id                    1 
_diffrn_detector.type                         'DECTRIS PILATUS3 6M' 
_diffrn_detector.area_resol_mean              ? 
_diffrn_detector.dtime                        ? 
_diffrn_detector.pdbx_frames_total            ? 
_diffrn_detector.pdbx_collection_time_total   ? 
_diffrn_detector.pdbx_collection_date         2020-06-26 
_diffrn_detector.pdbx_frequency               ? 
# 
_diffrn_radiation.collimation                      ? 
_diffrn_radiation.diffrn_id                        1 
_diffrn_radiation.filter_edge                      ? 
_diffrn_radiation.inhomogeneity                    ? 
_diffrn_radiation.monochromator                    ? 
_diffrn_radiation.polarisn_norm                    ? 
_diffrn_radiation.polarisn_ratio                   ? 
_diffrn_radiation.probe                            ? 
_diffrn_radiation.type                             ? 
_diffrn_radiation.xray_symbol                      ? 
_diffrn_radiation.wavelength_id                    1 
_diffrn_radiation.pdbx_monochromatic_or_laue_m_l   M 
_diffrn_radiation.pdbx_wavelength_list             ? 
_diffrn_radiation.pdbx_wavelength                  ? 
_diffrn_radiation.pdbx_diffrn_protocol             'SINGLE WAVELENGTH' 
_diffrn_radiation.pdbx_analyzer                    ? 
_diffrn_radiation.pdbx_scattering_type             x-ray 
# 
_diffrn_radiation_wavelength.id           1 
_diffrn_radiation_wavelength.wavelength   0.977408 
_diffrn_radiation_wavelength.wt           1.0 
# 
_diffrn_source.current                     ? 
_diffrn_source.details                     ? 
_diffrn_source.diffrn_id                   1 
_diffrn_source.power                       ? 
_diffrn_source.size                        ? 
_diffrn_source.source                      SYNCHROTRON 
_diffrn_source.target                      ? 
_diffrn_source.type                        'ALS BEAMLINE 5.0.1' 
_diffrn_source.voltage                     ? 
_diffrn_source.take-off_angle              ? 
_diffrn_source.pdbx_wavelength_list        0.977408 
_diffrn_source.pdbx_wavelength             ? 
_diffrn_source.pdbx_synchrotron_beamline   5.0.1 
_diffrn_source.pdbx_synchrotron_site       ALS 
# 
_reflns.B_iso_Wilson_estimate            ? 
_reflns.entry_id                         7KUP 
_reflns.data_reduction_details           ? 
_reflns.data_reduction_method            ? 
_reflns.d_resolution_high                1.44 
_reflns.d_resolution_low                 50 
_reflns.details                          ? 
_reflns.limit_h_max                      ? 
_reflns.limit_h_min                      ? 
_reflns.limit_k_max                      ? 
_reflns.limit_k_min                      ? 
_reflns.limit_l_max                      ? 
_reflns.limit_l_min                      ? 
_reflns.number_all                       ? 
_reflns.number_obs                       21287 
_reflns.observed_criterion               ? 
_reflns.observed_criterion_F_max         ? 
_reflns.observed_criterion_F_min         ? 
_reflns.observed_criterion_I_max         ? 
_reflns.observed_criterion_I_min         ? 
_reflns.observed_criterion_sigma_F       ? 
_reflns.observed_criterion_sigma_I       ? 
_reflns.percent_possible_obs             99.9 
_reflns.R_free_details                   ? 
_reflns.Rmerge_F_all                     ? 
_reflns.Rmerge_F_obs                     ? 
_reflns.Friedel_coverage                 ? 
_reflns.number_gt                        ? 
_reflns.threshold_expression             ? 
_reflns.pdbx_redundancy                  18.7 
_reflns.pdbx_Rmerge_I_obs                0.085 
_reflns.pdbx_Rmerge_I_all                ? 
_reflns.pdbx_Rsym_value                  ? 
_reflns.pdbx_netI_over_av_sigmaI         ? 
_reflns.pdbx_netI_over_sigmaI            26.1 
_reflns.pdbx_res_netI_over_av_sigmaI_2   ? 
_reflns.pdbx_res_netI_over_sigmaI_2      ? 
_reflns.pdbx_chi_squared                 0.976 
_reflns.pdbx_scaling_rejects             ? 
_reflns.pdbx_d_res_high_opt              ? 
_reflns.pdbx_d_res_low_opt               ? 
_reflns.pdbx_d_res_opt_method            ? 
_reflns.phase_calculation_details        ? 
_reflns.pdbx_Rrim_I_all                  0.087 
_reflns.pdbx_Rpim_I_all                  0.020 
_reflns.pdbx_d_opt                       ? 
_reflns.pdbx_number_measured_all         ? 
_reflns.pdbx_diffrn_id                   1 
_reflns.pdbx_ordinal                     1 
_reflns.pdbx_CC_half                     0.988 
_reflns.pdbx_CC_star                     0.997 
_reflns.pdbx_R_split                     ? 
# 
_reflns_shell.d_res_high                  1.44 
_reflns_shell.d_res_low                   1.46 
_reflns_shell.meanI_over_sigI_all         ? 
_reflns_shell.meanI_over_sigI_obs         5.1 
_reflns_shell.number_measured_all         ? 
_reflns_shell.number_measured_obs         ? 
_reflns_shell.number_possible             ? 
_reflns_shell.number_unique_all           ? 
_reflns_shell.number_unique_obs           1017 
_reflns_shell.percent_possible_all        99.9 
_reflns_shell.percent_possible_obs        ? 
_reflns_shell.Rmerge_F_all                ? 
_reflns_shell.Rmerge_F_obs                ? 
_reflns_shell.Rmerge_I_all                ? 
_reflns_shell.Rmerge_I_obs                0.497 
_reflns_shell.meanI_over_sigI_gt          ? 
_reflns_shell.meanI_over_uI_all           ? 
_reflns_shell.meanI_over_uI_gt            ? 
_reflns_shell.number_measured_gt          ? 
_reflns_shell.number_unique_gt            ? 
_reflns_shell.percent_possible_gt         ? 
_reflns_shell.Rmerge_F_gt                 ? 
_reflns_shell.Rmerge_I_gt                 ? 
_reflns_shell.pdbx_redundancy             15.8 
_reflns_shell.pdbx_Rsym_value             ? 
_reflns_shell.pdbx_chi_squared            0.916 
_reflns_shell.pdbx_netI_over_sigmaI_all   ? 
_reflns_shell.pdbx_netI_over_sigmaI_obs   ? 
_reflns_shell.pdbx_Rrim_I_all             0.512 
_reflns_shell.pdbx_Rpim_I_all             0.122 
_reflns_shell.pdbx_rejects                ? 
_reflns_shell.pdbx_ordinal                1 
_reflns_shell.pdbx_diffrn_id              1 
_reflns_shell.pdbx_CC_half                0.985 
_reflns_shell.pdbx_CC_star                0.996 
_reflns_shell.pdbx_R_split                ? 
# 
_refine.aniso_B[1][1]                            0.001 
_refine.aniso_B[1][2]                            0.001 
_refine.aniso_B[1][3]                            0.000 
_refine.aniso_B[2][2]                            0.001 
_refine.aniso_B[2][3]                            -0.000 
_refine.aniso_B[3][3]                            -0.005 
_refine.B_iso_max                                ? 
_refine.B_iso_mean                               15.913 
_refine.B_iso_min                                ? 
_refine.correlation_coeff_Fo_to_Fc               0.954 
_refine.correlation_coeff_Fo_to_Fc_free          0.953 
_refine.details                                  'Hydrogens have been added in their riding positions' 
_refine.diff_density_max                         ? 
_refine.diff_density_max_esd                     ? 
_refine.diff_density_min                         ? 
_refine.diff_density_min_esd                     ? 
_refine.diff_density_rms                         ? 
_refine.diff_density_rms_esd                     ? 
_refine.entry_id                                 7KUP 
_refine.pdbx_refine_id                           'X-RAY DIFFRACTION' 
_refine.ls_abs_structure_details                 ? 
_refine.ls_abs_structure_Flack                   ? 
_refine.ls_abs_structure_Flack_esd               ? 
_refine.ls_abs_structure_Rogers                  ? 
_refine.ls_abs_structure_Rogers_esd              ? 
_refine.ls_d_res_high                            1.440 
_refine.ls_d_res_low                             50 
_refine.ls_extinction_coef                       ? 
_refine.ls_extinction_coef_esd                   ? 
_refine.ls_extinction_expression                 ? 
_refine.ls_extinction_method                     ? 
_refine.ls_goodness_of_fit_all                   ? 
_refine.ls_goodness_of_fit_all_esd               ? 
_refine.ls_goodness_of_fit_obs                   ? 
_refine.ls_goodness_of_fit_obs_esd               ? 
_refine.ls_hydrogen_treatment                    ? 
_refine.ls_matrix_type                           ? 
_refine.ls_number_constraints                    ? 
_refine.ls_number_parameters                     ? 
_refine.ls_number_reflns_all                     ? 
_refine.ls_number_reflns_obs                     18611 
_refine.ls_number_reflns_R_free                  889 
_refine.ls_number_reflns_R_work                  17722 
_refine.ls_number_restraints                     ? 
_refine.ls_percent_reflns_obs                    87.413 
_refine.ls_percent_reflns_R_free                 4.777 
_refine.ls_R_factor_all                          0.200 
_refine.ls_R_factor_obs                          ? 
_refine.ls_R_factor_R_free                       0.2182 
_refine.ls_R_factor_R_free_error                 ? 
_refine.ls_R_factor_R_free_error_details         ? 
_refine.ls_R_factor_R_work                       0.1986 
_refine.ls_R_Fsqd_factor_obs                     ? 
_refine.ls_R_I_factor_obs                        ? 
_refine.ls_redundancy_reflns_all                 ? 
_refine.ls_redundancy_reflns_obs                 ? 
_refine.ls_restrained_S_all                      ? 
_refine.ls_restrained_S_obs                      ? 
_refine.ls_shift_over_esd_max                    ? 
_refine.ls_shift_over_esd_mean                   ? 
_refine.ls_structure_factor_coef                 ? 
_refine.ls_weighting_details                     ? 
_refine.ls_weighting_scheme                      ? 
_refine.ls_wR_factor_all                         ? 
_refine.ls_wR_factor_obs                         ? 
_refine.ls_wR_factor_R_free                      ? 
_refine.ls_wR_factor_R_work                      ? 
_refine.occupancy_max                            ? 
_refine.occupancy_min                            ? 
_refine.solvent_model_details                    'MASK BULK SOLVENT' 
_refine.solvent_model_param_bsol                 ? 
_refine.solvent_model_param_ksol                 ? 
_refine.pdbx_R_complete                          ? 
_refine.ls_R_factor_gt                           ? 
_refine.ls_goodness_of_fit_gt                    ? 
_refine.ls_goodness_of_fit_ref                   ? 
_refine.ls_shift_over_su_max                     ? 
_refine.ls_shift_over_su_max_lt                  ? 
_refine.ls_shift_over_su_mean                    ? 
_refine.ls_shift_over_su_mean_lt                 ? 
_refine.pdbx_ls_sigma_I                          ? 
_refine.pdbx_ls_sigma_F                          ? 
_refine.pdbx_ls_sigma_Fsqd                       ? 
_refine.pdbx_data_cutoff_high_absF               ? 
_refine.pdbx_data_cutoff_high_rms_absF           ? 
_refine.pdbx_data_cutoff_low_absF                ? 
_refine.pdbx_isotropic_thermal_model             ? 
_refine.pdbx_ls_cross_valid_method               THROUGHOUT 
_refine.pdbx_method_to_determine_struct          'MOLECULAR REPLACEMENT' 
_refine.pdbx_starting_model                      5UEE 
_refine.pdbx_stereochemistry_target_values       ? 
_refine.pdbx_R_Free_selection_details            ? 
_refine.pdbx_stereochem_target_val_spec_case     ? 
_refine.pdbx_overall_ESU_R                       0.075 
_refine.pdbx_overall_ESU_R_Free                  0.074 
_refine.pdbx_solvent_vdw_probe_radii             1.200 
_refine.pdbx_solvent_ion_probe_radii             0.800 
_refine.pdbx_solvent_shrinkage_radii             0.800 
_refine.pdbx_real_space_R                        ? 
_refine.pdbx_density_correlation                 ? 
_refine.pdbx_pd_number_of_powder_patterns        ? 
_refine.pdbx_pd_number_of_points                 ? 
_refine.pdbx_pd_meas_number_of_points            ? 
_refine.pdbx_pd_proc_ls_prof_R_factor            ? 
_refine.pdbx_pd_proc_ls_prof_wR_factor           ? 
_refine.pdbx_pd_Marquardt_correlation_coeff      ? 
_refine.pdbx_pd_Fsqrd_R_factor                   ? 
_refine.pdbx_pd_ls_matrix_band_width             ? 
_refine.pdbx_overall_phase_error                 ? 
_refine.pdbx_overall_SU_R_free_Cruickshank_DPI   ? 
_refine.pdbx_overall_SU_R_free_Blow_DPI          ? 
_refine.pdbx_overall_SU_R_Blow_DPI               ? 
_refine.pdbx_TLS_residual_ADP_flag               ? 
_refine.pdbx_diffrn_id                           1 
_refine.overall_SU_B                             0.986 
_refine.overall_SU_ML                            0.040 
_refine.overall_SU_R_Cruickshank_DPI             ? 
_refine.overall_SU_R_free                        ? 
_refine.overall_FOM_free_R_set                   ? 
_refine.overall_FOM_work_R_set                   ? 
_refine.pdbx_average_fsc_overall                 ? 
_refine.pdbx_average_fsc_work                    ? 
_refine.pdbx_average_fsc_free                    ? 
# 
_refine_hist.pdbx_refine_id                   'X-RAY DIFFRACTION' 
_refine_hist.cycle_id                         LAST 
_refine_hist.pdbx_number_atoms_protein        0 
_refine_hist.pdbx_number_atoms_nucleic_acid   378 
_refine_hist.pdbx_number_atoms_ligand         332 
_refine_hist.number_atoms_solvent             148 
_refine_hist.number_atoms_total               858 
_refine_hist.d_res_high                       1.440 
_refine_hist.d_res_low                        50 
# 
loop_
_refine_ls_restr.pdbx_refine_id 
_refine_ls_restr.criterion 
_refine_ls_restr.dev_ideal 
_refine_ls_restr.dev_ideal_target 
_refine_ls_restr.number 
_refine_ls_restr.rejects 
_refine_ls_restr.type 
_refine_ls_restr.weight 
_refine_ls_restr.pdbx_restraint_function 
'X-RAY DIFFRACTION' ? 0.028 0.018  794  ? r_bond_refined_d               ? ? 
'X-RAY DIFFRACTION' ? 0.031 0.025  356  ? r_bond_other_d                 ? ? 
'X-RAY DIFFRACTION' ? 3.208 2.140  1198 ? r_angle_refined_deg            ? ? 
'X-RAY DIFFRACTION' ? 3.620 3.213  834  ? r_angle_other_deg              ? ? 
'X-RAY DIFFRACTION' ? 0.138 0.200  142  ? r_chiral_restr                 ? ? 
'X-RAY DIFFRACTION' ? 1.723 0.200  24   ? r_chiral_restr_other           ? ? 
'X-RAY DIFFRACTION' ? 0.023 0.021  400  ? r_gen_planes_refined           ? ? 
'X-RAY DIFFRACTION' ? 0.002 0.023  148  ? r_gen_planes_other             ? ? 
'X-RAY DIFFRACTION' ? 0.087 0.200  83   ? r_nbd_refined                  ? ? 
'X-RAY DIFFRACTION' ? 0.206 0.200  518  ? r_symmetry_nbd_other           ? ? 
'X-RAY DIFFRACTION' ? 0.247 0.200  314  ? r_nbtor_refined                ? ? 
'X-RAY DIFFRACTION' ? 0.286 0.200  172  ? r_symmetry_nbtor_other         ? ? 
'X-RAY DIFFRACTION' ? 0.221 0.200  117  ? r_xyhbond_nbd_refined          ? ? 
'X-RAY DIFFRACTION' ? 0.119 0.200  11   ? r_symmetry_nbd_refined         ? ? 
'X-RAY DIFFRACTION' ? 0.171 0.200  38   ? r_nbd_other                    ? ? 
'X-RAY DIFFRACTION' ? 0.303 0.200  24   ? r_symmetry_xyhbond_nbd_refined ? ? 
'X-RAY DIFFRACTION' ? 2.182 1.560  792  ? r_scbond_it                    ? ? 
'X-RAY DIFFRACTION' ? 2.181 1.559  793  ? r_scbond_other                 ? ? 
'X-RAY DIFFRACTION' ? 3.038 2.367  1198 ? r_scangle_it                   ? ? 
'X-RAY DIFFRACTION' ? 3.038 2.367  1199 ? r_scangle_other                ? ? 
'X-RAY DIFFRACTION' ? 4.568 15.292 1156 ? r_lrange_it                    ? ? 
'X-RAY DIFFRACTION' ? 4.209 14.514 1110 ? r_lrange_other                 ? ? 
# 
loop_
_refine_ls_shell.pdbx_refine_id 
_refine_ls_shell.d_res_high 
_refine_ls_shell.d_res_low 
_refine_ls_shell.number_reflns_all 
_refine_ls_shell.number_reflns_obs 
_refine_ls_shell.number_reflns_R_free 
_refine_ls_shell.number_reflns_R_work 
_refine_ls_shell.percent_reflns_obs 
_refine_ls_shell.percent_reflns_R_free 
_refine_ls_shell.R_factor_all 
_refine_ls_shell.R_factor_obs 
_refine_ls_shell.R_factor_R_free 
_refine_ls_shell.R_factor_R_free_error 
_refine_ls_shell.R_factor_R_work 
_refine_ls_shell.redundancy_reflns_all 
_refine_ls_shell.redundancy_reflns_obs 
_refine_ls_shell.wR_factor_all 
_refine_ls_shell.wR_factor_obs 
_refine_ls_shell.wR_factor_R_free 
_refine_ls_shell.wR_factor_R_work 
_refine_ls_shell.pdbx_R_complete 
_refine_ls_shell.pdbx_total_number_of_bins_used 
_refine_ls_shell.pdbx_phase_error 
_refine_ls_shell.pdbx_fsc_work 
_refine_ls_shell.pdbx_fsc_free 
'X-RAY DIFFRACTION' 1.440 1.477 . . 30 599  40.8973  . . . 0.248 . 0.185 . . . . . . . . . . . 
'X-RAY DIFFRACTION' 1.477 1.518 . . 34 680  47.2535  . . . 0.195 . 0.183 . . . . . . . . . . . 
'X-RAY DIFFRACTION' 1.518 1.562 . . 23 799  56.6897  . . . 0.246 . 0.221 . . . . . . . . . . . 
'X-RAY DIFFRACTION' 1.562 1.610 . . 51 1066 79.0517  . . . 0.295 . 0.250 . . . . . . . . . . . 
'X-RAY DIFFRACTION' 1.610 1.663 . . 72 1310 98.2232  . . . 0.263 . 0.197 . . . . . . . . . . . 
'X-RAY DIFFRACTION' 1.663 1.721 . . 47 1274 99.7734  . . . 0.255 . 0.205 . . . . . . . . . . . 
'X-RAY DIFFRACTION' 1.721 1.786 . . 58 1250 100.0000 . . . 0.226 . 0.192 . . . . . . . . . . . 
'X-RAY DIFFRACTION' 1.786 1.859 . . 69 1161 99.7567  . . . 0.180 . .     . . . . . . . . . . . 
'X-RAY DIFFRACTION' 1.859 1.942 . . 73 1146 100.0000 . . . 0.235 . 0.209 . . . . . . . . . . . 
'X-RAY DIFFRACTION' 1.942 2.036 . . 54 1097 100.0000 . . . 0.222 . .     . . . . . . . . . . . 
'X-RAY DIFFRACTION' 2.036 2.146 . . 67 1017 100.0000 . . . 0.294 . 0.205 . . . . . . . . . . . 
'X-RAY DIFFRACTION' 2.146 2.276 . . 58 998  100.0000 . . . 0.223 . .     . . . . . . . . . . . 
'X-RAY DIFFRACTION' 2.276 2.433 . . 45 946  100.0000 . . . 0.225 . 0.188 . . . . . . . . . . . 
'X-RAY DIFFRACTION' 2.433 2.628 . . 41 865  100.0000 . . . 0.332 . 0.206 . . . . . . . . . . . 
'X-RAY DIFFRACTION' 2.628 2.879 . . 30 832  99.8841  . . . 0.369 . 0.228 . . . . . . . . . . . 
'X-RAY DIFFRACTION' 2.879 3.218 . . 19 743  99.4778  . . . 0.193 . 0.186 . . . . . . . . . . . 
'X-RAY DIFFRACTION' 3.218 3.715 . . 45 650  99.2857  . . . 0.162 . .     . . . . . . . . . . . 
'X-RAY DIFFRACTION' 3.715 4.548 . . 28 566  99.0000  . . . 0.134 . 0.148 . . . . . . . . . . . 
'X-RAY DIFFRACTION' 4.548 6.422 . . 32 442  100.0000 . . . 0.159 . .     . . . . . . . . . . . 
'X-RAY DIFFRACTION' 6.422 50    . . 13 281  98.9899  . . . 0.175 . .     . . . . . . . . . . . 
# 
_struct.entry_id                     7KUP 
_struct.title                        
;2'-OMe modification at 3' end of RNA primer complex with guanosine dinucleotide ligand G(5')ppp(5')G
;
_struct.pdbx_model_details           ? 
_struct.pdbx_formula_weight          ? 
_struct.pdbx_formula_weight_method   ? 
_struct.pdbx_model_type_details      ? 
_struct.pdbx_CASP_flag               N 
# 
_struct_keywords.entry_id        7KUP 
_struct_keywords.text            'RNA, nonenzymatic RNA extension' 
_struct_keywords.pdbx_keywords   RNA 
# 
loop_
_struct_asym.id 
_struct_asym.pdbx_blank_PDB_chainid_flag 
_struct_asym.pdbx_modified 
_struct_asym.entity_id 
_struct_asym.details 
A N N 1 ? 
B N N 1 ? 
C N N 2 ? 
D N N 3 ? 
E N N 3 ? 
F N N 3 ? 
G N N 3 ? 
H N N 2 ? 
I N N 3 ? 
J N N 3 ? 
K N N 3 ? 
L N N 3 ? 
M N N 4 ? 
N N N 4 ? 
# 
loop_
_struct_conn.id 
_struct_conn.conn_type_id 
_struct_conn.pdbx_leaving_atom_flag 
_struct_conn.pdbx_PDB_id 
_struct_conn.ptnr1_label_asym_id 
_struct_conn.ptnr1_label_comp_id 
_struct_conn.ptnr1_label_seq_id 
_struct_conn.ptnr1_label_atom_id 
_struct_conn.pdbx_ptnr1_label_alt_id 
_struct_conn.pdbx_ptnr1_PDB_ins_code 
_struct_conn.pdbx_ptnr1_standard_comp_id 
_struct_conn.ptnr1_symmetry 
_struct_conn.ptnr2_label_asym_id 
_struct_conn.ptnr2_label_comp_id 
_struct_conn.ptnr2_label_seq_id 
_struct_conn.ptnr2_label_atom_id 
_struct_conn.pdbx_ptnr2_label_alt_id 
_struct_conn.pdbx_ptnr2_PDB_ins_code 
_struct_conn.ptnr1_auth_asym_id 
_struct_conn.ptnr1_auth_comp_id 
_struct_conn.ptnr1_auth_seq_id 
_struct_conn.ptnr2_auth_asym_id 
_struct_conn.ptnr2_auth_comp_id 
_struct_conn.ptnr2_auth_seq_id 
_struct_conn.ptnr2_symmetry 
_struct_conn.pdbx_ptnr3_label_atom_id 
_struct_conn.pdbx_ptnr3_label_seq_id 
_struct_conn.pdbx_ptnr3_label_comp_id 
_struct_conn.pdbx_ptnr3_label_asym_id 
_struct_conn.pdbx_ptnr3_label_alt_id 
_struct_conn.pdbx_ptnr3_PDB_ins_code 
_struct_conn.details 
_struct_conn.pdbx_dist_value 
_struct_conn.pdbx_value_order 
_struct_conn.pdbx_role 
covale1  covale both ? A LKC 1  "O3'" ? ? ? 1_555 A LCC 2  P   ? ? A LKC 1   A LCC 2   1_555 ? ? ? ? ? ? ?            1.608 ? ? 
covale2  covale both ? A LCC 2  "O3'" ? ? ? 1_555 A LCC 3  P   ? ? A LCC 2   A LCC 3   1_555 ? ? ? ? ? ? ?            1.572 ? ? 
covale3  covale both ? A LCC 3  "O3'" ? ? ? 1_555 A LCG 4  P   ? ? A LCC 3   A LCG 4   1_555 ? ? ? ? ? ? ?            1.613 ? ? 
covale4  covale both ? A LCG 4  "O3'" ? ? ? 1_555 A A   5  P   ? ? A LCG 4   A A   9   1_555 ? ? ? ? ? ? ?            1.576 ? ? 
covale5  covale both ? A C   13 "O3'" ? ? ? 1_555 A OMG 14 P   ? ? A C   17  A OMG 19  1_555 ? ? ? ? ? ? ?            1.555 ? ? 
covale6  covale both ? B LKC 1  "O3'" ? ? ? 1_555 B LCC 2  P   ? ? B LKC 1   B LCC 2   1_555 ? ? ? ? ? ? ?            1.618 ? ? 
covale7  covale both ? B LCC 2  "O3'" ? ? ? 1_555 B LCC 3  P   ? ? B LCC 2   B LCC 3   1_555 ? ? ? ? ? ? ?            1.579 ? ? 
covale8  covale both ? B LCC 3  "O3'" ? ? ? 1_555 B LCG 4  P   ? ? B LCC 3   B LCG 4   1_555 ? ? ? ? ? ? ?            1.615 ? ? 
covale9  covale both ? B LCG 4  "O3'" ? ? ? 1_555 B A   5  P   ? ? B LCG 4   B A   9   1_555 ? ? ? ? ? ? ?            1.578 ? ? 
covale10 covale both ? B C   13 "O3'" ? ? ? 1_555 B OMG 14 P   ? ? B C   17  B OMG 19  1_555 ? ? ? ? ? ? ?            1.555 ? ? 
metalc1  metalc ?    ? C GP3 .  O3D   ? ? ? 1_555 I MG  .  MG  ? ? A GP3 101 B MG  102 1_555 ? ? ? ? ? ? ?            2.067 ? ? 
metalc2  metalc ?    ? C GP3 .  O2D   ? ? ? 1_555 I MG  .  MG  ? ? A GP3 101 B MG  102 1_555 ? ? ? ? ? ? ?            2.117 ? ? 
metalc3  metalc ?    ? C GP3 .  O3D   ? ? ? 1_555 I MG  .  MG  ? ? A GP3 101 B MG  102 2_785 ? ? ? ? ? ? ?            2.400 ? ? 
metalc4  metalc ?    ? C GP3 .  O2D   ? ? ? 1_555 I MG  .  MG  ? ? A GP3 101 B MG  102 3_475 ? ? ? ? ? ? ?            2.506 ? ? 
metalc5  metalc ?    ? C GP3 .  O2A   ? ? ? 1_555 K MG  .  MG  ? ? A GP3 101 B MG  104 1_555 ? ? ? ? ? ? ?            1.968 ? ? 
metalc6  metalc ?    ? C GP3 .  O2G   ? ? ? 1_555 K MG  .  MG  ? ? A GP3 101 B MG  104 1_555 ? ? ? ? ? ? ?            1.948 ? ? 
metalc7  metalc ?    ? D MG  .  MG    ? ? ? 1_555 H GP3 .  O3D ? ? A MG  102 B GP3 101 1_555 ? ? ? ? ? ? ?            2.062 ? ? 
metalc8  metalc ?    ? D MG  .  MG    ? ? ? 1_555 H GP3 .  O2D ? ? A MG  102 B GP3 101 1_555 ? ? ? ? ? ? ?            2.118 ? ? 
metalc9  metalc ?    ? D MG  .  MG    ? ? ? 1_555 H GP3 .  O3D ? ? A MG  102 B GP3 101 2_785 ? ? ? ? ? ? ?            2.412 ? ? 
metalc10 metalc ?    ? D MG  .  MG    ? ? ? 1_555 H GP3 .  O2D ? ? A MG  102 B GP3 101 3_475 ? ? ? ? ? ? ?            2.493 ? ? 
metalc11 metalc ?    ? E MG  .  MG    ? ? ? 1_555 M HOH .  O   ? ? A MG  103 A HOH 212 1_555 ? ? ? ? ? ? ?            2.054 ? ? 
metalc12 metalc ?    ? E MG  .  MG    ? ? ? 1_555 M HOH .  O   ? ? A MG  103 A HOH 221 1_555 ? ? ? ? ? ? ?            2.144 ? ? 
metalc13 metalc ?    ? E MG  .  MG    ? ? ? 1_555 M HOH .  O   ? ? A MG  103 A HOH 235 1_555 ? ? ? ? ? ? ?            2.110 ? ? 
metalc14 metalc ?    ? E MG  .  MG    ? ? ? 1_555 N HOH .  O   ? ? A MG  103 B HOH 238 1_555 ? ? ? ? ? ? ?            2.145 ? ? 
metalc15 metalc ?    ? E MG  .  MG    ? ? ? 1_555 N HOH .  O   ? ? A MG  103 B HOH 240 1_555 ? ? ? ? ? ? ?            2.053 ? ? 
metalc16 metalc ?    ? E MG  .  MG    ? ? ? 1_555 N HOH .  O   ? ? A MG  103 B HOH 269 1_555 ? ? ? ? ? ? ?            2.124 ? ? 
metalc17 metalc ?    ? F MG  .  MG    ? ? ? 1_555 H GP3 .  O2A ? ? A MG  104 B GP3 101 1_555 ? ? ? ? ? ? ?            1.966 ? ? 
metalc18 metalc ?    ? F MG  .  MG    ? ? ? 1_555 H GP3 .  O2G ? ? A MG  104 B GP3 101 1_555 ? ? ? ? ? ? ?            1.944 ? ? 
metalc19 metalc ?    ? F MG  .  MG    ? ? ? 1_555 N HOH .  O   ? ? A MG  104 B HOH 201 1_555 ? ? ? ? ? ? ?            2.409 ? ? 
metalc20 metalc ?    ? F MG  .  MG    ? ? ? 1_555 N HOH .  O   ? ? A MG  104 B HOH 202 1_555 ? ? ? ? ? ? ?            2.490 ? ? 
metalc21 metalc ?    ? M HOH .  O     ? ? ? 1_555 K MG  .  MG  ? ? A HOH 201 B MG  104 1_555 ? ? ? ? ? ? ?            2.428 ? ? 
metalc22 metalc ?    ? M HOH .  O     ? ? ? 2_785 K MG  .  MG  ? ? A HOH 202 B MG  104 1_555 ? ? ? ? ? ? ?            2.480 ? ? 
metalc23 metalc ?    ? M HOH .  O     ? ? ? 1_555 J MG  .  MG  ? ? A HOH 237 B MG  103 1_555 ? ? ? ? ? ? ?            2.149 ? ? 
metalc24 metalc ?    ? M HOH .  O     ? ? ? 1_555 J MG  .  MG  ? ? A HOH 241 B MG  103 1_555 ? ? ? ? ? ? ?            2.042 ? ? 
metalc25 metalc ?    ? M HOH .  O     ? ? ? 1_555 L MG  .  MG  ? ? A HOH 261 B MG  105 1_555 ? ? ? ? ? ? ?            2.680 ? ? 
metalc26 metalc ?    ? M HOH .  O     ? ? ? 3_475 L MG  .  MG  ? ? A HOH 261 B MG  105 1_555 ? ? ? ? ? ? ?            2.680 ? ? 
metalc27 metalc ?    ? M HOH .  O     ? ? ? 1_555 J MG  .  MG  ? ? A HOH 267 B MG  103 1_555 ? ? ? ? ? ? ?            2.093 ? ? 
metalc28 metalc ?    ? J MG  .  MG    ? ? ? 1_555 N HOH .  O   ? ? B MG  103 B HOH 215 1_555 ? ? ? ? ? ? ?            2.054 ? ? 
metalc29 metalc ?    ? J MG  .  MG    ? ? ? 1_555 N HOH .  O   ? ? B MG  103 B HOH 223 1_555 ? ? ? ? ? ? ?            2.154 ? ? 
metalc30 metalc ?    ? J MG  .  MG    ? ? ? 1_555 N HOH .  O   ? ? B MG  103 B HOH 236 1_555 ? ? ? ? ? ? ?            2.092 ? ? 
hydrog1  hydrog ?    ? A LCG 4  N1    ? ? ? 1_555 B C   13 N3  ? ? A LCG 4   B C   17  1_555 ? ? ? ? ? ? WATSON-CRICK ?     ? ? 
hydrog2  hydrog ?    ? A LCG 4  N2    ? ? ? 1_555 B C   13 O2  ? ? A LCG 4   B C   17  1_555 ? ? ? ? ? ? WATSON-CRICK ?     ? ? 
hydrog3  hydrog ?    ? A LCG 4  O6    ? ? ? 1_555 B C   13 N4  ? ? A LCG 4   B C   17  1_555 ? ? ? ? ? ? WATSON-CRICK ?     ? ? 
hydrog4  hydrog ?    ? A A   5  N1    ? ? ? 1_555 B U   12 N3  ? ? A A   9   B U   16  1_555 ? ? ? ? ? ? WATSON-CRICK ?     ? ? 
hydrog5  hydrog ?    ? A A   5  N6    ? ? ? 1_555 B U   12 O4  ? ? A A   9   B U   16  1_555 ? ? ? ? ? ? WATSON-CRICK ?     ? ? 
hydrog6  hydrog ?    ? A C   6  N3    ? ? ? 1_555 B G   11 N1  ? ? A C   10  B G   15  1_555 ? ? ? ? ? ? WATSON-CRICK ?     ? ? 
hydrog7  hydrog ?    ? A C   6  N4    ? ? ? 1_555 B G   11 O6  ? ? A C   10  B G   15  1_555 ? ? ? ? ? ? WATSON-CRICK ?     ? ? 
hydrog8  hydrog ?    ? A C   6  O2    ? ? ? 1_555 B G   11 N2  ? ? A C   10  B G   15  1_555 ? ? ? ? ? ? WATSON-CRICK ?     ? ? 
hydrog9  hydrog ?    ? A U   7  N3    ? ? ? 1_555 B A   10 N1  ? ? A U   11  B A   14  1_555 ? ? ? ? ? ? WATSON-CRICK ?     ? ? 
hydrog10 hydrog ?    ? A U   7  O4    ? ? ? 1_555 B A   10 N6  ? ? A U   11  B A   14  1_555 ? ? ? ? ? ? WATSON-CRICK ?     ? ? 
hydrog11 hydrog ?    ? A U   8  N3    ? ? ? 1_555 B A   9  N1  ? ? A U   12  B A   13  1_555 ? ? ? ? ? ? WATSON-CRICK ?     ? ? 
hydrog12 hydrog ?    ? A U   8  O4    ? ? ? 1_555 B A   9  N6  ? ? A U   12  B A   13  1_555 ? ? ? ? ? ? WATSON-CRICK ?     ? ? 
hydrog13 hydrog ?    ? A A   9  N1    ? ? ? 1_555 B U   8  N3  ? ? A A   13  B U   12  1_555 ? ? ? ? ? ? WATSON-CRICK ?     ? ? 
hydrog14 hydrog ?    ? A A   9  N6    ? ? ? 1_555 B U   8  O4  ? ? A A   13  B U   12  1_555 ? ? ? ? ? ? WATSON-CRICK ?     ? ? 
hydrog15 hydrog ?    ? A A   10 N1    ? ? ? 1_555 B U   7  N3  ? ? A A   14  B U   11  1_555 ? ? ? ? ? ? WATSON-CRICK ?     ? ? 
hydrog16 hydrog ?    ? A A   10 N6    ? ? ? 1_555 B U   7  O4  ? ? A A   14  B U   11  1_555 ? ? ? ? ? ? WATSON-CRICK ?     ? ? 
hydrog17 hydrog ?    ? A G   11 N1    ? ? ? 1_555 B C   6  N3  ? ? A G   15  B C   10  1_555 ? ? ? ? ? ? WATSON-CRICK ?     ? ? 
hydrog18 hydrog ?    ? A G   11 N2    ? ? ? 1_555 B C   6  O2  ? ? A G   15  B C   10  1_555 ? ? ? ? ? ? WATSON-CRICK ?     ? ? 
hydrog19 hydrog ?    ? A G   11 O6    ? ? ? 1_555 B C   6  N4  ? ? A G   15  B C   10  1_555 ? ? ? ? ? ? WATSON-CRICK ?     ? ? 
hydrog20 hydrog ?    ? A U   12 N3    ? ? ? 1_555 B A   5  N1  ? ? A U   16  B A   9   1_555 ? ? ? ? ? ? WATSON-CRICK ?     ? ? 
hydrog21 hydrog ?    ? A U   12 O4    ? ? ? 1_555 B A   5  N6  ? ? A U   16  B A   9   1_555 ? ? ? ? ? ? WATSON-CRICK ?     ? ? 
hydrog22 hydrog ?    ? A C   13 N3    ? ? ? 1_555 B LCG 4  N1  ? ? A C   17  B LCG 4   1_555 ? ? ? ? ? ? WATSON-CRICK ?     ? ? 
hydrog23 hydrog ?    ? A C   13 N4    ? ? ? 1_555 B LCG 4  O6  ? ? A C   17  B LCG 4   1_555 ? ? ? ? ? ? WATSON-CRICK ?     ? ? 
hydrog24 hydrog ?    ? A C   13 O2    ? ? ? 1_555 B LCG 4  N2  ? ? A C   17  B LCG 4   1_555 ? ? ? ? ? ? WATSON-CRICK ?     ? ? 
# 
loop_
_struct_conn_type.id 
_struct_conn_type.criteria 
_struct_conn_type.reference 
covale ? ? 
metalc ? ? 
hydrog ? ? 
# 
_atom_sites.entry_id                    7KUP 
_atom_sites.Cartn_transf_matrix[1][1]   ? 
_atom_sites.Cartn_transf_matrix[1][2]   ? 
_atom_sites.Cartn_transf_matrix[1][3]   ? 
_atom_sites.Cartn_transf_matrix[2][1]   ? 
_atom_sites.Cartn_transf_matrix[2][2]   ? 
_atom_sites.Cartn_transf_matrix[2][3]   ? 
_atom_sites.Cartn_transf_matrix[3][1]   ? 
_atom_sites.Cartn_transf_matrix[3][2]   ? 
_atom_sites.Cartn_transf_matrix[3][3]   ? 
_atom_sites.Cartn_transf_vector[1]      ? 
_atom_sites.Cartn_transf_vector[2]      ? 
_atom_sites.Cartn_transf_vector[3]      ? 
_atom_sites.fract_transf_matrix[1][1]   -0.02244378 
_atom_sites.fract_transf_matrix[1][2]   -0.00180487 
_atom_sites.fract_transf_matrix[1][3]   -0.00699829 
_atom_sites.fract_transf_matrix[2][1]   -0.00534508 
_atom_sites.fract_transf_matrix[2][2]   0.00134703 
_atom_sites.fract_transf_matrix[2][3]   -0.02292564 
_atom_sites.fract_transf_matrix[3][1]   0.00128362 
_atom_sites.fract_transf_matrix[3][2]   -0.01205505 
_atom_sites.fract_transf_matrix[3][3]   -0.00100758 
_atom_sites.fract_transf_vector[1]      0.207867 
_atom_sites.fract_transf_vector[2]      1.416608 
_atom_sites.fract_transf_vector[3]      1.248826 
_atom_sites.solution_primary            ? 
_atom_sites.solution_secondary          ? 
_atom_sites.solution_hydrogens          ? 
_atom_sites.special_details             ? 
# 
loop_
_atom_type.symbol 
_atom_type.pdbx_scat_Z 
_atom_type.pdbx_N_electrons 
_atom_type.scat_Cromer_Mann_a1 
_atom_type.scat_Cromer_Mann_b1 
_atom_type.scat_Cromer_Mann_a2 
_atom_type.scat_Cromer_Mann_b2 
_atom_type.scat_Cromer_Mann_a3 
_atom_type.scat_Cromer_Mann_b3 
_atom_type.scat_Cromer_Mann_a4 
_atom_type.scat_Cromer_Mann_b4 
_atom_type.scat_Cromer_Mann_c 
C  6  6  2.310  20.844 1.020 10.208 1.589 0.569  0.865 51.651 0.216   
H  1  1  0.493  10.511 0.323 26.126 0.140 3.142  0.041 57.800 0.003   
MG 12 12 5.427  2.828  2.176 79.261 1.228 0.381  2.310 7.194  0.859   
N  7  7  12.222 0.006  3.135 9.893  2.014 28.997 1.167 0.583  -11.538 
O  8  8  3.049  13.277 2.287 5.701  1.546 0.324  0.867 32.909 0.251   
P  15 15 6.435  1.907  4.179 27.157 1.780 0.526  1.491 68.164 1.115   
# 
loop_
_atom_site.group_PDB 
_atom_site.id 
_atom_site.type_symbol 
_atom_site.label_atom_id 
_atom_site.label_alt_id 
_atom_site.label_comp_id 
_atom_site.label_asym_id 
_atom_site.label_entity_id 
_atom_site.label_seq_id 
_atom_site.pdbx_PDB_ins_code 
_atom_site.Cartn_x 
_atom_site.Cartn_y 
_atom_site.Cartn_z 
_atom_site.occupancy 
_atom_site.B_iso_or_equiv 
_atom_site.pdbx_formal_charge 
_atom_site.auth_seq_id 
_atom_site.auth_comp_id 
_atom_site.auth_asym_id 
_atom_site.auth_atom_id 
_atom_site.pdbx_PDB_model_num 
_atom_site.calc_flag 
HETATM 1   N  N1    . LKC A 1 1  ? 12.618  -17.370 -2.089  1.000 10.110 0 1   LKC A N1    1 ? 
HETATM 2   C  C2    . LKC A 1 1  ? 11.474  -17.676 -2.777  1.000 9.442  0 1   LKC A C2    1 ? 
HETATM 3   N  N3    . LKC A 1 1  ? 10.398  -18.043 -2.157  1.000 9.798  0 1   LKC A N3    1 ? 
HETATM 4   C  C4    . LKC A 1 1  ? 10.318  -18.062 -0.850  1.000 11.442 0 1   LKC A C4    1 ? 
HETATM 5   C  C5    . LKC A 1 1  ? 11.441  -17.746 -0.009  1.000 11.201 0 1   LKC A C5    1 ? 
HETATM 6   C  C6    . LKC A 1 1  ? 12.561  -17.402 -0.695  1.000 10.250 0 1   LKC A C6    1 ? 
HETATM 7   O  O2    . LKC A 1 1  ? 11.497  -17.645 -3.979  1.000 8.776  0 1   LKC A O2    1 ? 
HETATM 8   N  N4    . LKC A 1 1  ? 9.173   -18.402 -0.343  1.000 13.081 0 1   LKC A N4    1 ? 
HETATM 9   C  "C1'" . LKC A 1 1  ? 13.807  -17.099 -2.863  1.000 10.753 0 1   LKC A "C1'" 1 ? 
HETATM 10  C  "C2'" . LKC A 1 1  ? 13.914  -15.719 -3.392  1.000 9.944  0 1   LKC A "C2'" 1 ? 
HETATM 11  C  "C3'" . LKC A 1 1  ? 14.369  -14.981 -2.156  1.000 10.876 0 1   LKC A "C3'" 1 ? 
HETATM 12  C  "C4'" . LKC A 1 1  ? 15.621  -15.848 -2.089  1.000 11.264 0 1   LKC A "C4'" 1 ? 
HETATM 13  O  "O4'" . LKC A 1 1  ? 14.969  -17.053 -1.957  1.000 11.694 0 1   LKC A "O4'" 1 ? 
HETATM 14  O  "O3'" . LKC A 1 1  ? 14.756  -13.603 -2.479  1.000 12.715 0 1   LKC A "O3'" 1 ? 
HETATM 15  C  "C5'" . LKC A 1 1  ? 16.623  -15.534 -0.936  1.000 12.842 0 1   LKC A "C5'" 1 ? 
HETATM 16  O  "O5'" . LKC A 1 1  ? 15.888  -15.538 0.291   1.000 14.993 0 1   LKC A "O5'" 1 ? 
HETATM 17  C  C5A   . LKC A 1 1  ? 11.491  -17.738 1.415   1.000 13.867 0 1   LKC A C5A   1 ? 
HETATM 18  O  "O2'" . LKC A 1 1  ? 14.963  -15.624 -4.341  1.000 10.432 0 1   LKC A "O2'" 1 ? 
HETATM 19  C  "C6'" . LKC A 1 1  ? 16.246  -15.761 -3.439  1.000 11.028 0 1   LKC A "C6'" 1 ? 
HETATM 20  O  "O5'" . LCC A 1 2  ? 12.775  -12.659 -3.734  1.000 10.562 0 2   LCC A "O5'" 1 ? 
HETATM 21  C  "C5'" . LCC A 1 2  ? 13.278  -12.547 -4.985  1.000 9.373  0 2   LCC A "C5'" 1 ? 
HETATM 22  C  "C4'" . LCC A 1 2  ? 12.128  -12.894 -5.918  1.000 8.906  0 2   LCC A "C4'" 1 ? 
HETATM 23  O  "O4'" . LCC A 1 2  ? 11.702  -14.221 -5.648  1.000 8.678  0 2   LCC A "O4'" 1 ? 
HETATM 24  C  "C1'" . LCC A 1 2  ? 10.325  -14.357 -6.187  1.000 7.866  0 2   LCC A "C1'" 1 ? 
HETATM 25  N  N1    . LCC A 1 2  ? 9.448   -14.671 -5.098  1.000 7.501  0 2   LCC A N1    1 ? 
HETATM 26  C  C6    . LCC A 1 2  ? 9.775   -14.600 -3.705  1.000 7.843  0 2   LCC A C6    1 ? 
HETATM 27  C  C5    . LCC A 1 2  ? 8.864   -14.977 -2.775  1.000 8.325  0 2   LCC A C5    1 ? 
HETATM 28  C  C5M   . LCC A 1 2  ? 9.205   -14.850 -1.401  1.000 9.688  0 2   LCC A C5M   1 ? 
HETATM 29  C  C4    . LCC A 1 2  ? 7.580   -15.429 -3.194  1.000 7.837  0 2   LCC A C4    1 ? 
HETATM 30  N  N4    . LCC A 1 2  ? 6.697   -15.865 -2.281  1.000 8.840  0 2   LCC A N4    1 ? 
HETATM 31  N  N3    . LCC A 1 2  ? 7.292   -15.495 -4.497  1.000 7.946  0 2   LCC A N3    1 ? 
HETATM 32  C  C2    . LCC A 1 2  ? 8.163   -15.105 -5.417  1.000 6.667  0 2   LCC A C2    1 ? 
HETATM 33  O  O2    . LCC A 1 2  ? 7.918   -15.158 -6.631  1.000 8.096  0 2   LCC A O2    1 ? 
HETATM 34  C  "C3'" . LCC A 1 2  ? 10.845  -12.135 -5.675  1.000 9.502  0 2   LCC A "C3'" 1 ? 
HETATM 35  C  "C2'" . LCC A 1 2  ? 10.139  -12.954 -6.745  1.000 7.997  0 2   LCC A "C2'" 1 ? 
HETATM 36  O  "O2'" . LCC A 1 2  ? 10.883  -12.894 -7.912  1.000 8.716  0 2   LCC A "O2'" 1 ? 
HETATM 37  O  "O3'" . LCC A 1 2  ? 10.932  -10.773 -6.041  1.000 10.566 0 2   LCC A "O3'" 1 ? 
HETATM 38  C  "C6'" . LCC A 1 2  ? 12.368  -12.761 -7.361  1.000 8.937  0 2   LCC A "C6'" 1 ? 
HETATM 39  P  P     . LCC A 1 2  ? 13.781  -12.326 -2.518  1.000 11.391 0 2   LCC A P     1 ? 
HETATM 40  O  O1P   . LCC A 1 2  ? 12.966  -12.389 -1.414  1.000 10.464 0 2   LCC A O1P   1 ? 
HETATM 41  O  O2P   . LCC A 1 2  ? 14.664  -11.125 -2.797  1.000 14.573 0 2   LCC A O2P   1 ? 
HETATM 42  O  "O5'" . LCC A 1 3  ? 8.626   -9.959  -6.500  1.000 9.117  0 3   LCC A "O5'" 1 ? 
HETATM 43  C  "C5'" . LCC A 1 3  ? 8.701   -9.775  -7.882  1.000 7.185  0 3   LCC A "C5'" 1 ? 
HETATM 44  C  "C4'" . LCC A 1 3  ? 7.364   -10.286 -8.379  1.000 6.481  0 3   LCC A "C4'" 1 ? 
HETATM 45  O  "O4'" . LCC A 1 3  ? 7.128   -11.650 -8.062  1.000 6.363  0 3   LCC A "O4'" 1 ? 
HETATM 46  C  "C1'" . LCC A 1 3  ? 5.672   -11.833 -7.982  1.000 5.721  0 3   LCC A "C1'" 1 ? 
HETATM 47  N  N1    . LCC A 1 3  ? 5.243   -12.117 -6.639  1.000 5.878  0 3   LCC A N1    1 ? 
HETATM 48  C  C6    . LCC A 1 3  ? 6.072   -12.029 -5.505  1.000 6.229  0 3   LCC A C6    1 ? 
HETATM 49  C  C5    . LCC A 1 3  ? 5.657   -12.387 -4.282  1.000 6.590  0 3   LCC A C5    1 ? 
HETATM 50  C  C5M   . LCC A 1 3  ? 6.582   -12.183 -3.195  1.000 7.161  0 3   LCC A C5M   1 ? 
HETATM 51  C  C4    . LCC A 1 3  ? 4.373   -12.886 -4.175  1.000 6.290  0 3   LCC A C4    1 ? 
HETATM 52  N  N4    . LCC A 1 3  ? 3.922   -13.317 -3.015  1.000 7.186  0 3   LCC A N4    1 ? 
HETATM 53  N  N3    . LCC A 1 3  ? 3.533   -12.997 -5.255  1.000 6.327  0 3   LCC A N3    1 ? 
HETATM 54  C  C2    . LCC A 1 3  ? 4.002   -12.608 -6.457  1.000 5.862  0 3   LCC A C2    1 ? 
HETATM 55  O  O2    . LCC A 1 3  ? 3.195   -12.623 -7.441  1.000 6.529  0 3   LCC A O2    1 ? 
HETATM 56  C  "C3'" . LCC A 1 3  ? 6.155   -9.573  -7.788  1.000 6.772  0 3   LCC A "C3'" 1 ? 
HETATM 57  C  "C2'" . LCC A 1 3  ? 5.218   -10.495 -8.500  1.000 6.025  0 3   LCC A "C2'" 1 ? 
HETATM 58  O  "O2'" . LCC A 1 3  ? 5.623   -10.436 -9.911  1.000 6.299  0 3   LCC A "O2'" 1 ? 
HETATM 59  O  "O3'" . LCC A 1 3  ? 6.130   -8.235  -8.281  1.000 7.007  0 3   LCC A "O3'" 1 ? 
HETATM 60  C  "C6'" . LCC A 1 3  ? 7.149   -10.239 -9.840  1.000 6.188  0 3   LCC A "C6'" 1 ? 
HETATM 61  P  P     . LCC A 1 3  ? 9.959   -9.625  -5.584  1.000 9.039  0 3   LCC A P     1 ? 
HETATM 62  O  O1P   . LCC A 1 3  ? 9.472   -9.794  -4.303  1.000 8.923  0 3   LCC A O1P   1 ? 
HETATM 63  O  O2P   . LCC A 1 3  ? 10.562  -8.325  -6.101  1.000 12.641 0 3   LCC A O2P   1 ? 
HETATM 64  P  P     . LCG A 1 4  ? 5.454   -7.061  -7.406  1.000 7.074  0 4   LCG A P     1 ? 
HETATM 65  O  OP1   . LCG A 1 4  ? 5.840   -5.816  -8.117  1.000 7.860  0 4   LCG A OP1   1 ? 
HETATM 66  O  "O5'" . LCG A 1 4  ? 3.863   -7.347  -7.482  1.000 6.218  0 4   LCG A "O5'" 1 ? 
HETATM 67  C  "C5'" . LCG A 1 4  ? 3.287   -7.277  -8.787  1.000 5.883  0 4   LCG A "C5'" 1 ? 
HETATM 68  C  "C3'" . LCG A 1 4  ? 1.073   -7.054  -7.444  1.000 5.890  0 4   LCG A "C3'" 1 ? 
HETATM 69  C  "C6'" . LCG A 1 4  ? 0.935   -7.629  -9.719  1.000 7.025  0 4   LCG A "C6'" 1 ? 
HETATM 70  N  N9    . LCG A 1 4  ? 0.952   -9.672  -6.120  1.000 6.293  0 4   LCG A N9    1 ? 
HETATM 71  C  C8    . LCG A 1 4  ? 2.196   -9.703  -5.490  1.000 6.602  0 4   LCG A C8    1 ? 
HETATM 72  C  C4    . LCG A 1 4  ? 0.086   -10.274 -5.278  1.000 6.500  0 4   LCG A C4    1 ? 
HETATM 73  N  N7    . LCG A 1 4  ? 2.084   -10.181 -4.282  1.000 7.233  0 4   LCG A N7    1 ? 
HETATM 74  C  C5    . LCG A 1 4  ? 0.772   -10.566 -4.135  1.000 6.964  0 4   LCG A C5    1 ? 
HETATM 75  C  C6    . LCG A 1 4  ? 0.155   -11.136 -3.057  1.000 7.594  0 4   LCG A C6    1 ? 
HETATM 76  C  "C2'" . LCG A 1 4  ? -0.111  -7.966  -7.627  1.000 5.823  0 4   LCG A "C2'" 1 ? 
HETATM 77  O  O6    . LCG A 1 4  ? 0.714   -11.513 -2.004  1.000 9.799  0 4   LCG A O6    1 ? 
HETATM 78  C  "C4'" . LCG A 1 4  ? 1.825   -7.718  -8.554  1.000 6.092  0 4   LCG A "C4'" 1 ? 
HETATM 79  C  "C1'" . LCG A 1 4  ? 0.593   -9.316  -7.521  1.000 5.958  0 4   LCG A "C1'" 1 ? 
HETATM 80  C  C2    . LCG A 1 4  ? -1.888  -11.051 -4.396  1.000 6.655  0 4   LCG A C2    1 ? 
HETATM 81  N  N1    . LCG A 1 4  ? -1.197  -11.350 -3.245  1.000 6.179  0 4   LCG A N1    1 ? 
HETATM 82  O  "O4'" . LCG A 1 4  ? 1.879   -9.106  -8.129  1.000 6.093  0 4   LCG A "O4'" 1 ? 
HETATM 83  O  OP2   . LCG A 1 4  ? 5.806   -7.176  -5.995  1.000 8.149  0 4   LCG A OP2   1 ? 
HETATM 84  N  N2    . LCG A 1 4  ? -3.228  -11.310 -4.431  1.000 6.246  0 4   LCG A N2    1 ? 
HETATM 85  N  N3    . LCG A 1 4  ? -1.237  -10.478 -5.463  1.000 6.506  0 4   LCG A N3    1 ? 
HETATM 86  O  "O2'" . LCG A 1 4  ? -0.377  -7.856  -9.049  1.000 6.698  0 4   LCG A "O2'" 1 ? 
HETATM 87  O  "O3'" . LCG A 1 4  ? 0.805   -5.657  -7.812  1.000 6.097  0 4   LCG A "O3'" 1 ? 
ATOM   88  P  P     . A   A 1 5  ? 0.519   -4.589  -6.689  1.000 7.538  0 9   A   A P     1 ? 
ATOM   89  O  OP1   . A   A 1 5  ? 0.740   -3.258  -7.386  1.000 8.509  0 9   A   A OP1   1 ? 
ATOM   90  O  OP2   . A   A 1 5  ? 1.254   -4.795  -5.483  1.000 8.604  0 9   A   A OP2   1 ? 
ATOM   91  O  "O5'" . A   A 1 5  ? -1.013  -4.858  -6.329  1.000 6.927  0 9   A   A "O5'" 1 ? 
ATOM   92  C  "C5'" . A   A 1 5  ? -2.055  -4.722  -7.268  1.000 6.332  0 9   A   A "C5'" 1 ? 
ATOM   93  C  "C4'" . A   A 1 5  ? -3.338  -5.300  -6.711  1.000 5.958  0 9   A   A "C4'" 1 ? 
ATOM   94  O  "O4'" . A   A 1 5  ? -3.174  -6.711  -6.432  1.000 6.379  0 9   A   A "O4'" 1 ? 
ATOM   95  C  "C3'" . A   A 1 5  ? -3.780  -4.715  -5.393  1.000 6.008  0 9   A   A "C3'" 1 ? 
ATOM   96  O  "O3'" . A   A 1 5  ? -4.392  -3.422  -5.548  1.000 5.963  0 9   A   A "O3'" 1 ? 
ATOM   97  C  "C2'" . A   A 1 5  ? -4.762  -5.792  -4.940  1.000 6.567  0 9   A   A "C2'" 1 ? 
ATOM   98  O  "O2'" . A   A 1 5  ? -5.923  -5.659  -5.712  1.000 7.970  0 9   A   A "O2'" 1 ? 
ATOM   99  C  "C1'" . A   A 1 5  ? -3.937  -7.043  -5.264  1.000 7.171  0 9   A   A "C1'" 1 ? 
ATOM   100 N  N9    . A   A 1 5  ? -2.965  -7.378  -4.228  1.000 6.914  0 9   A   A N9    1 ? 
ATOM   101 C  C8    . A   A 1 5  ? -1.613  -7.122  -4.238  1.000 6.949  0 9   A   A C8    1 ? 
ATOM   102 N  N7    . A   A 1 5  ? -0.971  -7.611  -3.200  1.000 7.623  0 9   A   A N7    1 ? 
ATOM   103 C  C5    . A   A 1 5  ? -1.981  -8.177  -2.432  1.000 7.816  0 9   A   A C5    1 ? 
ATOM   104 C  C6    . A   A 1 5  ? -1.955  -8.864  -1.213  1.000 9.926  0 9   A   A C6    1 ? 
ATOM   105 N  N6    . A   A 1 5  ? -0.845  -9.052  -0.504  1.000 10.437 0 9   A   A N6    1 ? 
ATOM   106 N  N1    . A   A 1 5  ? -3.121  -9.314  -0.735  1.000 9.213  0 9   A   A N1    1 ? 
ATOM   107 C  C2    . A   A 1 5  ? -4.242  -9.097  -1.425  1.000 8.647  0 9   A   A C2    1 ? 
ATOM   108 N  N3    . A   A 1 5  ? -4.395  -8.486  -2.607  1.000 9.531  0 9   A   A N3    1 ? 
ATOM   109 C  C4    . A   A 1 5  ? -3.205  -8.069  -3.064  1.000 8.317  0 9   A   A C4    1 ? 
ATOM   110 P  P     . C   A 1 6  ? -4.265  -2.330  -4.393  1.000 6.438  0 10  C   A P     1 ? 
ATOM   111 O  OP1   . C   A 1 6  ? -4.789  -1.081  -4.986  1.000 6.956  0 10  C   A OP1   1 ? 
ATOM   112 O  OP2   . C   A 1 6  ? -2.910  -2.300  -3.821  1.000 7.735  0 10  C   A OP2   1 ? 
ATOM   113 O  "O5'" . C   A 1 6  ? -5.210  -2.835  -3.220  1.000 7.452  0 10  C   A "O5'" 1 ? 
ATOM   114 C  "C5'" . C   A 1 6  ? -6.588  -3.103  -3.435  1.000 8.899  0 10  C   A "C5'" 1 ? 
ATOM   115 C  "C4'" . C   A 1 6  ? -7.139  -3.974  -2.326  1.000 9.049  0 10  C   A "C4'" 1 ? 
ATOM   116 O  "O4'" . C   A 1 6  ? -6.360  -5.191  -2.254  1.000 9.190  0 10  C   A "O4'" 1 ? 
ATOM   117 C  "C3'" . C   A 1 6  ? -7.007  -3.393  -0.926  1.000 10.036 0 10  C   A "C3'" 1 ? 
ATOM   118 O  "O3'" . C   A 1 6  ? -8.055  -2.456  -0.695  1.000 11.173 0 10  C   A "O3'" 1 ? 
ATOM   119 C  "C2'" . C   A 1 6  ? -7.105  -4.647  -0.084  1.000 9.938  0 10  C   A "C2'" 1 ? 
ATOM   120 O  "O2'" . C   A 1 6  ? -8.454  -5.055  -0.066  1.000 12.751 0 10  C   A "O2'" 1 ? 
ATOM   121 C  "C1'" . C   A 1 6  ? -6.247  -5.599  -0.899  1.000 9.860  0 10  C   A "C1'" 1 ? 
ATOM   122 N  N1    . C   A 1 6  ? -4.838  -5.581  -0.529  1.000 10.646 0 10  C   A N1    1 ? 
ATOM   123 C  C2    . C   A 1 6  ? -4.468  -6.327  0.582   1.000 11.863 0 10  C   A C2    1 ? 
ATOM   124 O  O2    . C   A 1 6  ? -5.357  -6.879  1.242   1.000 15.463 0 10  C   A O2    1 ? 
ATOM   125 N  N3    . C   A 1 6  ? -3.171  -6.385  0.932   1.000 11.600 0 10  C   A N3    1 ? 
ATOM   126 C  C4    . C   A 1 6  ? -2.247  -5.777  0.197   1.000 10.403 0 10  C   A C4    1 ? 
ATOM   127 N  N4    . C   A 1 6  ? -0.966  -5.911  0.539   1.000 11.888 0 10  C   A N4    1 ? 
ATOM   128 C  C5    . C   A 1 6  ? -2.590  -5.013  -0.949  1.000 9.531  0 10  C   A C5    1 ? 
ATOM   129 C  C6    . C   A 1 6  ? -3.889  -4.956  -1.281  1.000 10.736 0 10  C   A C6    1 ? 
ATOM   130 P  P     . U   A 1 7  ? -7.903  -1.254  0.304   1.000 12.648 0 11  U   A P     1 ? 
ATOM   131 O  OP1   . U   A 1 7  ? -9.178  -0.477  0.236   1.000 13.247 0 11  U   A OP1   1 ? 
ATOM   132 O  OP2   . U   A 1 7  ? -6.560  -0.617  0.207   1.000 12.385 0 11  U   A OP2   1 ? 
ATOM   133 O  "O5'" . U   A 1 7  ? -7.732  -1.988  1.706   1.000 13.711 0 11  U   A "O5'" 1 ? 
ATOM   134 C  "C5'" . U   A 1 7  ? -8.854  -2.625  2.275   1.000 17.426 0 11  U   A "C5'" 1 ? 
ATOM   135 C  "C4'" . U   A 1 7  ? -8.495  -3.184  3.624   1.000 17.737 0 11  U   A "C4'" 1 ? 
ATOM   136 O  "O4'" . U   A 1 7  ? -7.516  -4.224  3.481   1.000 18.624 0 11  U   A "O4'" 1 ? 
ATOM   137 C  "C3'" . U   A 1 7  ? -7.836  -2.216  4.587   1.000 18.615 0 11  U   A "C3'" 1 ? 
ATOM   138 O  "O3'" . U   A 1 7  ? -8.825  -1.405  5.187   1.000 20.921 0 11  U   A "O3'" 1 ? 
ATOM   139 C  "C2'" . U   A 1 7  ? -7.160  -3.161  5.560   1.000 19.106 0 11  U   A "C2'" 1 ? 
ATOM   140 O  "O2'" . U   A 1 7  ? -8.032  -3.728  6.532   1.000 22.670 0 11  U   A "O2'" 1 ? 
ATOM   141 C  "C1'" . U   A 1 7  ? -6.655  -4.220  4.587   1.000 16.967 0 11  U   A "C1'" 1 ? 
ATOM   142 N  N1    . U   A 1 7  ? -5.295  -4.014  4.107   1.000 16.976 0 11  U   A N1    1 ? 
ATOM   143 C  C2    . U   A 1 7  ? -4.305  -4.446  4.945   1.000 16.816 0 11  U   A C2    1 ? 
ATOM   144 O  O2    . U   A 1 7  ? -4.536  -4.887  6.058   1.000 21.067 0 11  U   A O2    1 ? 
ATOM   145 N  N3    . U   A 1 7  ? -3.035  -4.319  4.453   1.000 16.674 0 11  U   A N3    1 ? 
ATOM   146 C  C4    . U   A 1 7  ? -2.671  -3.847  3.221   1.000 13.578 0 11  U   A C4    1 ? 
ATOM   147 O  O4    . U   A 1 7  ? -1.489  -3.809  2.922   1.000 16.737 0 11  U   A O4    1 ? 
ATOM   148 C  C5    . U   A 1 7  ? -3.754  -3.363  2.424   1.000 13.808 0 11  U   A C5    1 ? 
ATOM   149 C  C6    . U   A 1 7  ? -4.995  -3.453  2.881   1.000 13.714 0 11  U   A C6    1 ? 
ATOM   150 P  P     . U   A 1 8  ? -8.485  0.052   5.640   1.000 22.283 0 12  U   A P     1 ? 
ATOM   151 O  OP1   . U   A 1 8  ? -9.804  0.704   5.900   1.000 25.348 0 12  U   A OP1   1 ? 
ATOM   152 O  OP2   . U   A 1 8  ? -7.503  0.694   4.677   1.000 22.843 0 12  U   A OP2   1 ? 
ATOM   153 O  "O5'" . U   A 1 8  ? -7.470  -0.130  6.843   1.000 23.895 0 12  U   A "O5'" 1 ? 
ATOM   154 C  "C5'" . U   A 1 8  ? -7.955  -0.711  8.065   1.000 25.198 0 12  U   A "C5'" 1 ? 
ATOM   155 C  "C4'" . U   A 1 8  ? -6.808  -0.967  8.979   1.000 24.881 0 12  U   A "C4'" 1 ? 
ATOM   156 O  "O4'" . U   A 1 8  ? -5.963  -2.010  8.449   1.000 25.724 0 12  U   A "O4'" 1 ? 
ATOM   157 C  "C3'" . U   A 1 8  ? -5.840  0.175   9.216   1.000 27.247 0 12  U   A "C3'" 1 ? 
ATOM   158 O  "O3'" . U   A 1 8  ? -6.385  1.136   10.115  1.000 30.677 0 12  U   A "O3'" 1 ? 
ATOM   159 C  "C2'" . U   A 1 8  ? -4.656  -0.579  9.792   1.000 26.299 0 12  U   A "C2'" 1 ? 
ATOM   160 O  "O2'" . U   A 1 8  ? -4.820  -1.012  11.137  1.000 30.841 0 12  U   A "O2'" 1 ? 
ATOM   161 C  "C1'" . U   A 1 8  ? -4.632  -1.802  8.878   1.000 24.612 0 12  U   A "C1'" 1 ? 
ATOM   162 N  N1    . U   A 1 8  ? -3.782  -1.599  7.698   1.000 21.163 0 12  U   A N1    1 ? 
ATOM   163 C  C2    . U   A 1 8  ? -2.430  -1.856  7.832   1.000 22.321 0 12  U   A C2    1 ? 
ATOM   164 O  O2    . U   A 1 8  ? -1.921  -2.206  8.888   1.000 24.710 0 12  U   A O2    1 ? 
ATOM   165 N  N3    . U   A 1 8  ? -1.687  -1.654  6.699   1.000 21.558 0 12  U   A N3    1 ? 
ATOM   166 C  C4    . U   A 1 8  ? -2.144  -1.246  5.468   1.000 19.138 0 12  U   A C4    1 ? 
ATOM   167 O  O4    . U   A 1 8  ? -1.340  -1.082  4.546   1.000 19.154 0 12  U   A O4    1 ? 
ATOM   168 C  C5    . U   A 1 8  ? -3.548  -0.987  5.412   1.000 18.774 0 12  U   A C5    1 ? 
ATOM   169 C  C6    . U   A 1 8  ? -4.306  -1.188  6.494   1.000 22.764 0 12  U   A C6    1 ? 
ATOM   170 P  P     . A   A 1 9  ? -5.908  2.665   10.070  1.000 31.909 0 13  A   A P     1 ? 
ATOM   171 O  OP1   . A   A 1 9  ? -6.740  3.365   11.101  1.000 36.243 0 13  A   A OP1   1 ? 
ATOM   172 O  OP2   . A   A 1 9  ? -5.992  3.156   8.669   1.000 37.117 0 13  A   A OP2   1 ? 
ATOM   173 O  "O5'" . A   A 1 9  ? -4.384  2.610   10.523  1.000 29.947 0 13  A   A "O5'" 1 ? 
ATOM   174 C  "C5'" . A   A 1 9  ? -4.113  2.489   11.923  1.000 30.885 0 13  A   A "C5'" 1 ? 
ATOM   175 C  "C4'" . A   A 1 9  ? -2.648  2.384   12.156  1.000 32.160 0 13  A   A "C4'" 1 ? 
ATOM   176 O  "O4'" . A   A 1 9  ? -2.135  1.260   11.410  1.000 31.939 0 13  A   A "O4'" 1 ? 
ATOM   177 C  "C3'" . A   A 1 9  ? -1.805  3.553   11.668  1.000 34.958 0 13  A   A "C3'" 1 ? 
ATOM   178 O  "O3'" . A   A 1 9  ? -1.866  4.664   12.551  1.000 35.923 0 13  A   A "O3'" 1 ? 
ATOM   179 C  "C2'" . A   A 1 9  ? -0.432  2.901   11.597  1.000 32.862 0 13  A   A "C2'" 1 ? 
ATOM   180 O  "O2'" . A   A 1 9  ? 0.265   2.762   12.821  1.000 35.695 0 13  A   A "O2'" 1 ? 
ATOM   181 C  "C1'" . A   A 1 9  ? -0.803  1.533   11.024  1.000 31.597 0 13  A   A "C1'" 1 ? 
ATOM   182 N  N9    . A   A 1 9  ? -0.748  1.516   9.566   1.000 25.620 0 13  A   A N9    1 ? 
ATOM   183 C  C8    . A   A 1 9  ? -1.747  1.647   8.628   1.000 25.026 0 13  A   A C8    1 ? 
ATOM   184 N  N7    . A   A 1 9  ? -1.318  1.585   7.389   1.000 23.602 0 13  A   A N7    1 ? 
ATOM   185 C  C5    . A   A 1 9  ? 0.054   1.414   7.521   1.000 22.079 0 13  A   A C5    1 ? 
ATOM   186 C  C6    . A   A 1 9  ? 1.079   1.251   6.580   1.000 22.258 0 13  A   A C6    1 ? 
ATOM   187 N  N6    . A   A 1 9  ? 0.878   1.254   5.265   1.000 21.883 0 13  A   A N6    1 ? 
ATOM   188 N  N1    . A   A 1 9  ? 2.340   1.109   7.040   1.000 21.491 0 13  A   A N1    1 ? 
ATOM   189 C  C2    . A   A 1 9  ? 2.542   1.103   8.366   1.000 24.001 0 13  A   A C2    1 ? 
ATOM   190 N  N3    . A   A 1 9  ? 1.655   1.210   9.349   1.000 23.926 0 13  A   A N3    1 ? 
ATOM   191 C  C4    . A   A 1 9  ? 0.416   1.366   8.855   1.000 25.059 0 13  A   A C4    1 ? 
ATOM   192 P  P     . A   A 1 10 ? -1.988  6.156   11.960  1.000 44.051 0 14  A   A P     1 ? 
ATOM   193 O  OP1   . A   A 1 10 ? -2.438  7.046   13.069  1.000 46.176 0 14  A   A OP1   1 ? 
ATOM   194 O  OP2   . A   A 1 10 ? -2.791  6.127   10.718  1.000 44.364 0 14  A   A OP2   1 ? 
ATOM   195 O  "O5'" . A   A 1 10 ? -0.467  6.522   11.713  1.000 35.942 0 14  A   A "O5'" 1 ? 
ATOM   196 C  "C5'" . A   A 1 10 ? 0.414   6.291   12.798  1.000 33.042 0 14  A   A "C5'" 1 ? 
ATOM   197 C  "C4'" . A   A 1 10 ? 1.808   6.209   12.298  1.000 34.152 0 14  A   A "C4'" 1 ? 
ATOM   198 O  "O4'" . A   A 1 10 ? 1.992   4.947   11.606  1.000 34.043 0 14  A   A "O4'" 1 ? 
ATOM   199 C  "C3'" . A   A 1 10 ? 2.258   7.244   11.272  1.000 34.604 0 14  A   A "C3'" 1 ? 
ATOM   200 O  "O3'" . A   A 1 10 ? 2.555   8.528   11.840  1.000 39.274 0 14  A   A "O3'" 1 ? 
ATOM   201 C  "C2'" . A   A 1 10 ? 3.504   6.549   10.746  1.000 32.536 0 14  A   A "C2'" 1 ? 
ATOM   202 O  "O2'" . A   A 1 10 ? 4.599   6.640   11.641  1.000 30.360 0 14  A   A "O2'" 1 ? 
ATOM   203 C  "C1'" . A   A 1 10 ? 2.982   5.110   10.599  1.000 31.784 0 14  A   A "C1'" 1 ? 
ATOM   204 N  N9    . A   A 1 10 ? 2.330   4.927   9.304   1.000 26.861 0 14  A   A N9    1 ? 
ATOM   205 C  C8    . A   A 1 10 ? 0.996   5.072   9.011   1.000 26.795 0 14  A   A C8    1 ? 
ATOM   206 N  N7    . A   A 1 10 ? 0.710   4.875   7.749   1.000 24.568 0 14  A   A N7    1 ? 
ATOM   207 C  C5    . A   A 1 10 ? 1.944   4.626   7.164   1.000 23.393 0 14  A   A C5    1 ? 
ATOM   208 C  C6    . A   A 1 10 ? 2.320   4.331   5.845   1.000 23.369 0 14  A   A C6    1 ? 
ATOM   209 N  N6    . A   A 1 10 ? 1.462   4.283   4.832   1.000 23.589 0 14  A   A N6    1 ? 
ATOM   210 N  N1    . A   A 1 10 ? 3.629   4.130   5.593   1.000 24.119 0 14  A   A N1    1 ? 
ATOM   211 C  C2    . A   A 1 10 ? 4.496   4.192   6.616   1.000 28.701 0 14  A   A C2    1 ? 
ATOM   212 N  N3    . A   A 1 10 ? 4.262   4.448   7.902   1.000 25.471 0 14  A   A N3    1 ? 
ATOM   213 C  C4    . A   A 1 10 ? 2.949   4.645   8.112   1.000 24.572 0 14  A   A C4    1 ? 
ATOM   214 P  P     . G   A 1 11 ? 2.364   9.904   11.004  1.000 40.098 0 15  G   A P     1 ? 
ATOM   215 O  OP1   . G   A 1 11 ? 2.551   11.071  11.969  1.000 44.572 0 15  G   A OP1   1 ? 
ATOM   216 O  OP2   . G   A 1 11 ? 1.023   9.887   10.254  1.000 42.218 0 15  G   A OP2   1 ? 
ATOM   217 O  "O5'" . G   A 1 11 ? 3.594   9.940   9.964   1.000 31.920 0 15  G   A "O5'" 1 ? 
ATOM   218 C  "C5'" . G   A 1 11 ? 4.927   9.712   10.451  1.000 28.548 0 15  G   A "C5'" 1 ? 
ATOM   219 C  "C4'" . G   A 1 11 ? 5.850   9.514   9.280   1.000 27.605 0 15  G   A "C4'" 1 ? 
ATOM   220 O  "O4'" . G   A 1 11 ? 5.593   8.200   8.724   1.000 26.014 0 15  G   A "O4'" 1 ? 
ATOM   221 C  "C3'" . G   A 1 11 ? 5.711   10.440  8.062   1.000 26.085 0 15  G   A "C3'" 1 ? 
ATOM   222 O  "O3'" . G   A 1 11 ? 6.393   11.682  8.206   1.000 25.668 0 15  G   A "O3'" 1 ? 
ATOM   223 C  "C2'" . G   A 1 11 ? 6.434   9.577   7.031   1.000 24.698 0 15  G   A "C2'" 1 ? 
ATOM   224 O  "O2'" . G   A 1 11 ? 7.829   9.488   7.216   1.000 26.057 0 15  G   A "O2'" 1 ? 
ATOM   225 C  "C1'" . G   A 1 11 ? 5.817   8.218   7.326   1.000 24.774 0 15  G   A "C1'" 1 ? 
ATOM   226 N  N9    . G   A 1 11 ? 4.573   7.990   6.595   1.000 19.863 0 15  G   A N9    1 ? 
ATOM   227 C  C8    . G   A 1 11 ? 3.275   8.058   7.029   1.000 20.183 0 15  G   A C8    1 ? 
ATOM   228 N  N7    . G   A 1 11 ? 2.398   7.845   6.080   1.000 20.059 0 15  G   A N7    1 ? 
ATOM   229 C  C5    . G   A 1 11 ? 3.180   7.573   4.966   1.000 17.933 0 15  G   A C5    1 ? 
ATOM   230 C  C6    . G   A 1 11 ? 2.802   7.205   3.643   1.000 15.776 0 15  G   A C6    1 ? 
ATOM   231 O  O6    . G   A 1 11 ? 1.657   7.066   3.213   1.000 16.609 0 15  G   A O6    1 ? 
ATOM   232 N  N1    . G   A 1 11 ? 3.922   7.029   2.848   1.000 15.498 0 15  G   A N1    1 ? 
ATOM   233 C  C2    . G   A 1 11 ? 5.232   7.137   3.227   1.000 15.820 0 15  G   A C2    1 ? 
ATOM   234 N  N2    . G   A 1 11 ? 6.180   6.940   2.311   1.000 16.207 0 15  G   A N2    1 ? 
ATOM   235 N  N3    . G   A 1 11 ? 5.587   7.469   4.470   1.000 17.350 0 15  G   A N3    1 ? 
ATOM   236 C  C4    . G   A 1 11 ? 4.513   7.619   5.269   1.000 17.948 0 15  G   A C4    1 ? 
ATOM   237 P  P     . U   A 1 12 ? 5.992   12.986  7.369   1.000 24.943 0 16  U   A P     1 ? 
ATOM   238 O  OP1   . U   A 1 12 ? 6.748   14.133  7.994   1.000 30.125 0 16  U   A OP1   1 ? 
ATOM   239 O  OP2   . U   A 1 12 ? 4.508   13.082  7.278   1.000 24.051 0 16  U   A OP2   1 ? 
ATOM   240 O  "O5'" . U   A 1 12 ? 6.673   12.762  5.958   1.000 25.344 0 16  U   A "O5'" 1 ? 
ATOM   241 C  "C5'" . U   A 1 12 ? 8.034   12.391  5.808   1.000 23.307 0 16  U   A "C5'" 1 ? 
ATOM   242 C  "C4'" . U   A 1 12 ? 8.295   12.145  4.351   1.000 24.987 0 16  U   A "C4'" 1 ? 
ATOM   243 O  "O4'" . U   A 1 12 ? 7.757   10.836  3.997   1.000 22.332 0 16  U   A "O4'" 1 ? 
ATOM   244 C  "C3'" . U   A 1 12 ? 7.642   13.082  3.342   1.000 22.358 0 16  U   A "C3'" 1 ? 
ATOM   245 O  "O3'" . U   A 1 12 ? 8.276   14.360  3.145   1.000 21.608 0 16  U   A "O3'" 1 ? 
ATOM   246 C  "C2'" . U   A 1 12 ? 7.735   12.223  2.089   1.000 21.513 0 16  U   A "C2'" 1 ? 
ATOM   247 O  "O2'" . U   A 1 12 ? 9.021   12.043  1.518   1.000 22.221 0 16  U   A "O2'" 1 ? 
ATOM   248 C  "C1'" . U   A 1 12 ? 7.299   10.871  2.642   1.000 21.385 0 16  U   A "C1'" 1 ? 
ATOM   249 N  N1    . U   A 1 12 ? 5.847   10.707  2.640   1.000 18.882 0 16  U   A N1    1 ? 
ATOM   250 C  C2    . U   A 1 12 ? 5.295   10.257  1.446   1.000 15.915 0 16  U   A C2    1 ? 
ATOM   251 O  O2    . U   A 1 12 ? 5.969   10.064  0.455   1.000 15.354 0 16  U   A O2    1 ? 
ATOM   252 N  N3    . U   A 1 12 ? 3.932   10.128  1.459   1.000 16.969 0 16  U   A N3    1 ? 
ATOM   253 C  C4    . U   A 1 12 ? 3.082   10.336  2.518   1.000 15.707 0 16  U   A C4    1 ? 
ATOM   254 O  O4    . U   A 1 12 ? 1.886   10.167  2.376   1.000 17.844 0 16  U   A O4    1 ? 
ATOM   255 C  C5    . U   A 1 12 ? 3.724   10.800  3.713   1.000 18.274 0 16  U   A C5    1 ? 
ATOM   256 C  C6    . U   A 1 12 ? 5.053   10.961  3.727   1.000 17.818 0 16  U   A C6    1 ? 
ATOM   257 P  P     . C   A 1 13 ? 7.449   15.621  2.723   1.000 21.842 0 17  C   A P     1 ? 
ATOM   258 O  OP1   . C   A 1 13 ? 8.414   16.782  2.668   1.000 27.541 0 17  C   A OP1   1 ? 
ATOM   259 O  OP2   . C   A 1 13 ? 6.168   15.709  3.434   1.000 20.288 0 17  C   A OP2   1 ? 
ATOM   260 O  "O5'" . C   A 1 13 ? 7.051   15.407  1.189   1.000 17.826 0 17  C   A "O5'" 1 ? 
ATOM   261 C  "C5'" . C   A 1 13 ? 8.044   15.284  0.192   1.000 15.976 0 17  C   A "C5'" 1 ? 
ATOM   262 C  "C4'" . C   A 1 13 ? 7.387   14.728  -1.052  1.000 12.596 0 17  C   A "C4'" 1 ? 
ATOM   263 O  "O4'" . C   A 1 13 ? 6.774   13.456  -0.742  1.000 12.527 0 17  C   A "O4'" 1 ? 
ATOM   264 C  "C3'" . C   A 1 13 ? 6.279   15.548  -1.687  1.000 11.826 0 17  C   A "C3'" 1 ? 
ATOM   265 O  "O3'" . C   A 1 13 ? 6.781   16.609  -2.495  1.000 11.447 0 17  C   A "O3'" 1 ? 
ATOM   266 C  "C2'" . C   A 1 13 ? 5.602   14.480  -2.548  1.000 10.022 0 17  C   A "C2'" 1 ? 
ATOM   267 O  "O2'" . C   A 1 13 ? 6.423   14.169  -3.655  1.000 10.386 0 17  C   A "O2'" 1 ? 
ATOM   268 C  "C1'" . C   A 1 13 ? 5.651   13.271  -1.607  1.000 10.852 0 17  C   A "C1'" 1 ? 
ATOM   269 N  N1    . C   A 1 13 ? 4.441   13.192  -0.814  1.000 10.365 0 17  C   A N1    1 ? 
ATOM   270 C  C2    . C   A 1 13 ? 3.314   12.648  -1.440  1.000 10.287 0 17  C   A C2    1 ? 
ATOM   271 O  O2    . C   A 1 13 ? 3.422   12.262  -2.623  1.000 10.313 0 17  C   A O2    1 ? 
ATOM   272 N  N3    . C   A 1 13 ? 2.157   12.577  -0.760  1.000 10.744 0 17  C   A N3    1 ? 
ATOM   273 C  C4    . C   A 1 13 ? 2.088   13.022  0.501   1.000 13.225 0 17  C   A C4    1 ? 
ATOM   274 N  N4    . C   A 1 13 ? 0.929   12.913  1.144   1.000 12.894 0 17  C   A N4    1 ? 
ATOM   275 C  C5    . C   A 1 13 ? 3.212   13.594  1.158   1.000 11.700 0 17  C   A C5    1 ? 
ATOM   276 C  C6    . C   A 1 13 ? 4.362   13.642  0.478   1.000 11.609 0 17  C   A C6    1 ? 
HETATM 277 P  P     . OMG A 1 14 ? 5.958   17.923  -2.600  1.000 13.182 0 19  OMG A P     1 ? 
HETATM 278 O  OP1   . OMG A 1 14 ? 6.838   18.815  -3.449  1.000 15.602 0 19  OMG A OP1   1 ? 
HETATM 279 O  OP2   . OMG A 1 14 ? 5.437   18.305  -1.278  1.000 15.801 0 19  OMG A OP2   1 ? 
HETATM 280 O  "O5'" . OMG A 1 14 ? 4.590   17.519  -3.526  1.000 11.214 0 19  OMG A "O5'" 1 ? 
HETATM 281 C  "C5'" . OMG A 1 14 ? 4.806   17.266  -4.861  1.000 10.896 0 19  OMG A "C5'" 1 ? 
HETATM 282 C  "C4'" . OMG A 1 14 ? 3.475   16.734  -5.417  1.000 10.171 0 19  OMG A "C4'" 1 ? 
HETATM 283 O  "O4'" . OMG A 1 14 ? 3.152   15.543  -4.682  1.000 9.436  0 19  OMG A "O4'" 1 ? 
HETATM 284 C  "C3'" . OMG A 1 14 ? 2.293   17.615  -5.312  1.000 11.156 0 19  OMG A "C3'" 1 ? 
HETATM 285 O  "O3'" . OMG A 1 14 ? 2.293   18.655  -6.328  1.000 14.472 0 19  OMG A "O3'" 1 ? 
HETATM 286 C  "C2'" . OMG A 1 14 ? 1.220   16.612  -5.576  1.000 10.507 0 19  OMG A "C2'" 1 ? 
HETATM 287 O  "O2'" . OMG A 1 14 ? 1.101   16.263  -6.982  1.000 13.570 0 19  OMG A "O2'" 1 ? 
HETATM 288 C  CM2   . OMG A 1 14 ? -0.065  16.656  -7.630  1.000 14.845 0 19  OMG A CM2   1 ? 
HETATM 289 C  "C1'" . OMG A 1 14 ? 1.677   15.382  -4.839  1.000 9.000  0 19  OMG A "C1'" 1 ? 
HETATM 290 N  N9    . OMG A 1 14 ? 1.102   15.300  -3.502  1.000 7.670  0 19  OMG A N9    1 ? 
HETATM 291 C  C8    . OMG A 1 14 ? 1.593   15.679  -2.252  1.000 8.277  0 19  OMG A C8    1 ? 
HETATM 292 N  N7    . OMG A 1 14 ? 0.732   15.483  -1.287  1.000 8.959  0 19  OMG A N7    1 ? 
HETATM 293 C  C5    . OMG A 1 14 ? -0.423  14.978  -1.912  1.000 7.394  0 19  OMG A C5    1 ? 
HETATM 294 C  C6    . OMG A 1 14 ? -1.636  14.597  -1.440  1.000 8.263  0 19  OMG A C6    1 ? 
HETATM 295 O  O6    . OMG A 1 14 ? -2.010  14.634  -0.239  1.000 9.655  0 19  OMG A O6    1 ? 
HETATM 296 N  N1    . OMG A 1 14 ? -2.523  14.165  -2.409  1.000 7.291  0 19  OMG A N1    1 ? 
HETATM 297 C  C2    . OMG A 1 14 ? -2.229  14.111  -3.759  1.000 7.707  0 19  OMG A C2    1 ? 
HETATM 298 N  N2    . OMG A 1 14 ? -3.172  13.668  -4.609  1.000 6.991  0 19  OMG A N2    1 ? 
HETATM 299 N  N3    . OMG A 1 14 ? -1.004  14.435  -4.225  1.000 7.180  0 19  OMG A N3    1 ? 
HETATM 300 C  C4    . OMG A 1 14 ? -0.142  14.856  -3.260  1.000 7.280  0 19  OMG A C4    1 ? 
HETATM 301 N  N1    . LKC B 1 1  ? -11.811 16.959  5.626   1.000 10.268 0 1   LKC B N1    1 ? 
HETATM 302 C  C2    . LKC B 1 1  ? -11.070 17.373  4.535   1.000 9.353  0 1   LKC B C2    1 ? 
HETATM 303 N  N3    . LKC B 1 1  ? -9.827  17.686  4.662   1.000 10.040 0 1   LKC B N3    1 ? 
HETATM 304 C  C4    . LKC B 1 1  ? -9.163  17.581  5.775   1.000 12.196 0 1   LKC B C4    1 ? 
HETATM 305 C  C5    . LKC B 1 1  ? -9.797  17.145  6.978   1.000 11.442 0 1   LKC B C5    1 ? 
HETATM 306 C  C6    . LKC B 1 1  ? -11.125 16.852  6.823   1.000 10.403 0 1   LKC B C6    1 ? 
HETATM 307 O  O2    . LKC B 1 1  ? -11.647 17.473  3.488   1.000 8.927  0 1   LKC B O2    1 ? 
HETATM 308 N  N4    . LKC B 1 1  ? -7.910  17.891  5.770   1.000 13.330 0 1   LKC B N4    1 ? 
HETATM 309 C  "C1'" . LKC B 1 1  ? -13.230 16.745  5.419   1.000 10.877 0 1   LKC B "C1'" 1 ? 
HETATM 310 C  "C2'" . LKC B 1 1  ? -13.589 15.434  4.843   1.000 10.099 0 1   LKC B "C2'" 1 ? 
HETATM 311 C  "C3'" . LKC B 1 1  ? -13.469 14.564  6.073   1.000 10.984 0 1   LKC B "C3'" 1 ? 
HETATM 312 C  "C4'" . LKC B 1 1  ? -14.550 15.360  6.774   1.000 11.463 0 1   LKC B "C4'" 1 ? 
HETATM 313 O  "O4'" . LKC B 1 1  ? -13.886 16.570  6.734   1.000 11.779 0 1   LKC B "O4'" 1 ? 
HETATM 314 O  "O3'" . LKC B 1 1  ? -13.980 13.233  5.786   1.000 12.716 0 1   LKC B "O3'" 1 ? 
HETATM 315 C  "C5'" . LKC B 1 1  ? -14.939 14.893  8.202   1.000 13.336 0 1   LKC B "C5'" 1 ? 
HETATM 316 O  "O5'" . LKC B 1 1  ? -13.739 14.787  8.958   1.000 15.444 0 1   LKC B "O5'" 1 ? 
HETATM 317 C  C5A   . LKC B 1 1  ? -9.219  16.975  8.286   1.000 13.904 0 1   LKC B C5A   1 ? 
HETATM 318 O  "O2'" . LKC B 1 1  ? -14.949 15.415  4.467   1.000 10.499 0 1   LKC B "O2'" 1 ? 
HETATM 319 C  "C6'" . LKC B 1 1  ? -15.709 15.401  5.840   1.000 11.307 0 1   LKC B "C6'" 1 ? 
HETATM 320 O  "O5'" . LCC B 1 2  ? -12.812 12.454  3.705   1.000 10.560 0 2   LCC B "O5'" 1 ? 
HETATM 321 C  "C5'" . LCC B 1 2  ? -13.815 12.478  2.793   1.000 9.211  0 2   LCC B "C5'" 1 ? 
HETATM 322 C  "C4'" . LCC B 1 2  ? -13.170 12.966  1.495   1.000 8.757  0 2   LCC B "C4'" 1 ? 
HETATM 323 O  "O4'" . LCC B 1 2  ? -12.640 14.247  1.703   1.000 8.413  0 2   LCC B "O4'" 1 ? 
HETATM 324 C  "C1'" . LCC B 1 2  ? -11.648 14.498  0.620   1.000 7.558  0 2   LCC B "C1'" 1 ? 
HETATM 325 N  N1    . LCC B 1 2  ? -10.375 14.699  1.233   1.000 7.306  0 2   LCC B N1    1 ? 
HETATM 326 C  C6    . LCC B 1 2  ? -10.052 14.476  2.611   1.000 7.787  0 2   LCC B C6    1 ? 
HETATM 327 C  C5    . LCC B 1 2  ? -8.807  14.755  3.086   1.000 8.342  0 2   LCC B C5    1 ? 
HETATM 328 C  C5M   . LCC B 1 2  ? -8.526  14.474  4.452   1.000 9.727  0 2   LCC B C5M   1 ? 
HETATM 329 C  C4    . LCC B 1 2  ? -7.831  15.278  2.205   1.000 7.766  0 2   LCC B C4    1 ? 
HETATM 330 N  N4    . LCC B 1 2  ? -6.619  15.642  2.686   1.000 8.713  0 2   LCC B N4    1 ? 
HETATM 331 N  N3    . LCC B 1 2  ? -8.145  15.491  0.932   1.000 7.691  0 2   LCC B N3    1 ? 
HETATM 332 C  C2    . LCC B 1 2  ? -9.338  15.200  0.439   1.000 6.549  0 2   LCC B C2    1 ? 
HETATM 333 O  O2    . LCC B 1 2  ? -9.645  15.389  -0.742  1.000 7.986  0 2   LCC B O2    1 ? 
HETATM 334 C  "C3'" . LCC B 1 2  ? -11.933 12.217  1.052   1.000 9.661  0 2   LCC B "C3'" 1 ? 
HETATM 335 C  "C2'" . LCC B 1 2  ? -11.778 13.181  -0.131  1.000 7.972  0 2   LCC B "C2'" 1 ? 
HETATM 336 O  "O2'" . LCC B 1 2  ? -12.966 13.212  -0.834  1.000 9.053  0 2   LCC B "O2'" 1 ? 
HETATM 337 O  "O3'" . LCC B 1 2  ? -12.239 10.877  0.613   1.000 10.447 0 2   LCC B "O3'" 1 ? 
HETATM 338 C  "C6'" . LCC B 1 2  ? -14.045 12.988  0.293   1.000 9.193  0 2   LCC B "C6'" 1 ? 
HETATM 339 P  P     . LCC B 1 2  ? -13.151 11.975  5.194   1.000 11.252 0 2   LCC B P     1 ? 
HETATM 340 O  O1P   . LCC B 1 2  ? -14.122 10.812  5.191   1.000 13.854 0 2   LCC B O1P   1 ? 
HETATM 341 O  O2P   . LCC B 1 2  ? -11.935 11.928  5.836   1.000 10.461 0 2   LCC B O2P   1 ? 
HETATM 342 O  "O5'" . LCC B 1 3  ? -10.359 10.185  -0.867  1.000 8.973  0 3   LCC B "O5'" 1 ? 
HETATM 343 C  "C5'" . LCC B 1 3  ? -11.034 10.183  -2.092  1.000 7.262  0 3   LCC B "C5'" 1 ? 
HETATM 344 C  "C4'" . LCC B 1 3  ? -10.052 10.773  -3.097  1.000 6.676  0 3   LCC B "C4'" 1 ? 
HETATM 345 O  "O4'" . LCC B 1 3  ? -9.674  12.093  -2.761  1.000 6.314  0 3   LCC B "O4'" 1 ? 
HETATM 346 C  "C1'" . LCC B 1 3  ? -8.321  12.295  -3.305  1.000 5.776  0 3   LCC B "C1'" 1 ? 
HETATM 347 N  N1    . LCC B 1 3  ? -7.326  12.436  -2.271  1.000 5.860  0 3   LCC B N1    1 ? 
HETATM 348 C  C6    . LCC B 1 3  ? -7.584  12.201  -0.918  1.000 6.335  0 3   LCC B C6    1 ? 
HETATM 349 C  C5    . LCC B 1 3  ? -6.666  12.434  0.049   1.000 6.564  0 3   LCC B C5    1 ? 
HETATM 350 C  C5M   . LCC B 1 3  ? -7.026  12.078  1.407   1.000 7.210  0 3   LCC B C5M   1 ? 
HETATM 351 C  C4    . LCC B 1 3  ? -5.445  12.967  -0.356  1.000 6.330  0 3   LCC B C4    1 ? 
HETATM 352 N  N4    . LCC B 1 3  ? -4.493  13.264  0.520   1.000 7.373  0 3   LCC B N4    1 ? 
HETATM 353 N  N3    . LCC B 1 3  ? -5.159  13.207  -1.669  1.000 6.087  0 3   LCC B N3    1 ? 
HETATM 354 C  C2    . LCC B 1 3  ? -6.120  12.941  -2.587  1.000 6.064  0 3   LCC B C2    1 ? 
HETATM 355 O  O2    . LCC B 1 3  ? -5.843  13.100  -3.804  1.000 6.603  0 3   LCC B O2    1 ? 
HETATM 356 C  "C3'" . LCC B 1 3  ? -8.721  10.033  -3.202  1.000 6.921  0 3   LCC B "C3'" 1 ? 
HETATM 357 C  "C2'" . LCC B 1 3  ? -8.164  11.043  -4.132  1.000 6.200  0 3   LCC B "C2'" 1 ? 
HETATM 358 O  "O2'" . LCC B 1 3  ? -9.158  11.125  -5.199  1.000 6.576  0 3   LCC B "O2'" 1 ? 
HETATM 359 O  "O3'" . LCC B 1 3  ? -8.959  8.755   -3.766  1.000 6.882  0 3   LCC B "O3'" 1 ? 
HETATM 360 C  "C6'" . LCC B 1 3  ? -10.507 10.879  -4.495  1.000 6.580  0 3   LCC B "C6'" 1 ? 
HETATM 361 P  P     . LCC B 1 3  ? -11.169 9.723   0.481   1.000 8.983  0 3   LCC B P     1 ? 
HETATM 362 O  O1P   . LCC B 1 3  ? -11.961 8.467   0.146   1.000 12.489 0 3   LCC B O1P   1 ? 
HETATM 363 O  O2P   . LCC B 1 3  ? -10.174 9.763   1.434   1.000 8.591  0 3   LCC B O2P   1 ? 
HETATM 364 P  P     . LCG B 1 4  ? -8.000  7.503   -3.417  1.000 7.171  0 4   LCG B P     1 ? 
HETATM 365 O  OP1   . LCG B 1 4  ? -8.693  6.321   -4.012  1.000 7.771  0 4   LCG B OP1   1 ? 
HETATM 366 O  "O5'" . LCG B 1 4  ? -6.587  7.844   -4.142  1.000 6.250  0 4   LCG B "O5'" 1 ? 
HETATM 367 C  "C5'" . LCG B 1 4  ? -6.652  7.923   -5.574  1.000 5.796  0 4   LCG B "C5'" 1 ? 
HETATM 368 C  "C3'" . LCG B 1 4  ? -4.085  7.601   -5.387  1.000 5.733  0 4   LCG B "C3'" 1 ? 
HETATM 369 C  "C6'" . LCG B 1 4  ? -4.962  8.444   -7.416  1.000 6.655  0 4   LCG B "C6'" 1 ? 
HETATM 370 N  N9    . LCG B 1 4  ? -3.323  10.072  -3.980  1.000 6.281  0 4   LCG B N9    1 ? 
HETATM 371 C  C8    . LCG B 1 4  ? -4.158  9.990   -2.878  1.000 6.738  0 4   LCG B C8    1 ? 
HETATM 372 C  C4    . LCG B 1 4  ? -2.159  10.593  -3.531  1.000 6.626  0 4   LCG B C4    1 ? 
HETATM 373 N  N7    . LCG B 1 4  ? -3.524  10.325  -1.789  1.000 7.288  0 4   LCG B N7    1 ? 
HETATM 374 C  C5    . LCG B 1 4  ? -2.277  10.738  -2.174  1.000 7.114  0 4   LCG B C5    1 ? 
HETATM 375 C  C6    . LCG B 1 4  ? -1.212  11.180  -1.445  1.000 7.650  0 4   LCG B C6    1 ? 
HETATM 376 C  "C2'" . LCG B 1 4  ? -3.079  8.573   -5.966  1.000 5.549  0 4   LCG B "C2'" 1 ? 
HETATM 377 O  O6    . LCG B 1 4  ? -1.226  11.444  -0.212  1.000 9.741  0 4   LCG B O6    1 ? 
HETATM 378 C  "C4'" . LCG B 1 4  ? -5.234  8.376   -5.974  1.000 5.856  0 4   LCG B "C4'" 1 ? 
HETATM 379 C  "C1'" . LCG B 1 4  ? -3.628  9.883   -5.413  1.000 5.917  0 4   LCG B "C1'" 1 ? 
HETATM 380 C  C2    . LCG B 1 4  ? 0.017   11.308  -3.528  1.000 6.688  0 4   LCG B C2    1 ? 
HETATM 381 N  N1    . LCG B 1 4  ? -0.080  11.469  -2.168  1.000 6.360  0 4   LCG B N1    1 ? 
HETATM 382 O  "O4'" . LCG B 1 4  ? -5.058  9.700   -5.412  1.000 6.014  0 4   LCG B "O4'" 1 ? 
HETATM 383 O  OP2   . LCG B 1 4  ? -7.686  7.449   -2.004  1.000 8.071  0 4   LCG B OP2   1 ? 
HETATM 384 N  N2    . LCG B 1 4  ? 1.195   11.619  -4.132  1.000 6.488  0 4   LCG B N2    1 ? 
HETATM 385 N  N3    . LCG B 1 4  ? -1.060  10.846  -4.254  1.000 6.982  0 4   LCG B N3    1 ? 
HETATM 386 O  "O2'" . LCG B 1 4  ? -3.463  8.618   -7.371  1.000 6.441  0 4   LCG B "O2'" 1 ? 
HETATM 387 O  "O3'" . LCG B 1 4  ? -4.034  6.267   -5.976  1.000 6.019  0 4   LCG B "O3'" 1 ? 
ATOM   388 P  P     . A   B 1 5  ? -3.308  5.086   -5.222  1.000 7.600  0 9   A   B P     1 ? 
ATOM   389 O  OP1   . A   B 1 5  ? -3.837  3.833   -5.879  1.000 8.891  0 9   A   B OP1   1 ? 
ATOM   390 O  OP2   . A   B 1 5  ? -3.443  5.161   -3.806  1.000 8.870  0 9   A   B OP2   1 ? 
ATOM   391 O  "O5'" . A   B 1 5  ? -1.765  5.355   -5.551  1.000 7.000  0 9   A   B "O5'" 1 ? 
ATOM   392 C  "C5'" . A   B 1 5  ? -1.252  5.361   -6.876  1.000 6.238  0 9   A   B "C5'" 1 ? 
ATOM   393 C  "C4'" . A   B 1 5  ? 0.165   5.903   -6.885  1.000 6.048  0 9   A   B "C4'" 1 ? 
ATOM   394 O  "O4'" . A   B 1 5  ? 0.178   7.269   -6.399  1.000 6.112  0 9   A   B "O4'" 1 ? 
ATOM   395 C  "C3'" . A   B 1 5  ? 1.116   5.189   -5.960  1.000 5.989  0 9   A   B "C3'" 1 ? 
ATOM   396 O  "O3'" . A   B 1 5  ? 1.551   3.934   -6.514  1.000 5.753  0 9   A   B "O3'" 1 ? 
ATOM   397 C  "C2'" . A   B 1 5  ? 2.227   6.230   -5.852  1.000 6.454  0 9   A   B "C2'" 1 ? 
ATOM   398 O  "O2'" . A   B 1 5  ? 2.922   6.204   -7.069  1.000 7.559  0 9   A   B "O2'" 1 ? 
ATOM   399 C  "C1'" . A   B 1 5  ? 1.381   7.488   -5.642  1.000 7.258  0 9   A   B "C1'" 1 ? 
ATOM   400 N  N9    . A   B 1 5  ? 0.965   7.680   -4.261  1.000 6.848  0 9   A   B N9    1 ? 
ATOM   401 C  C8    . A   B 1 5  ? -0.257  7.394   -3.703  1.000 7.222  0 9   A   B C8    1 ? 
ATOM   402 N  N7    . A   B 1 5  ? -0.360  7.746   -2.441  1.000 7.541  0 9   A   B N7    1 ? 
ATOM   403 C  C5    . A   B 1 5  ? 0.898   8.255   -2.138  1.000 7.975  0 9   A   B C5    1 ? 
ATOM   404 C  C6    . A   B 1 5  ? 1.433   8.803   -0.961  1.000 9.803  0 9   A   B C6    1 ? 
ATOM   405 N  N6    . A   B 1 5  ? 0.762   8.879   0.187   1.000 10.562 0 9   A   B N6    1 ? 
ATOM   406 N  N1    . A   B 1 5  ? 2.705   9.213   -0.998  1.000 9.224  0 9   A   B N1    1 ? 
ATOM   407 C  C2    . A   B 1 5  ? 3.396   9.108   -2.134  1.000 8.866  0 9   A   B C2    1 ? 
ATOM   408 N  N3    . A   B 1 5  ? 2.999   8.629   -3.321  1.000 9.931  0 9   A   B N3    1 ? 
ATOM   409 C  C4    . A   B 1 5  ? 1.717   8.236   -3.249  1.000 8.337  0 9   A   B C4    1 ? 
ATOM   410 P  P     . C   B 1 6  ? 1.941   2.710   -5.546  1.000 6.500  0 10  C   B P     1 ? 
ATOM   411 O  OP1   . C   B 1 6  ? 2.108   1.561   -6.450  1.000 6.871  0 10  C   B OP1   1 ? 
ATOM   412 O  OP2   . C   B 1 6  ? 0.980   2.588   -4.440  1.000 7.488  0 10  C   B OP2   1 ? 
ATOM   413 O  "O5'" . C   B 1 6  ? 3.329   3.111   -4.868  1.000 7.513  0 10  C   B "O5'" 1 ? 
ATOM   414 C  "C5'" . C   B 1 6  ? 4.482   3.450   -5.642  1.000 8.866  0 10  C   B "C5'" 1 ? 
ATOM   415 C  "C4'" . C   B 1 6  ? 5.474   4.203   -4.793  1.000 9.208  0 10  C   B "C4'" 1 ? 
ATOM   416 O  "O4'" . C   B 1 6  ? 4.830   5.373   -4.244  1.000 9.325  0 10  C   B "O4'" 1 ? 
ATOM   417 C  "C3'" . C   B 1 6  ? 5.937   3.454   -3.554  1.000 10.324 0 10  C   B "C3'" 1 ? 
ATOM   418 O  "O3'" . C   B 1 6  ? 6.962   2.523   -3.901  1.000 11.292 0 10  C   B "O3'" 1 ? 
ATOM   419 C  "C2'" . C   B 1 6  ? 6.424   4.603   -2.693  1.000 10.047 0 10  C   B "C2'" 1 ? 
ATOM   420 O  "O2'" . C   B 1 6  ? 7.653   5.045   -3.224  1.000 12.721 0 10  C   B "O2'" 1 ? 
ATOM   421 C  "C1'" . C   B 1 6  ? 5.326   5.619   -2.939  1.000 9.913  0 10  C   B "C1'" 1 ? 
ATOM   422 N  N1    . C   B 1 6  ? 4.227   5.521   -1.988  1.000 10.741 0 10  C   B N1    1 ? 
ATOM   423 C  C2    . C   B 1 6  ? 4.407   6.132   -0.755  1.000 11.846 0 10  C   B C2    1 ? 
ATOM   424 O  O2    . C   B 1 6  ? 5.515   6.619   -0.495  1.000 16.096 0 10  C   B O2    1 ? 
ATOM   425 N  N3    . C   B 1 6  ? 3.403   6.117   0.135   1.000 11.678 0 10  C   B N3    1 ? 
ATOM   426 C  C4    . C   B 1 6  ? 2.230   5.586   -0.182  1.000 10.865 0 10  C   B C4    1 ? 
ATOM   427 N  N4    . C   B 1 6  ? 1.242   5.648   0.710   1.000 11.750 0 10  C   B N4    1 ? 
ATOM   428 C  C5    . C   B 1 6  ? 2.007   4.968   -1.438  1.000 9.780  0 10  C   B C5    1 ? 
ATOM   429 C  C6    . C   B 1 6  ? 3.023   4.973   -2.311  1.000 10.971 0 10  C   B C6    1 ? 
ATOM   430 P  P     . U   B 1 7  ? 7.238   1.220   -3.076  1.000 12.520 0 11  U   B P     1 ? 
ATOM   431 O  OP1   . U   B 1 7  ? 8.334   0.496   -3.791  1.000 13.257 0 11  U   B OP1   1 ? 
ATOM   432 O  OP2   . U   B 1 7  ? 5.988   0.554   -2.659  1.000 12.323 0 11  U   B OP2   1 ? 
ATOM   433 O  "O5'" . U   B 1 7  ? 7.745   1.801   -1.678  1.000 13.452 0 11  U   B "O5'" 1 ? 
ATOM   434 C  "C5'" . U   B 1 7  ? 9.032   2.387   -1.580  1.000 17.802 0 11  U   B "C5'" 1 ? 
ATOM   435 C  "C4'" . U   B 1 7  ? 9.298   2.784   -0.155  1.000 17.809 0 11  U   B "C4'" 1 ? 
ATOM   436 O  "O4'" . U   B 1 7  ? 8.375   3.807   0.257   1.000 18.528 0 11  U   B "O4'" 1 ? 
ATOM   437 C  "C3'" . U   B 1 7  ? 9.094   1.698   0.884   1.000 18.882 0 11  U   B "C3'" 1 ? 
ATOM   438 O  "O3'" . U   B 1 7  ? 10.220  0.847   0.881   1.000 21.464 0 11  U   B "O3'" 1 ? 
ATOM   439 C  "C2'" . U   B 1 7  ? 8.935   2.513   2.153   1.000 18.922 0 11  U   B "C2'" 1 ? 
ATOM   440 O  "O2'" . U   B 1 7  ? 10.158  3.003   2.691   1.000 22.889 0 11  U   B "O2'" 1 ? 
ATOM   441 C  "C1'" . U   B 1 7  ? 8.080   3.660   1.622   1.000 16.921 0 11  U   B "C1'" 1 ? 
ATOM   442 N  N1    . U   B 1 7  ? 6.641   3.480   1.774   1.000 16.841 0 11  U   B N1    1 ? 
ATOM   443 C  C2    . U   B 1 7  ? 6.126   3.770   3.009   1.000 16.756 0 11  U   B C2    1 ? 
ATOM   444 O  O2    . U   B 1 7  ? 6.826   4.076   3.958   1.000 20.487 0 11  U   B O2    1 ? 
ATOM   445 N  N3    . U   B 1 7  ? 4.767   3.668   3.105   1.000 15.845 0 11  U   B N3    1 ? 
ATOM   446 C  C4    . U   B 1 7  ? 3.887   3.356   2.106   1.000 13.268 0 11  U   B C4    1 ? 
ATOM   447 O  O4    . U   B 1 7  ? 2.694   3.302   2.361   1.000 16.452 0 11  U   B O4    1 ? 
ATOM   448 C  C5    . U   B 1 7  ? 4.498   2.986   0.872   1.000 13.367 0 11  U   B C5    1 ? 
ATOM   449 C  C6    . U   B 1 7  ? 5.815   3.068   0.742   1.000 13.916 0 11  U   B C6    1 ? 
ATOM   450 P  P     . U   B 1 8  ? 10.063  -0.660  1.276   1.000 21.990 0 12  U   B P     1 ? 
ATOM   451 O  OP1   . U   B 1 8  ? 11.346  -1.304  0.879   1.000 26.305 0 12  U   B OP1   1 ? 
ATOM   452 O  OP2   . U   B 1 8  ? 8.749   -1.208  0.759   1.000 23.205 0 12  U   B OP2   1 ? 
ATOM   453 O  "O5'" . U   B 1 8  ? 9.692   -0.645  2.818   1.000 23.951 0 12  U   B "O5'" 1 ? 
ATOM   454 C  "C5'" . U   B 1 8  ? 10.695  -0.218  3.754   1.000 25.626 0 12  U   B "C5'" 1 ? 
ATOM   455 C  "C4'" . U   B 1 8  ? 10.086  -0.088  5.104   1.000 24.978 0 12  U   B "C4'" 1 ? 
ATOM   456 O  "O4'" . U   B 1 8  ? 9.125   0.988   5.115   1.000 25.424 0 12  U   B "O4'" 1 ? 
ATOM   457 C  "C3'" . U   B 1 8  ? 9.279   -1.264  5.613   1.000 26.954 0 12  U   B "C3'" 1 ? 
ATOM   458 O  "O3'" . U   B 1 8  ? 10.115  -2.305  6.090   1.000 29.635 0 12  U   B "O3'" 1 ? 
ATOM   459 C  "C2'" . U   B 1 8  ? 8.494   -0.605  6.732   1.000 26.251 0 12  U   B "C2'" 1 ? 
ATOM   460 O  "O2'" . U   B 1 8  ? 9.241   -0.326  7.912   1.000 30.295 0 12  U   B "O2'" 1 ? 
ATOM   461 C  "C1'" . U   B 1 8  ? 8.113   0.713   6.064   1.000 24.471 0 12  U   B "C1'" 1 ? 
ATOM   462 N  N1    . U   B 1 8  ? 6.824   0.628   5.364   1.000 21.156 0 12  U   B N1    1 ? 
ATOM   463 C  C2    . U   B 1 8  ? 5.673   0.832   6.106   1.000 22.899 0 12  U   B C2    1 ? 
ATOM   464 O  O2    . U   B 1 8  ? 5.685   1.044   7.309   1.000 24.088 0 12  U   B O2    1 ? 
ATOM   465 N  N3    . U   B 1 8  ? 4.506   0.737   5.397   1.000 22.142 0 12  U   B N3    1 ? 
ATOM   466 C  C4    . U   B 1 8  ? 4.369   0.496   4.052   1.000 20.416 0 12  U   B C4    1 ? 
ATOM   467 O  O4    . U   B 1 8  ? 3.240   0.425   3.564   1.000 20.501 0 12  U   B O4    1 ? 
ATOM   468 C  C5    . U   B 1 8  ? 5.601   0.287   3.356   1.000 19.537 0 12  U   B C5    1 ? 
ATOM   469 C  C6    . U   B 1 8  ? 6.759   0.370   4.015   1.000 23.522 0 12  U   B C6    1 ? 
ATOM   470 P  P     . A   B 1 9  ? 9.623   -3.815  6.061   1.000 30.686 0 13  A   B P     1 ? 
ATOM   471 O  OP1   . A   B 1 9  ? 10.809  -4.611  6.505   1.000 36.626 0 13  A   B OP1   1 ? 
ATOM   472 O  OP2   . A   B 1 9  ? 9.049   -4.113  4.723   1.000 36.290 0 13  A   B OP2   1 ? 
ATOM   473 O  "O5'" . A   B 1 9  ? 8.468   -3.858  7.149   1.000 29.192 0 13  A   B "O5'" 1 ? 
ATOM   474 C  "C5'" . A   B 1 9  ? 8.865   -3.888  8.521   1.000 30.927 0 13  A   B "C5'" 1 ? 
ATOM   475 C  "C4'" . A   B 1 9  ? 7.664   -3.843  9.387   1.000 32.221 0 13  A   B "C4'" 1 ? 
ATOM   476 O  "O4'" . A   B 1 9  ? 6.901   -2.661  9.063   1.000 32.429 0 13  A   B "O4'" 1 ? 
ATOM   477 C  "C3'" . A   B 1 9  ? 6.665   -4.974  9.198   1.000 34.958 0 13  A   B "C3'" 1 ? 
ATOM   478 O  "O3'" . A   B 1 9  ? 7.077   -6.166  9.847   1.000 35.568 0 13  A   B "O3'" 1 ? 
ATOM   479 C  "C2'" . A   B 1 9  ? 5.420   -4.356  9.812   1.000 33.265 0 13  A   B "C2'" 1 ? 
ATOM   480 O  "O2'" . A   B 1 9  ? 5.342   -4.354  11.224  1.000 35.445 0 13  A   B "O2'" 1 ? 
ATOM   481 C  "C1'" . A   B 1 9  ? 5.532   -2.927  9.281   1.000 31.408 0 13  A   B "C1'" 1 ? 
ATOM   482 N  N9    . A   B 1 9  ? 4.836   -2.752  8.013   1.000 25.921 0 13  A   B N9    1 ? 
ATOM   483 C  C8    . A   B 1 9  ? 5.309   -2.750  6.723   1.000 25.547 0 13  A   B C8    1 ? 
ATOM   484 N  N7    . A   B 1 9  ? 4.378   -2.561  5.821   1.000 23.798 0 13  A   B N7    1 ? 
ATOM   485 C  C5    . A   B 1 9  ? 3.214   -2.432  6.567   1.000 22.268 0 13  A   B C5    1 ? 
ATOM   486 C  C6    . A   B 1 9  ? 1.884   -2.187  6.205   1.000 22.617 0 13  A   B C6    1 ? 
ATOM   487 N  N6    . A   B 1 9  ? 1.480   -2.041  4.946   1.000 22.543 0 13  A   B N6    1 ? 
ATOM   488 N  N1    . A   B 1 9  ? 0.963   -2.129  7.190   1.000 22.312 0 13  A   B N1    1 ? 
ATOM   489 C  C2    . A   B 1 9  ? 1.370   -2.287  8.457   1.000 24.048 0 13  A   B C2    1 ? 
ATOM   490 N  N3    . A   B 1 9  ? 2.597   -2.485  8.924   1.000 24.176 0 13  A   B N3    1 ? 
ATOM   491 C  C4    . A   B 1 9  ? 3.482   -2.555  7.916   1.000 25.444 0 13  A   B C4    1 ? 
ATOM   492 P  P     . A   B 1 10 ? 6.872   -7.582  9.124   1.000 43.260 0 14  A   B P     1 ? 
ATOM   493 O  OP1   . A   B 1 10 ? 7.669   -8.587  9.878   1.000 47.081 0 14  A   B OP1   1 ? 
ATOM   494 O  OP2   . A   B 1 10 ? 7.125   -7.428  7.674   1.000 43.085 0 14  A   B OP2   1 ? 
ATOM   495 O  "O5'" . A   B 1 10 ? 5.369   -7.920  9.493   1.000 34.741 0 14  A   B "O5'" 1 ? 
ATOM   496 C  "C5'" . A   B 1 10 ? 5.045   -7.910  10.872  1.000 32.550 0 14  A   B "C5'" 1 ? 
ATOM   497 C  "C4'" . A   B 1 10 ? 3.575   -7.784  11.046  1.000 33.924 0 14  A   B "C4'" 1 ? 
ATOM   498 O  "O4'" . A   B 1 10 ? 3.152   -6.454  10.654  1.000 33.754 0 14  A   B "O4'" 1 ? 
ATOM   499 C  "C3'" . A   B 1 10 ? 2.677   -8.699  10.220  1.000 35.102 0 14  A   B "C3'" 1 ? 
ATOM   500 O  "O3'" . A   B 1 10 ? 2.624   -10.036 10.728  1.000 40.010 0 14  A   B "O3'" 1 ? 
ATOM   501 C  "C2'" . A   B 1 10 ? 1.354   -7.966  10.379  1.000 33.213 0 14  A   B "C2'" 1 ? 
ATOM   502 O  "O2'" . A   B 1 10 ? 0.739   -8.178  11.639  1.000 31.494 0 14  A   B "O2'" 1 ? 
ATOM   503 C  "C1'" . A   B 1 10 ? 1.816   -6.515  10.167  1.000 32.413 0 14  A   B "C1'" 1 ? 
ATOM   504 N  N9    . A   B 1 10 ? 1.848   -6.185  8.741   1.000 27.593 0 14  A   B N9    1 ? 
ATOM   505 C  C8    . A   B 1 10 ? 2.920   -6.262  7.885   1.000 27.200 0 14  A   B C8    1 ? 
ATOM   506 N  N7    . A   B 1 10 ? 2.635   -5.927  6.651   1.000 24.946 0 14  A   B N7    1 ? 
ATOM   507 C  C5    . A   B 1 10 ? 1.278   -5.637  6.693   1.000 23.724 0 14  A   B C5    1 ? 
ATOM   508 C  C6    . A   B 1 10 ? 0.375   -5.212  5.707   1.000 23.198 0 14  A   B C6    1 ? 
ATOM   509 N  N6    . A   B 1 10 ? 0.711   -5.036  4.432   1.000 22.623 0 14  A   B N6    1 ? 
ATOM   510 N  N1    . A   B 1 10 ? -0.908  -5.016  6.070   1.000 23.966 0 14  A   B N1    1 ? 
ATOM   511 C  C2    . A   B 1 10 ? -1.246  -5.200  7.354   1.000 28.348 0 14  A   B C2    1 ? 
ATOM   512 N  N3    . A   B 1 10 ? -0.485  -5.588  8.377   1.000 25.610 0 14  A   B N3    1 ? 
ATOM   513 C  C4    . A   B 1 10 ? 0.783   -5.782  7.974   1.000 24.712 0 14  A   B C4    1 ? 
ATOM   514 P  P     . G   B 1 11 ? 2.426   -11.301 9.750   1.000 40.852 0 15  G   B P     1 ? 
ATOM   515 O  OP1   . G   B 1 11 ? 2.650   -12.566 10.574  1.000 45.103 0 15  G   B OP1   1 ? 
ATOM   516 O  OP2   . G   B 1 11 ? 3.324   -11.153 8.514   1.000 42.968 0 15  G   B OP2   1 ? 
ATOM   517 O  "O5'" . G   B 1 11 ? 0.868   -11.267 9.344   1.000 32.259 0 15  G   B "O5'" 1 ? 
ATOM   518 C  "C5'" . G   B 1 11 ? -0.114  -11.178 10.384  1.000 29.283 0 15  G   B "C5'" 1 ? 
ATOM   519 C  "C4'" . G   B 1 11 ? -1.444  -10.838 9.773   1.000 27.787 0 15  G   B "C4'" 1 ? 
ATOM   520 O  "O4'" . G   B 1 11 ? -1.394  -9.466  9.309   1.000 26.582 0 15  G   B "O4'" 1 ? 
ATOM   521 C  "C3'" . G   B 1 11 ? -1.893  -11.614 8.526   1.000 26.093 0 15  G   B "C3'" 1 ? 
ATOM   522 O  "O3'" . G   B 1 11 ? -2.484  -12.877 8.819   1.000 25.438 0 15  G   B "O3'" 1 ? 
ATOM   523 C  "C2'" . G   B 1 11 ? -2.957  -10.642 8.020   1.000 24.901 0 15  G   B "C2'" 1 ? 
ATOM   524 O  "O2'" . G   B 1 11 ? -4.120  -10.601 8.815   1.000 25.664 0 15  G   B "O2'" 1 ? 
ATOM   525 C  "C1'" . G   B 1 11 ? -2.217  -9.320  8.169   1.000 24.916 0 15  G   B "C1'" 1 ? 
ATOM   526 N  N9    . G   B 1 11 ? -1.419  -8.980  6.993   1.000 20.301 0 15  G   B N9    1 ? 
ATOM   527 C  C8    . G   B 1 11 ? -0.068  -9.064  6.799   1.000 21.234 0 15  G   B C8    1 ? 
ATOM   528 N  N7    . G   B 1 11 ? 0.302   -8.722  5.592   1.000 20.818 0 15  G   B N7    1 ? 
ATOM   529 C  C5    . G   B 1 11 ? -0.883  -8.339  4.979   1.000 18.273 0 15  G   B C5    1 ? 
ATOM   530 C  C6    . G   B 1 11 ? -1.121  -7.820  3.674   1.000 16.150 0 15  G   B C6    1 ? 
ATOM   531 O  O6    . G   B 1 11 ? -0.273  -7.608  2.810   1.000 16.731 0 15  G   B O6    1 ? 
ATOM   532 N  N1    . G   B 1 11 ? -2.474  -7.595  3.468   1.000 16.348 0 15  G   B N1    1 ? 
ATOM   533 C  C2    . G   B 1 11 ? -3.481  -7.775  4.380   1.000 15.376 0 15  G   B C2    1 ? 
ATOM   534 N  N2    . G   B 1 11 ? -4.736  -7.507  4.007   1.000 15.841 0 15  G   B N2    1 ? 
ATOM   535 N  N3    . G   B 1 11 ? -3.254  -8.251  5.610   1.000 17.488 0 15  G   B N3    1 ? 
ATOM   536 C  C4    . G   B 1 11 ? -1.945  -8.468  5.828   1.000 17.871 0 15  G   B C4    1 ? 
ATOM   537 P  P     . U   B 1 12 ? -2.515  -14.070 7.751   1.000 25.554 0 16  U   B P     1 ? 
ATOM   538 O  OP1   . U   B 1 12 ? -2.967  -15.297 8.504   1.000 30.118 0 16  U   B OP1   1 ? 
ATOM   539 O  OP2   . U   B 1 12 ? -1.213  -14.113 7.027   1.000 24.534 0 16  U   B OP2   1 ? 
ATOM   540 O  "O5'" . U   B 1 12 ? -3.731  -13.697 6.809   1.000 25.902 0 16  U   B "O5'" 1 ? 
ATOM   541 C  "C5'" . U   B 1 12 ? -5.011  -13.350 7.323   1.000 24.090 0 16  U   B "C5'" 1 ? 
ATOM   542 C  "C4'" . U   B 1 12 ? -5.889  -12.965 6.170   1.000 24.773 0 16  U   B "C4'" 1 ? 
ATOM   543 O  "O4'" . U   B 1 12 ? -5.535  -11.617 5.756   1.000 22.288 0 16  U   B "O4'" 1 ? 
ATOM   544 C  "C3'" . U   B 1 12 ? -5.761  -13.769 4.884   1.000 22.126 0 16  U   B "C3'" 1 ? 
ATOM   545 O  "O3'" . U   B 1 12 ? -6.449  -15.027 4.851   1.000 21.630 0 16  U   B "O3'" 1 ? 
ATOM   546 C  "C2'" . U   B 1 12 ? -6.387  -12.792 3.898   1.000 20.727 0 16  U   B "C2'" 1 ? 
ATOM   547 O  "O2'" . U   B 1 12 ? -7.793  -12.599 3.954   1.000 22.309 0 16  U   B "O2'" 1 ? 
ATOM   548 C  "C1'" . U   B 1 12 ? -5.729  -11.491 4.344   1.000 21.036 0 16  U   B "C1'" 1 ? 
ATOM   549 N  N1    . U   B 1 12 ? -4.423  -11.289 3.725   1.000 18.565 0 16  U   B N1    1 ? 
ATOM   550 C  C2    . U   B 1 12 ? -4.434  -10.688 2.471   1.000 15.603 0 16  U   B C2    1 ? 
ATOM   551 O  O2    . U   B 1 12 ? -5.465  -10.402 1.899   1.000 15.453 0 16  U   B O2    1 ? 
ATOM   552 N  N3    . U   B 1 12 ? -3.199  -10.524 1.907   1.000 16.501 0 16  U   B N3    1 ? 
ATOM   553 C  C4    . U   B 1 12 ? -1.979  -10.818 2.463   1.000 15.969 0 16  U   B C4    1 ? 
ATOM   554 O  O4    . U   B 1 12 ? -0.965  -10.608 1.832   1.000 17.102 0 16  U   B O4    1 ? 
ATOM   555 C  C5    . U   B 1 12 ? -2.046  -11.438 3.753   1.000 17.823 0 16  U   B C5    1 ? 
ATOM   556 C  C6    . U   B 1 12 ? -3.241  -11.631 4.328   1.000 17.504 0 16  U   B C6    1 ? 
ATOM   557 P  P     . C   B 1 13 ? -5.913  -16.212 3.975   1.000 21.529 0 17  C   B P     1 ? 
ATOM   558 O  OP1   . C   B 1 13 ? -6.807  -17.397 4.246   1.000 27.330 0 17  C   B OP1   1 ? 
ATOM   559 O  OP2   . C   B 1 13 ? -4.455  -16.323 4.021   1.000 20.712 0 17  C   B OP2   1 ? 
ATOM   560 O  "O5'" . C   B 1 13 ? -6.220  -15.818 2.448   1.000 17.334 0 17  C   B "O5'" 1 ? 
ATOM   561 C  "C5'" . C   B 1 13 ? -7.542  -15.598 2.009   1.000 15.689 0 17  C   B "C5'" 1 ? 
ATOM   562 C  "C4'" . C   B 1 13 ? -7.484  -14.905 0.667   1.000 12.585 0 17  C   B "C4'" 1 ? 
ATOM   563 O  "O4'" . C   B 1 13 ? -6.772  -13.663 0.809   1.000 12.791 0 17  C   B "O4'" 1 ? 
ATOM   564 C  "C3'" . C   B 1 13 ? -6.795  -15.628 -0.475  1.000 11.914 0 17  C   B "C3'" 1 ? 
ATOM   565 O  "O3'" . C   B 1 13 ? -7.642  -16.603 -1.091  1.000 11.434 0 17  C   B "O3'" 1 ? 
ATOM   566 C  "C2'" . C   B 1 13 ? -6.551  -14.454 -1.423  1.000 9.966  0 17  C   B "C2'" 1 ? 
ATOM   567 O  "O2'" . C   B 1 13 ? -7.767  -14.032 -2.003  1.000 10.247 0 17  C   B "O2'" 1 ? 
ATOM   568 C  "C1'" . C   B 1 13 ? -6.135  -13.358 -0.433  1.000 10.575 0 17  C   B "C1'" 1 ? 
ATOM   569 N  N1    . C   B 1 13 ? -4.699  -13.347 -0.249  1.000 10.704 0 17  C   B N1    1 ? 
ATOM   570 C  C2    . C   B 1 13 ? -3.952  -12.692 -1.236  1.000 9.890  0 17  C   B C2    1 ? 
ATOM   571 O  O2    . C   B 1 13 ? -4.561  -12.180 -2.196  1.000 10.799 0 17  C   B O2    1 ? 
ATOM   572 N  N3    . C   B 1 13 ? -2.613  -12.669 -1.139  1.000 10.914 0 17  C   B N3    1 ? 
ATOM   573 C  C4    . C   B 1 13 ? -2.003  -13.231 -0.086  1.000 12.790 0 17  C   B C4    1 ? 
ATOM   574 N  N4    . C   B 1 13 ? -0.676  -13.170 -0.027  1.000 12.347 0 17  C   B N4    1 ? 
ATOM   575 C  C5    . C   B 1 13 ? -2.733  -13.923 0.921   1.000 11.741 0 17  C   B C5    1 ? 
ATOM   576 C  C6    . C   B 1 13 ? -4.067  -13.920 0.824   1.000 11.443 0 17  C   B C6    1 ? 
HETATM 577 P  P     . OMG B 1 14 ? -6.975  -17.872 -1.692  1.000 12.963 0 19  OMG B P     1 ? 
HETATM 578 O  OP1   . OMG B 1 14 ? -8.143  -18.693 -2.123  1.000 15.992 0 19  OMG B OP1   1 ? 
HETATM 579 O  OP2   . OMG B 1 14 ? -5.915  -18.379 -0.774  1.000 15.366 0 19  OMG B OP2   1 ? 
HETATM 580 O  "O5'" . OMG B 1 14 ? -6.124  -17.328 -3.052  1.000 11.420 0 19  OMG B "O5'" 1 ? 
HETATM 581 C  "C5'" . OMG B 1 14 ? -6.907  -16.965 -4.124  1.000 11.107 0 19  OMG B "C5'" 1 ? 
HETATM 582 C  "C4'" . OMG B 1 14 ? -5.960  -16.322 -5.136  1.000 10.223 0 19  OMG B "C4'" 1 ? 
HETATM 583 O  "O4'" . OMG B 1 14 ? -5.279  -15.216 -4.499  1.000 9.330  0 19  OMG B "O4'" 1 ? 
HETATM 584 C  "C3'" . OMG B 1 14 ? -4.873  -17.166 -5.701  1.000 10.948 0 19  OMG B "C3'" 1 ? 
HETATM 585 O  "O3'" . OMG B 1 14 ? -5.344  -18.089 -6.725  1.000 14.160 0 19  OMG B "O3'" 1 ? 
HETATM 586 C  "C2'" . OMG B 1 14 ? -3.999  -16.109 -6.291  1.000 10.319 0 19  OMG B "C2'" 1 ? 
HETATM 587 O  "O2'" . OMG B 1 14 ? -4.491  -15.597 -7.552  1.000 13.454 0 19  OMG B "O2'" 1 ? 
HETATM 588 C  CM2   . OMG B 1 14 ? -3.769  -15.943 -8.711  1.000 14.416 0 19  OMG B CM2   1 ? 
HETATM 589 C  "C1'" . OMG B 1 14 ? -4.037  -14.978 -5.283  1.000 9.010  0 19  OMG B "C1'" 1 ? 
HETATM 590 N  N9    . OMG B 1 14 ? -2.952  -15.043 -4.334  1.000 7.546  0 19  OMG B N9    1 ? 
HETATM 591 C  C8    . OMG B 1 14 ? -2.858  -15.572 -3.059  1.000 8.295  0 19  OMG B C8    1 ? 
HETATM 592 N  N7    . OMG B 1 14 ? -1.664  -15.462 -2.549  1.000 8.450  0 19  OMG B N7    1 ? 
HETATM 593 C  C5    . OMG B 1 14 ? -0.882  -14.863 -3.548  1.000 7.681  0 19  OMG B C5    1 ? 
HETATM 594 C  C6    . OMG B 1 14 ? 0.432   -14.509 -3.614  1.000 8.022  0 19  OMG B C6    1 ? 
HETATM 595 O  O6    . OMG B 1 14 ? 1.304   -14.666 -2.716  1.000 9.785  0 19  OMG B O6    1 ? 
HETATM 596 N  N1    . OMG B 1 14 ? 0.818   -13.946 -4.835  1.000 7.303  0 19  OMG B N1    1 ? 
HETATM 597 C  C2    . OMG B 1 14 ? -0.034  -13.746 -5.912  1.000 7.632  0 19  OMG B C2    1 ? 
HETATM 598 N  N2    . OMG B 1 14 ? 0.429   -13.202 -7.040  1.000 7.171  0 19  OMG B N2    1 ? 
HETATM 599 N  N3    . OMG B 1 14 ? -1.349  -14.041 -5.805  1.000 6.997  0 19  OMG B N3    1 ? 
HETATM 600 C  C4    . OMG B 1 14 ? -1.717  -14.611 -4.628  1.000 7.217  0 19  OMG B C4    1 ? 
HETATM 601 N  N9A   . GP3 C 2 .  ? 0.896   -17.148 -6.448  1.000 7.342  0 101 GP3 A N9A   1 ? 
HETATM 602 C  C8A   . GP3 C 2 .  ? 0.445   -17.593 -5.263  1.000 8.399  0 101 GP3 A C8A   1 ? 
HETATM 603 N  N7A   . GP3 C 2 .  ? 1.380   -17.585 -4.294  1.000 8.375  0 101 GP3 A N7A   1 ? 
HETATM 604 C  C5A   . GP3 C 2 .  ? 2.493   -17.086 -4.875  1.000 7.421  0 101 GP3 A C5A   1 ? 
HETATM 605 C  C6A   . GP3 C 2 .  ? 3.730   -16.765 -4.406  1.000 8.393  0 101 GP3 A C6A   1 ? 
HETATM 606 O  O6A   . GP3 C 2 .  ? 4.156   -16.895 -3.213  1.000 9.619  0 101 GP3 A O6A   1 ? 
HETATM 607 N  N1A   . GP3 C 2 .  ? 4.600   -16.268 -5.281  1.000 7.591  0 101 GP3 A N1A   1 ? 
HETATM 608 C  C2A   . GP3 C 2 .  ? 4.321   -15.995 -6.598  1.000 7.635  0 101 GP3 A C2A   1 ? 
HETATM 609 N  N2A   . GP3 C 2 .  ? 5.243   -15.502 -7.422  1.000 7.254  0 101 GP3 A N2A   1 ? 
HETATM 610 N  N3A   . GP3 C 2 .  ? 3.071   -16.292 -7.048  1.000 7.282  0 101 GP3 A N3A   1 ? 
HETATM 611 C  C4A   . GP3 C 2 .  ? 2.178   -16.765 -6.183  1.000 7.944  0 101 GP3 A C4A   1 ? 
HETATM 612 O  O5D   . GP3 C 2 .  ? -1.451  -19.922 -6.454  1.000 14.764 0 101 GP3 A O5D   1 ? 
HETATM 613 C  C5D   . GP3 C 2 .  ? -2.241  -19.527 -7.529  1.000 12.852 0 101 GP3 A C5D   1 ? 
HETATM 614 C  C4D   . GP3 C 2 .  ? -1.365  -18.533 -8.300  1.000 10.608 0 101 GP3 A C4D   1 ? 
HETATM 615 O  O4D   . GP3 C 2 .  ? -1.138  -17.381 -7.528  1.000 9.309  0 101 GP3 A O4D   1 ? 
HETATM 616 C  C3D   . GP3 C 2 .  ? -0.007  -19.033 -8.706  1.000 9.869  0 101 GP3 A C3D   1 ? 
HETATM 617 O  O3D   . GP3 C 2 .  ? 0.013   -19.675 -10.018 1.000 11.474 0 101 GP3 A O3D   1 ? 
HETATM 618 C  C2D   . GP3 C 2 .  ? 0.773   -17.733 -8.841  1.000 8.975  0 101 GP3 A C2D   1 ? 
HETATM 619 O  O2D   . GP3 C 2 .  ? 0.446   -17.110 -10.072 1.000 9.696  0 101 GP3 A O2D   1 ? 
HETATM 620 C  C1D   . GP3 C 2 .  ? 0.240   -16.921 -7.695  1.000 8.654  0 101 GP3 A C1D   1 ? 
HETATM 621 P  PA    . GP3 C 2 .  ? -2.163  -20.832 -5.319  1.000 18.162 0 101 GP3 A PA    1 ? 
HETATM 622 O  O1A   . GP3 C 2 .  ? -3.360  -20.101 -4.829  1.000 22.630 0 101 GP3 A O1A   1 ? 
HETATM 623 O  O2A   . GP3 C 2 .  ? -2.433  -22.197 -5.861  1.000 22.925 0 101 GP3 A O2A   1 ? 
HETATM 624 O  O3A   . GP3 C 2 .  ? -1.048  -20.758 -4.263  1.000 21.163 0 101 GP3 A O3A   1 ? 
HETATM 625 P  PB    . GP3 C 2 .  ? 0.104   -21.877 -3.743  1.000 29.803 0 101 GP3 A PB    1 ? 
HETATM 626 O  O1B   . GP3 C 2 .  ? 0.974   -21.252 -2.708  1.000 30.355 0 101 GP3 A O1B   1 ? 
HETATM 627 O  O2B   . GP3 C 2 .  ? -0.573  -23.195 -3.541  1.000 35.253 0 101 GP3 A O2B   1 ? 
HETATM 628 O  O3B   . GP3 C 2 .  ? 1.024   -22.014 -5.073  1.000 34.412 0 101 GP3 A O3B   1 ? 
HETATM 629 P  PG    . GP3 C 2 .  ? 1.538   -23.404 -5.731  1.000 34.519 0 101 GP3 A PG    1 ? 
HETATM 630 O  O1G   . GP3 C 2 .  ? 2.250   -23.977 -4.569  1.000 27.052 0 101 GP3 A O1G   1 ? 
HETATM 631 O  O2G   . GP3 C 2 .  ? 0.380   -24.030 -6.446  1.000 36.874 0 101 GP3 A O2G   1 ? 
HETATM 632 O  O5E   . GP3 C 2 .  ? 2.531   -22.639 -6.813  1.000 27.691 0 101 GP3 A O5E   1 ? 
HETATM 633 C  C5E   . GP3 C 2 .  ? 2.168   -22.123 -8.096  1.000 27.347 0 101 GP3 A C5E   1 ? 
HETATM 634 C  C4E   . GP3 C 2 .  ? 3.308   -21.228 -8.598  1.000 21.986 0 101 GP3 A C4E   1 ? 
HETATM 635 O  O4E   . GP3 C 2 .  ? 3.226   -20.048 -7.714  1.000 17.642 0 101 GP3 A O4E   1 ? 
HETATM 636 C  C3E   . GP3 C 2 .  ? 4.654   -21.787 -8.271  1.000 20.803 0 101 GP3 A C3E   1 ? 
HETATM 637 O  O3E   . GP3 C 2 .  ? 5.090   -22.657 -9.344  1.000 21.437 0 101 GP3 A O3E   1 ? 
HETATM 638 C  C2E   . GP3 C 2 .  ? 5.464   -20.545 -8.259  1.000 18.245 0 101 GP3 A C2E   1 ? 
HETATM 639 O  O2E   . GP3 C 2 .  ? 5.655   -20.075 -9.623  1.000 20.373 0 101 GP3 A O2E   1 ? 
HETATM 640 C  C1E   . GP3 C 2 .  ? 4.627   -19.620 -7.388  1.000 16.568 0 101 GP3 A C1E   1 ? 
HETATM 641 N  N9B   . GP3 C 2 .  ? 4.855   -19.720 -5.956  1.000 12.991 0 101 GP3 A N9B   1 ? 
HETATM 642 C  C8B   . GP3 C 2 .  ? 4.114   -20.102 -4.956  1.000 11.409 0 101 GP3 A C8B   1 ? 
HETATM 643 N  N7B   . GP3 C 2 .  ? 4.675   -20.035 -3.809  1.000 13.825 0 101 GP3 A N7B   1 ? 
HETATM 644 C  C5B   . GP3 C 2 .  ? 5.896   -19.487 -4.042  1.000 11.306 0 101 GP3 A C5B   1 ? 
HETATM 645 C  C6B   . GP3 C 2 .  ? 6.911   -19.223 -3.194  1.000 10.380 0 101 GP3 A C6B   1 ? 
HETATM 646 O  O6B   . GP3 C 2 .  ? 7.036   -19.313 -1.945  1.000 11.955 0 101 GP3 A O6B   1 ? 
HETATM 647 N  N1B   . GP3 C 2 .  ? 8.005   -18.694 -3.832  1.000 9.873  0 101 GP3 A N1B   1 ? 
HETATM 648 C  C2B   . GP3 C 2 .  ? 8.136   -18.533 -5.175  1.000 9.468  0 101 GP3 A C2B   1 ? 
HETATM 649 N  N2B   . GP3 C 2 .  ? 9.255   -18.053 -5.726  1.000 8.237  0 101 GP3 A N2B   1 ? 
HETATM 650 N  N3B   . GP3 C 2 .  ? 7.115   -18.817 -5.978  1.000 10.855 0 101 GP3 A N3B   1 ? 
HETATM 651 C  C4B   . GP3 C 2 .  ? 6.025   -19.297 -5.367  1.000 11.321 0 101 GP3 A C4B   1 ? 
HETATM 652 MG MG    . MG  D 3 .  ? -4.406  19.365  -8.423  0.330 9.665  0 102 MG  A MG    1 ? 
HETATM 653 MG MG    . MG  E 3 .  ? 4.473   -2.201  -5.844  1.000 11.348 0 103 MG  A MG    1 ? 
HETATM 654 MG MG    . MG  F 3 .  ? -1.200  23.946  -4.219  1.000 41.714 0 104 MG  A MG    1 ? 
HETATM 655 MG MG    . MG  G 3 .  ? -2.410  0.475   -10.318 0.330 33.667 0 105 MG  A MG    1 ? 
HETATM 656 N  N9A   . GP3 H 2 .  ? -3.212  17.531  -3.439  1.000 7.429  0 101 GP3 B N9A   1 ? 
HETATM 657 C  C8A   . GP3 H 2 .  ? -2.252  17.852  -2.525  1.000 8.126  0 101 GP3 B C8A   1 ? 
HETATM 658 N  N7A   . GP3 H 2 .  ? -2.670  17.718  -1.252  1.000 8.421  0 101 GP3 B N7A   1 ? 
HETATM 659 C  C5A   . GP3 H 2 .  ? -3.950  17.251  -1.345  1.000 7.329  0 101 GP3 B C5A   1 ? 
HETATM 660 C  C6A   . GP3 H 2 .  ? -4.880  16.846  -0.446  1.000 8.623  0 101 GP3 B C6A   1 ? 
HETATM 661 O  O6A   . GP3 H 2 .  ? -4.725  16.824  0.815   1.000 9.607  0 101 GP3 B O6A   1 ? 
HETATM 662 N  N1A   . GP3 H 2 .  ? -6.057  16.432  -0.901  1.000 7.368  0 101 GP3 B N1A   1 ? 
HETATM 663 C  C2A   . GP3 H 2 .  ? -6.398  16.301  -2.238  1.000 7.753  0 101 GP3 B C2A   1 ? 
HETATM 664 N  N2A   . GP3 H 2 .  ? -7.614  15.883  -2.598  1.000 7.432  0 101 GP3 B N2A   1 ? 
HETATM 665 N  N3A   . GP3 H 2 .  ? -5.449  16.696  -3.119  1.000 7.059  0 101 GP3 B N3A   1 ? 
HETATM 666 C  C4A   . GP3 H 2 .  ? -4.255  17.108  -2.686  1.000 7.984  0 101 GP3 B C4A   1 ? 
HETATM 667 O  O5D   . GP3 H 2 .  ? -1.049  20.346  -4.183  1.000 15.268 0 101 GP3 B O5D   1 ? 
HETATM 668 C  C5D   . GP3 H 2 .  ? -0.809  20.082  -5.529  1.000 12.853 0 101 GP3 B C5D   1 ? 
HETATM 669 C  C4D   . GP3 H 2 .  ? -1.985  19.183  -5.957  1.000 10.496 0 101 GP3 B C4D   1 ? 
HETATM 670 O  O4D   . GP3 H 2 .  ? -1.879  17.953  -5.286  1.000 9.194  0 101 GP3 B O4D   1 ? 
HETATM 671 C  C3D   . GP3 H 2 .  ? -3.365  19.678  -5.649  1.000 9.692  0 101 GP3 B C3D   1 ? 
HETATM 672 O  O3D   . GP3 H 2 .  ? -3.944  20.447  -6.730  1.000 10.886 0 101 GP3 B O3D   1 ? 
HETATM 673 C  C2D   . GP3 H 2 .  ? -4.150  18.392  -5.555  1.000 8.944  0 101 GP3 B C2D   1 ? 
HETATM 674 O  O2D   . GP3 H 2 .  ? -4.418  17.917  -6.878  1.000 9.884  0 101 GP3 B O2D   1 ? 
HETATM 675 C  C1D   . GP3 H 2 .  ? -3.198  17.474  -4.853  1.000 8.610  0 101 GP3 B C1D   1 ? 
HETATM 676 P  PA    . GP3 H 2 .  ? 0.099   21.150  -3.373  1.000 17.889 0 101 GP3 B PA    1 ? 
HETATM 677 O  O1A   . GP3 H 2 .  ? 1.367   20.408  -3.527  1.000 23.079 0 101 GP3 B O1A   1 ? 
HETATM 678 O  O2A   . GP3 H 2 .  ? 0.158   22.578  -3.834  1.000 23.250 0 101 GP3 B O2A   1 ? 
HETATM 679 O  O3A   . GP3 H 2 .  ? -0.445  20.923  -1.943  1.000 21.926 0 101 GP3 B O3A   1 ? 
HETATM 680 P  PB    . GP3 H 2 .  ? -1.193  21.960  -0.853  1.000 29.365 0 101 GP3 B PB    1 ? 
HETATM 681 O  O1B   . GP3 H 2 .  ? -1.496  21.211  0.389   1.000 28.606 0 101 GP3 B O1B   1 ? 
HETATM 682 O  O2B   . GP3 H 2 .  ? -0.458  23.270  -0.838  1.000 35.080 0 101 GP3 B O2B   1 ? 
HETATM 683 O  O3B   . GP3 H 2 .  ? -2.620  22.197  -1.595  1.000 33.742 0 101 GP3 B O3B   1 ? 
HETATM 684 P  PG    . GP3 H 2 .  ? -3.308  23.655  -1.831  1.000 33.662 0 101 GP3 B PG    1 ? 
HETATM 685 O  O1G   . GP3 H 2 .  ? -3.444  24.091  -0.425  1.000 27.449 0 101 GP3 B O1G   1 ? 
HETATM 686 O  O2G   . GP3 H 2 .  ? -2.566  24.385  -2.907  1.000 35.464 0 101 GP3 B O2G   1 ? 
HETATM 687 O  O5E   . GP3 H 2 .  ? -4.711  23.030  -2.424  1.000 27.704 0 101 GP3 B O5E   1 ? 
HETATM 688 C  C5E   . GP3 H 2 .  ? -4.929  22.630  -3.775  1.000 27.166 0 101 GP3 B C5E   1 ? 
HETATM 689 C  C4E   . GP3 H 2 .  ? -6.209  21.785  -3.849  1.000 21.595 0 101 GP3 B C4E   1 ? 
HETATM 690 O  O4E   . GP3 H 2 .  ? -5.807  20.486  -3.268  1.000 17.428 0 101 GP3 B O4E   1 ? 
HETATM 691 C  C3E   . GP3 H 2 .  ? -7.274  22.278  -2.924  1.000 21.032 0 101 GP3 B C3E   1 ? 
HETATM 692 O  O3E   . GP3 H 2 .  ? -8.121  23.223  -3.643  1.000 21.102 0 101 GP3 B O3E   1 ? 
HETATM 693 C  C2E   . GP3 H 2 .  ? -8.012  21.008  -2.652  1.000 18.245 0 101 GP3 B C2E   1 ? 
HETATM 694 O  O2E   . GP3 H 2 .  ? -8.817  20.690  -3.838  1.000 21.019 0 101 GP3 B O2E   1 ? 
HETATM 695 C  C1E   . GP3 H 2 .  ? -6.905  20.009  -2.349  1.000 16.412 0 101 GP3 B C1E   1 ? 
HETATM 696 N  N9B   . GP3 H 2 .  ? -6.458  19.938  -0.971  1.000 13.005 0 101 GP3 B N9B   1 ? 
HETATM 697 C  C8B   . GP3 H 2 .  ? -5.341  20.240  -0.347  1.000 11.567 0 101 GP3 B C8B   1 ? 
HETATM 698 N  N7B   . GP3 H 2 .  ? -5.359  20.015  0.912   1.000 14.574 0 101 GP3 B N7B   1 ? 
HETATM 699 C  C5B   . GP3 H 2 .  ? -6.585  19.474  1.159   1.000 11.419 0 101 GP3 B C5B   1 ? 
HETATM 700 C  C6B   . GP3 H 2 .  ? -7.133  19.064  2.311   1.000 10.602 0 101 GP3 B C6B   1 ? 
HETATM 701 O  O6B   . GP3 H 2 .  ? -6.691  19.030  3.489   1.000 12.277 0 101 GP3 B O6B   1 ? 
HETATM 702 N  N1B   . GP3 H 2 .  ? -8.422  18.586  2.187   1.000 10.278 0 101 GP3 B N1B   1 ? 
HETATM 703 C  C2B   . GP3 H 2 .  ? -9.121  18.576  1.053   1.000 9.325  0 101 GP3 B C2B   1 ? 
HETATM 704 N  N2B   . GP3 H 2 .  ? -10.369 18.121  1.009   1.000 8.454  0 101 GP3 B N2B   1 ? 
HETATM 705 N  N3B   . GP3 H 2 .  ? -8.522  18.981  -0.095  1.000 10.510 0 101 GP3 B N3B   1 ? 
HETATM 706 C  C4B   . GP3 H 2 .  ? -7.266  19.421  0.020   1.000 11.697 0 101 GP3 B C4B   1 ? 
HETATM 707 MG MG    . MG  I 3 .  ? -0.265  -18.383 -11.608 0.330 9.638  0 102 MG  B MG    1 ? 
HETATM 708 MG MG    . MG  J 3 .  ? -6.565  2.515   -2.995  1.000 11.239 0 103 MG  B MG    1 ? 
HETATM 709 MG MG    . MG  K 3 .  ? -1.418  -23.480 -6.954  1.000 40.920 0 104 MG  B MG    1 ? 
HETATM 710 MG MG    . MG  L 3 .  ? -3.583  11.495  -9.397  0.330 29.028 0 105 MG  B MG    1 ? 
HETATM 711 O  O     . HOH M 4 .  ? -1.852  -24.409 -4.753  1.000 35.095 0 201 HOH A O     1 ? 
HETATM 712 O  O     . HOH M 4 .  ? 6.042   -21.803 -11.219 1.000 36.956 0 202 HOH A O     1 ? 
HETATM 713 O  O     . HOH M 4 .  ? 3.661   17.346  -0.193  1.000 30.031 0 203 HOH A O     1 ? 
HETATM 714 O  O     . HOH M 4 .  ? 3.317   -20.856 -2.057  1.000 24.610 0 204 HOH A O     1 ? 
HETATM 715 O  O     . HOH M 4 .  ? -6.057  2.094   5.963   1.000 33.945 0 205 HOH A O     1 ? 
HETATM 716 O  O     . HOH M 4 .  ? 7.353   8.718   -1.047  1.000 24.137 0 206 HOH A O     1 ? 
HETATM 717 O  O     . HOH M 4 .  ? -0.818  7.320   3.610   1.000 29.888 0 207 HOH A O     1 ? 
HETATM 718 O  O     . HOH M 4 .  ? -1.991  -1.187  -1.739  1.000 20.350 0 208 HOH A O     1 ? 
HETATM 719 O  O     . HOH M 4 .  ? 0.820   -18.773 -2.036  1.000 15.423 0 209 HOH A O     1 ? 
HETATM 720 O  O     . HOH M 4 .  ? 6.521   20.483  -5.401  1.000 21.246 0 210 HOH A O     1 ? 
HETATM 721 O  O     . HOH M 4 .  ? -0.155  10.351  3.976   1.000 28.811 0 211 HOH A O     1 ? 
HETATM 722 O  O     . HOH M 4 .  ? 3.511   -3.689  -4.808  1.000 13.188 0 212 HOH A O     1 ? 
HETATM 723 O  O     . HOH M 4 .  ? 2.820   -11.012 -0.530  1.000 21.680 0 213 HOH A O     1 ? 
HETATM 724 O  O     . HOH M 4 .  ? -0.208  -2.433  -9.688  1.000 20.881 0 214 HOH A O     1 ? 
HETATM 725 O  O     . HOH M 4 .  ? 12.886  -17.592 -6.207  1.000 26.784 0 215 HOH A O     1 ? 
HETATM 726 O  O     . HOH M 4 .  ? 8.099   7.611   5.298   1.000 25.447 0 216 HOH A O     1 ? 
HETATM 727 O  O     . HOH M 4 .  ? 8.991   10.761  -0.803  1.000 29.484 0 217 HOH A O     1 ? 
HETATM 728 O  O     . HOH M 4 .  ? 17.064  -11.807 -3.731  1.000 32.064 0 218 HOH A O     1 ? 
HETATM 729 O  O     . HOH M 4 .  ? 6.157   -21.709 -1.089  1.000 26.895 0 219 HOH A O     1 ? 
HETATM 730 O  O     . HOH M 4 .  ? -1.847  16.153  1.987   1.000 33.133 0 220 HOH A O     1 ? 
HETATM 731 O  O     . HOH M 4 .  ? 3.372   -2.650  -7.628  1.000 10.039 0 221 HOH A O     1 ? 
HETATM 732 O  O     . HOH M 4 .  ? -2.753  2.193   5.151   1.000 28.940 0 222 HOH A O     1 ? 
HETATM 733 O  O     . HOH M 4 .  ? -3.931  -1.261  -0.192  1.000 23.143 0 223 HOH A O     1 ? 
HETATM 734 O  O     . HOH M 4 .  ? -0.916  -22.241 -9.774  1.000 21.154 0 224 HOH A O     1 ? 
HETATM 735 O  O     . HOH M 4 .  ? -3.793  -0.615  -7.507  1.000 16.161 0 225 HOH A O     1 ? 
HETATM 736 O  O     . HOH M 4 .  ? 6.384   -15.897 0.451   1.000 20.456 0 226 HOH A O     1 ? 
HETATM 737 O  O     . HOH M 4 .  ? -2.084  0.113   2.179   1.000 31.311 0 227 HOH A O     1 ? 
HETATM 738 O  O     . HOH M 4 .  ? 1.588   -6.584  -3.168  1.000 16.850 0 228 HOH A O     1 ? 
HETATM 739 O  O     . HOH M 4 .  ? -5.571  0.238   2.762   1.000 19.559 0 229 HOH A O     1 ? 
HETATM 740 O  O     . HOH M 4 .  ? 0.831   16.476  1.290   1.000 24.038 0 230 HOH A O     1 ? 
HETATM 741 O  O     . HOH M 4 .  ? 4.095   14.393  4.712   1.000 31.423 0 231 HOH A O     1 ? 
HETATM 742 O  O     . HOH M 4 .  ? 9.502   18.890  -2.690  1.000 24.216 0 232 HOH A O     1 ? 
HETATM 743 O  O     . HOH M 4 .  ? -3.105  -10.331 -7.511  1.000 20.824 0 233 HOH A O     1 ? 
HETATM 744 O  O     . HOH M 4 .  ? 6.734   -8.803  -3.939  1.000 13.444 0 234 HOH A O     1 ? 
HETATM 745 O  O     . HOH M 4 .  ? 5.957   -3.538  -6.524  1.000 13.791 0 235 HOH A O     1 ? 
HETATM 746 O  O     . HOH M 4 .  ? 4.690   -5.853  -3.802  1.000 17.811 0 236 HOH A O     1 ? 
HETATM 747 O  O     . HOH M 4 .  ? -4.933  1.155   -3.312  1.000 11.018 0 237 HOH A O     1 ? 
HETATM 748 O  O     . HOH M 4 .  ? -10.109 0.220   -2.314  1.000 13.834 0 238 HOH A O     1 ? 
HETATM 749 O  O     . HOH M 4 .  ? 4.226   -9.465  -2.601  1.000 15.058 0 239 HOH A O     1 ? 
HETATM 750 O  O     . HOH M 4 .  ? -7.156  -8.319  -3.131  1.000 13.820 0 240 HOH A O     1 ? 
HETATM 751 O  O     . HOH M 4 .  ? -6.777  1.888   -1.063  1.000 13.678 0 241 HOH A O     1 ? 
HETATM 752 O  O     . HOH M 4 .  ? -0.889  -1.056  -6.627  1.000 17.846 0 242 HOH A O     1 ? 
HETATM 753 O  O     . HOH M 4 .  ? 12.669  -14.038 0.884   1.000 27.230 0 243 HOH A O     1 ? 
HETATM 754 O  O     . HOH M 4 .  ? -0.346  -3.467  -3.368  1.000 15.773 0 244 HOH A O     1 ? 
HETATM 755 O  O     . HOH M 4 .  ? 10.072  -11.448 -2.038  1.000 18.809 0 245 HOH A O     1 ? 
HETATM 756 O  O     . HOH M 4 .  ? 5.856   -24.965 -7.768  1.000 32.460 0 246 HOH A O     1 ? 
HETATM 757 O  O     . HOH M 4 .  ? -0.187  -2.381  0.757   1.000 33.563 0 247 HOH A O     1 ? 
HETATM 758 O  O     . HOH M 4 .  ? -11.927 -1.426  0.285   1.000 31.797 0 248 HOH A O     1 ? 
HETATM 759 O  O     . HOH M 4 .  ? -8.420  -6.788  2.427   1.000 40.655 0 249 HOH A O     1 ? 
HETATM 760 O  O     . HOH M 4 .  ? -10.866 -3.983  -1.323  1.000 27.942 0 250 HOH A O     1 ? 
HETATM 761 O  O     . HOH M 4 .  ? 1.719   -11.910 -9.882  1.000 27.477 0 251 HOH A O     1 ? 
HETATM 762 O  O     . HOH M 4 .  ? 1.156   -4.563  -1.007  1.000 22.684 0 252 HOH A O     1 ? 
HETATM 763 O  O     . HOH M 4 .  ? 2.002   -8.165  -0.580  1.000 22.495 0 253 HOH A O     1 ? 
HETATM 764 O  O     . HOH M 4 .  ? 8.558   12.115  -3.286  1.000 25.686 0 254 HOH A O     1 ? 
HETATM 765 O  O     . HOH M 4 .  ? 8.265   -19.064 2.425   1.000 32.019 0 255 HOH A O     1 ? 
HETATM 766 O  O     . HOH M 4 .  ? 0.187   -14.135 -10.143 1.000 17.370 0 256 HOH A O     1 ? 
HETATM 767 O  O     . HOH M 4 .  ? 9.111   7.538   2.266   1.000 31.189 0 257 HOH A O     1 ? 
HETATM 768 O  O     . HOH M 4 .  ? 1.124   13.991  3.939   1.000 28.561 0 258 HOH A O     1 ? 
HETATM 769 O  O     . HOH M 4 .  ? 4.900   -13.256 -0.132  1.000 26.128 0 259 HOH A O     1 ? 
HETATM 770 O  O     . HOH M 4 .  ? 8.615   -6.003  -5.515  1.000 25.968 0 260 HOH A O     1 ? 
HETATM 771 O  O     . HOH M 4 .  ? -2.484  13.135  -7.584  1.000 37.509 0 261 HOH A O     1 ? 
HETATM 772 O  O     . HOH M 4 .  ? -1.047  -10.481 -10.868 0.330 16.948 0 262 HOH A O     1 ? 
HETATM 773 O  O     . HOH M 4 .  ? 0.506   -19.691 0.240   1.000 36.103 0 263 HOH A O     1 ? 
HETATM 774 O  O     . HOH M 4 .  ? 6.838   9.728   -3.247  1.000 31.425 0 264 HOH A O     1 ? 
HETATM 775 O  O     . HOH M 4 .  ? -2.351  1.357   -2.363  1.000 27.594 0 265 HOH A O     1 ? 
HETATM 776 O  O     . HOH M 4 .  ? 3.518   -7.113  -2.078  1.000 18.717 0 266 HOH A O     1 ? 
HETATM 777 O  O     . HOH M 4 .  ? -7.972  1.063   -3.536  1.000 11.991 0 267 HOH A O     1 ? 
HETATM 778 O  O     . HOH M 4 .  ? -3.614  2.276   -0.098  1.000 24.889 0 268 HOH A O     1 ? 
HETATM 779 O  O     . HOH M 4 .  ? 8.694   -3.409  -6.189  1.000 25.700 0 269 HOH A O     1 ? 
HETATM 780 O  O     . HOH M 4 .  ? -2.019  -3.192  -10.625 0.330 21.508 0 270 HOH A O     1 ? 
HETATM 781 O  O     . HOH M 4 .  ? 11.022  16.246  -2.121  1.000 35.106 0 271 HOH A O     1 ? 
HETATM 782 O  O     . HOH M 4 .  ? -7.287  3.791   0.938   1.000 25.735 0 272 HOH A O     1 ? 
HETATM 783 O  O     . HOH M 4 .  ? 9.903   -13.816 2.152   1.000 30.497 0 273 HOH A O     1 ? 
HETATM 784 O  O     . HOH N 4 .  ? 0.172   24.661  -2.373  1.000 36.418 0 201 HOH B O     1 ? 
HETATM 785 O  O     . HOH N 4 .  ? 0.779   23.748  -5.715  1.000 30.624 0 202 HOH B O     1 ? 
HETATM 786 O  O     . HOH N 4 .  ? -3.341  20.631  1.965   1.000 25.718 0 203 HOH B O     1 ? 
HETATM 787 O  O     . HOH N 4 .  ? -7.312  -8.939  1.346   1.000 25.093 0 204 HOH B O     1 ? 
HETATM 788 O  O     . HOH N 4 .  ? 7.918   -2.781  2.463   1.000 32.886 0 205 HOH B O     1 ? 
HETATM 789 O  O     . HOH N 4 .  ? -6.799  -20.159 -6.645  1.000 29.605 0 206 HOH B O     1 ? 
HETATM 790 O  O     . HOH N 4 .  ? 2.156   -7.781  2.041   1.000 29.733 0 207 HOH B O     1 ? 
HETATM 791 O  O     . HOH N 4 .  ? -1.192  18.633  0.623   1.000 15.589 0 208 HOH B O     1 ? 
HETATM 792 O  O     . HOH N 4 .  ? 1.067   1.228   -2.273  1.000 19.786 0 209 HOH B O     1 ? 
HETATM 793 O  O     . HOH N 4 .  ? -5.125  -8.574  7.362   1.000 28.569 0 210 HOH B O     1 ? 
HETATM 794 O  O     . HOH N 4 .  ? -10.210 18.950  -2.524  1.000 27.943 0 211 HOH B O     1 ? 
HETATM 795 O  O     . HOH N 4 .  ? -8.753  -20.121 -4.196  1.000 21.377 0 212 HOH B O     1 ? 
HETATM 796 O  O     . HOH N 4 .  ? -1.418  21.658  2.942   1.000 32.797 0 213 HOH B O     1 ? 
HETATM 797 O  O     . HOH N 4 .  ? -13.864 17.672  2.132   1.000 28.132 0 214 HOH B O     1 ? 
HETATM 798 O  O     . HOH N 4 .  ? -5.233  3.929   -2.328  1.000 13.592 0 215 HOH B O     1 ? 
HETATM 799 O  O     . HOH N 4 .  ? -2.509  10.724  1.968   1.000 22.417 0 216 HOH B O     1 ? 
HETATM 800 O  O     . HOH N 4 .  ? -8.730  -11.084 2.017   1.000 30.071 0 217 HOH B O     1 ? 
HETATM 801 O  O     . HOH N 4 .  ? -4.014  3.266   -8.483  1.000 20.444 0 218 HOH B O     1 ? 
HETATM 802 O  O     . HOH N 4 .  ? -5.446  21.317  4.098   1.000 27.314 0 219 HOH B O     1 ? 
HETATM 803 O  O     . HOH N 4 .  ? 1.677   -10.997 2.361   1.000 28.440 0 220 HOH B O     1 ? 
HETATM 804 O  O     . HOH N 4 .  ? -10.283 -18.931 -0.451  1.000 26.614 0 221 HOH B O     1 ? 
HETATM 805 O  O     . HOH N 4 .  ? 6.213   -0.593  -0.033  1.000 18.904 0 222 HOH B O     1 ? 
HETATM 806 O  O     . HOH N 4 .  ? -6.353  3.183   -5.031  1.000 10.475 0 223 HOH B O     1 ? 
HETATM 807 O  O     . HOH N 4 .  ? -2.941  22.993  -6.639  1.000 21.442 0 224 HOH B O     1 ? 
HETATM 808 O  O     . HOH N 4 .  ? 2.814   -0.498  1.021   1.000 30.831 0 225 HOH B O     1 ? 
HETATM 809 O  O     . HOH N 4 .  ? 0.080   1.349   -8.293  1.000 16.366 0 226 HOH B O     1 ? 
HETATM 810 O  O     . HOH N 4 .  ? 4.077   1.035   -8.295  1.000 9.211  0 227 HOH B O     1 ? 
HETATM 811 O  O     . HOH N 4 .  ? 2.208   -16.703 -1.103  1.000 35.361 0 228 HOH B O     1 ? 
HETATM 812 O  O     . HOH N 4 .  ? 8.029   0.101   -6.510  1.000 13.249 0 229 HOH B O     1 ? 
HETATM 813 O  O     . HOH N 4 .  ? -0.681  -16.748 -0.309  1.000 24.636 0 230 HOH B O     1 ? 
HETATM 814 O  O     . HOH N 4 .  ? 4.751   -2.917  3.101   1.000 29.102 0 231 HOH B O     1 ? 
HETATM 815 O  O     . HOH N 4 .  ? -2.673  6.645   -1.390  1.000 16.569 0 232 HOH B O     1 ? 
HETATM 816 O  O     . HOH N 4 .  ? -0.272  10.978  -6.913  1.000 21.149 0 233 HOH B O     1 ? 
HETATM 817 O  O     . HOH N 4 .  ? -5.165  15.334  5.032   1.000 20.020 0 234 HOH B O     1 ? 
HETATM 818 O  O     . HOH N 4 .  ? 5.225   8.619   -4.996  1.000 14.245 0 235 HOH B O     1 ? 
HETATM 819 O  O     . HOH N 4 .  ? -8.136  3.882   -2.785  1.000 13.566 0 236 HOH B O     1 ? 
HETATM 820 O  O     . HOH N 4 .  ? -7.554  8.785   0.443   1.000 13.315 0 237 HOH B O     1 ? 
HETATM 821 O  O     . HOH N 4 .  ? 2.910   -0.844  -5.279  1.000 11.147 0 238 HOH B O     1 ? 
HETATM 822 O  O     . HOH N 4 .  ? -5.746  5.931   -0.682  1.000 19.824 0 239 HOH B O     1 ? 
HETATM 823 O  O     . HOH N 4 .  ? 5.548   -1.788  -4.144  1.000 13.790 0 240 HOH B O     1 ? 
HETATM 824 O  O     . HOH N 4 .  ? 3.397   1.199   -1.785  1.000 21.394 0 241 HOH B O     1 ? 
HETATM 825 O  O     . HOH N 4 .  ? -4.715  9.375   0.583   1.000 14.988 0 242 HOH B O     1 ? 
HETATM 826 O  O     . HOH N 4 .  ? -10.563 13.333  7.873   1.000 28.160 0 243 HOH B O     1 ? 
HETATM 827 O  O     . HOH N 4 .  ? 10.817  1.472   -4.743  1.000 31.387 0 244 HOH B O     1 ? 
HETATM 828 O  O     . HOH N 4 .  ? -2.091  1.618   -6.183  1.000 17.563 0 245 HOH B O     1 ? 
HETATM 829 O  O     . HOH N 4 .  ? -5.679  12.677  -6.616  1.000 28.629 0 246 HOH B O     1 ? 
HETATM 830 O  O     . HOH N 4 .  ? -1.889  -15.125 4.400   1.000 30.664 0 247 HOH B O     1 ? 
HETATM 831 O  O     . HOH N 4 .  ? -9.617  11.117  3.904   1.000 18.788 0 248 HOH B O     1 ? 
HETATM 832 O  O     . HOH N 4 .  ? -1.147  3.638   -2.787  1.000 15.187 0 249 HOH B O     1 ? 
HETATM 833 O  O     . HOH N 4 .  ? -7.334  -8.160  5.246   1.000 31.850 0 250 HOH B O     1 ? 
HETATM 834 O  O     . HOH N 4 .  ? 9.240   4.173   -5.558  1.000 25.390 0 251 HOH B O     1 ? 
HETATM 835 O  O     . HOH N 4 .  ? -1.384  4.413   0.105   1.000 22.330 0 252 HOH B O     1 ? 
HETATM 836 O  O     . HOH N 4 .  ? 0.510   2.000   0.832   1.000 33.996 0 253 HOH B O     1 ? 
HETATM 837 O  O     . HOH N 4 .  ? 8.724   6.549   -0.832  1.000 40.715 0 254 HOH B O     1 ? 
HETATM 838 O  O     . HOH N 4 .  ? -5.875  18.207  7.911   1.000 33.468 0 255 HOH B O     1 ? 
HETATM 839 O  O     . HOH N 4 .  ? -4.336  14.977  -7.393  1.000 16.477 0 256 HOH B O     1 ? 
HETATM 840 O  O     . HOH N 4 .  ? 0.341   -14.449 2.476   1.000 28.213 0 257 HOH B O     1 ? 
HETATM 841 O  O     . HOH N 4 .  ? -9.438  -12.073 -0.482  1.000 25.933 0 258 HOH B O     1 ? 
HETATM 842 O  O     . HOH N 4 .  ? -1.888  7.932   1.229   1.000 23.778 0 259 HOH B O     1 ? 
HETATM 843 O  O     . HOH N 4 .  ? -7.916  25.343  -1.492  1.000 32.351 0 260 HOH B O     1 ? 
HETATM 844 O  O     . HOH N 4 .  ? -16.025 17.097  2.175   1.000 29.293 0 261 HOH B O     1 ? 
HETATM 845 O  O     . HOH N 4 .  ? -4.150  12.874  3.516   1.000 25.503 0 262 HOH B O     1 ? 
HETATM 846 O  O     . HOH N 4 .  ? -10.030 6.141   -0.466  1.000 25.563 0 263 HOH B O     1 ? 
HETATM 847 O  O     . HOH N 4 .  ? -1.002  0.152   -4.386  1.000 31.651 0 264 HOH B O     1 ? 
HETATM 848 O  O     . HOH N 4 .  ? 0.261   19.364  2.514   1.000 35.242 0 265 HOH B O     1 ? 
HETATM 849 O  O     . HOH N 4 .  ? -7.827  -9.768  -0.992  1.000 30.227 0 266 HOH B O     1 ? 
HETATM 850 O  O     . HOH N 4 .  ? 1.009   -1.227  -3.368  1.000 28.097 0 267 HOH B O     1 ? 
HETATM 851 O  O     . HOH N 4 .  ? -3.909  6.980   0.508   1.000 18.220 0 268 HOH B O     1 ? 
HETATM 852 O  O     . HOH N 4 .  ? 5.564   -0.654  -6.808  1.000 11.621 0 269 HOH B O     1 ? 
HETATM 853 O  O     . HOH N 4 .  ? 3.082   -2.359  -2.004  1.000 26.947 0 270 HOH B O     1 ? 
HETATM 854 O  O     . HOH N 4 .  ? -10.468 3.675   -1.279  1.000 26.441 0 271 HOH B O     1 ? 
HETATM 855 O  O     . HOH N 4 .  ? -2.815  4.285   -10.000 0.330 25.117 0 272 HOH B O     1 ? 
HETATM 856 O  O     . HOH N 4 .  ? 6.777   -3.889  -2.735  1.000 26.176 0 273 HOH B O     1 ? 
HETATM 857 O  O     . HOH N 4 .  ? -6.827  10.833  4.825   1.000 28.839 0 274 HOH B O     1 ? 
HETATM 858 O  O     . HOH N 4 .  ? -7.587  13.050  7.820   1.000 30.391 0 275 HOH B O     1 ? 
# 
loop_
_pdbx_poly_seq_scheme.asym_id 
_pdbx_poly_seq_scheme.entity_id 
_pdbx_poly_seq_scheme.seq_id 
_pdbx_poly_seq_scheme.mon_id 
_pdbx_poly_seq_scheme.ndb_seq_num 
_pdbx_poly_seq_scheme.pdb_seq_num 
_pdbx_poly_seq_scheme.auth_seq_num 
_pdbx_poly_seq_scheme.pdb_mon_id 
_pdbx_poly_seq_scheme.auth_mon_id 
_pdbx_poly_seq_scheme.pdb_strand_id 
_pdbx_poly_seq_scheme.pdb_ins_code 
_pdbx_poly_seq_scheme.hetero 
A 1 1  LKC 1  1  1  LKC LCC A . n 
A 1 2  LCC 2  2  2  LCC LCC A . n 
A 1 3  LCC 3  3  3  LCC LCC A . n 
A 1 4  LCG 4  4  4  LCG LCG A . n 
A 1 5  A   5  9  5  A   A   A . n 
A 1 6  C   6  10 6  C   C   A . n 
A 1 7  U   7  11 7  U   U   A . n 
A 1 8  U   8  12 8  U   U   A . n 
A 1 9  A   9  13 9  A   A   A . n 
A 1 10 A   10 14 10 A   A   A . n 
A 1 11 G   11 15 11 G   G   A . n 
A 1 12 U   12 16 12 U   U   A . n 
A 1 13 C   13 17 13 C   C   A . n 
A 1 14 OMG 14 19 14 OMG OMG A . n 
B 1 1  LKC 1  1  1  LKC LCC B . n 
B 1 2  LCC 2  2  2  LCC LCC B . n 
B 1 3  LCC 3  3  3  LCC LCC B . n 
B 1 4  LCG 4  4  4  LCG LCG B . n 
B 1 5  A   5  9  5  A   A   B . n 
B 1 6  C   6  10 6  C   C   B . n 
B 1 7  U   7  11 7  U   U   B . n 
B 1 8  U   8  12 8  U   U   B . n 
B 1 9  A   9  13 9  A   A   B . n 
B 1 10 A   10 14 10 A   A   B . n 
B 1 11 G   11 15 11 G   G   B . n 
B 1 12 U   12 16 12 U   U   B . n 
B 1 13 C   13 17 13 C   C   B . n 
B 1 14 OMG 14 19 14 OMG OMG B . n 
# 
loop_
_pdbx_nonpoly_scheme.asym_id 
_pdbx_nonpoly_scheme.entity_id 
_pdbx_nonpoly_scheme.mon_id 
_pdbx_nonpoly_scheme.ndb_seq_num 
_pdbx_nonpoly_scheme.pdb_seq_num 
_pdbx_nonpoly_scheme.auth_seq_num 
_pdbx_nonpoly_scheme.pdb_mon_id 
_pdbx_nonpoly_scheme.auth_mon_id 
_pdbx_nonpoly_scheme.pdb_strand_id 
_pdbx_nonpoly_scheme.pdb_ins_code 
C 2 GP3 1  101 101 GP3 GP3 A . 
D 3 MG  1  102 2   MG  MG  A . 
E 3 MG  1  103 3   MG  MG  A . 
F 3 MG  1  104 13  MG  MG  A . 
G 3 MG  1  105 14  MG  MG  A . 
H 2 GP3 1  101 101 GP3 GP3 B . 
I 3 MG  1  102 1   MG  MG  B . 
J 3 MG  1  103 4   MG  MG  B . 
K 3 MG  1  104 12  MG  MG  B . 
L 3 MG  1  105 15  MG  MG  B . 
M 4 HOH 1  201 86  HOH HOH A . 
M 4 HOH 2  202 85  HOH HOH A . 
M 4 HOH 3  203 132 HOH HOH A . 
M 4 HOH 4  204 84  HOH HOH A . 
M 4 HOH 5  205 68  HOH HOH A . 
M 4 HOH 6  206 51  HOH HOH A . 
M 4 HOH 7  207 56  HOH HOH A . 
M 4 HOH 8  208 65  HOH HOH A . 
M 4 HOH 9  209 151 HOH HOH A . 
M 4 HOH 10 210 105 HOH HOH A . 
M 4 HOH 11 211 55  HOH HOH A . 
M 4 HOH 12 212 4   HOH HOH A . 
M 4 HOH 13 213 75  HOH HOH A . 
M 4 HOH 14 214 23  HOH HOH A . 
M 4 HOH 15 215 83  HOH HOH A . 
M 4 HOH 16 216 48  HOH HOH A . 
M 4 HOH 17 217 49  HOH HOH A . 
M 4 HOH 18 218 119 HOH HOH A . 
M 4 HOH 19 219 120 HOH HOH A . 
M 4 HOH 20 220 131 HOH HOH A . 
M 4 HOH 21 221 5   HOH HOH A . 
M 4 HOH 22 222 67  HOH HOH A . 
M 4 HOH 23 223 66  HOH HOH A . 
M 4 HOH 24 224 44  HOH HOH A . 
M 4 HOH 25 225 24  HOH HOH A . 
M 4 HOH 26 226 35  HOH HOH A . 
M 4 HOH 27 227 144 HOH HOH A . 
M 4 HOH 28 228 30  HOH HOH A . 
M 4 HOH 29 229 14  HOH HOH A . 
M 4 HOH 30 230 46  HOH HOH A . 
M 4 HOH 31 231 59  HOH HOH A . 
M 4 HOH 32 232 106 HOH HOH A . 
M 4 HOH 33 233 114 HOH HOH A . 
M 4 HOH 34 234 153 HOH HOH A . 
M 4 HOH 35 235 1   HOH HOH A . 
M 4 HOH 36 236 28  HOH HOH A . 
M 4 HOH 37 237 11  HOH HOH A . 
M 4 HOH 38 238 140 HOH HOH A . 
M 4 HOH 39 239 26  HOH HOH A . 
M 4 HOH 40 240 25  HOH HOH A . 
M 4 HOH 41 241 12  HOH HOH A . 
M 4 HOH 42 242 22  HOH HOH A . 
M 4 HOH 43 243 118 HOH HOH A . 
M 4 HOH 44 244 13  HOH HOH A . 
M 4 HOH 45 245 37  HOH HOH A . 
M 4 HOH 46 246 93  HOH HOH A . 
M 4 HOH 47 247 96  HOH HOH A . 
M 4 HOH 48 248 80  HOH HOH A . 
M 4 HOH 49 249 138 HOH HOH A . 
M 4 HOH 50 250 79  HOH HOH A . 
M 4 HOH 51 251 125 HOH HOH A . 
M 4 HOH 52 252 31  HOH HOH A . 
M 4 HOH 53 253 33  HOH HOH A . 
M 4 HOH 54 254 50  HOH HOH A . 
M 4 HOH 55 255 137 HOH HOH A . 
M 4 HOH 56 256 45  HOH HOH A . 
M 4 HOH 57 257 102 HOH HOH A . 
M 4 HOH 58 258 54  HOH HOH A . 
M 4 HOH 59 259 36  HOH HOH A . 
M 4 HOH 60 260 121 HOH HOH A . 
M 4 HOH 61 261 110 HOH HOH A . 
M 4 HOH 62 262 113 HOH HOH A . 
M 4 HOH 63 263 122 HOH HOH A . 
M 4 HOH 64 264 103 HOH HOH A . 
M 4 HOH 65 265 99  HOH HOH A . 
M 4 HOH 66 266 29  HOH HOH A . 
M 4 HOH 67 267 7   HOH HOH A . 
M 4 HOH 68 268 126 HOH HOH A . 
M 4 HOH 69 269 81  HOH HOH A . 
M 4 HOH 70 270 112 HOH HOH A . 
M 4 HOH 71 271 107 HOH HOH A . 
M 4 HOH 72 272 95  HOH HOH A . 
M 4 HOH 73 273 117 HOH HOH A . 
N 4 HOH 1  201 87  HOH HOH B . 
N 4 HOH 2  202 88  HOH HOH B . 
N 4 HOH 3  203 89  HOH HOH B . 
N 4 HOH 4  204 124 HOH HOH B . 
N 4 HOH 5  205 76  HOH HOH B . 
N 4 HOH 6  206 74  HOH HOH B . 
N 4 HOH 7  207 32  HOH HOH B . 
N 4 HOH 8  208 155 HOH HOH B . 
N 4 HOH 9  209 64  HOH HOH B . 
N 4 HOH 10 210 69  HOH HOH B . 
N 4 HOH 11 211 108 HOH HOH B . 
N 4 HOH 12 212 73  HOH HOH B . 
N 4 HOH 13 213 134 HOH HOH B . 
N 4 HOH 14 214 135 HOH HOH B . 
N 4 HOH 15 215 9   HOH HOH B . 
N 4 HOH 16 216 58  HOH HOH B . 
N 4 HOH 17 217 92  HOH HOH B . 
N 4 HOH 18 218 98  HOH HOH B . 
N 4 HOH 19 219 129 HOH HOH B . 
N 4 HOH 20 220 91  HOH HOH B . 
N 4 HOH 21 221 72  HOH HOH B . 
N 4 HOH 22 222 62  HOH HOH B . 
N 4 HOH 23 223 10  HOH HOH B . 
N 4 HOH 24 224 47  HOH HOH B . 
N 4 HOH 25 225 146 HOH HOH B . 
N 4 HOH 26 226 21  HOH HOH B . 
N 4 HOH 27 227 152 HOH HOH B . 
N 4 HOH 28 228 123 HOH HOH B . 
N 4 HOH 29 229 141 HOH HOH B . 
N 4 HOH 30 230 34  HOH HOH B . 
N 4 HOH 31 231 77  HOH HOH B . 
N 4 HOH 32 232 39  HOH HOH B . 
N 4 HOH 33 233 52  HOH HOH B . 
N 4 HOH 34 234 43  HOH HOH B . 
N 4 HOH 35 235 20  HOH HOH B . 
N 4 HOH 36 236 8   HOH HOH B . 
N 4 HOH 37 237 154 HOH HOH B . 
N 4 HOH 38 238 3   HOH HOH B . 
N 4 HOH 39 239 18  HOH HOH B . 
N 4 HOH 40 240 2   HOH HOH B . 
N 4 HOH 41 241 63  HOH HOH B . 
N 4 HOH 42 242 16  HOH HOH B . 
N 4 HOH 43 243 90  HOH HOH B . 
N 4 HOH 44 244 147 HOH HOH B . 
N 4 HOH 45 245 97  HOH HOH B . 
N 4 HOH 46 246 142 HOH HOH B . 
N 4 HOH 47 247 71  HOH HOH B . 
N 4 HOH 48 248 41  HOH HOH B . 
N 4 HOH 49 249 19  HOH HOH B . 
N 4 HOH 50 250 139 HOH HOH B . 
N 4 HOH 51 251 78  HOH HOH B . 
N 4 HOH 52 252 38  HOH HOH B . 
N 4 HOH 53 253 145 HOH HOH B . 
N 4 HOH 54 254 101 HOH HOH B . 
N 4 HOH 55 255 133 HOH HOH B . 
N 4 HOH 56 256 53  HOH HOH B . 
N 4 HOH 57 257 70  HOH HOH B . 
N 4 HOH 58 258 82  HOH HOH B . 
N 4 HOH 59 259 57  HOH HOH B . 
N 4 HOH 60 260 148 HOH HOH B . 
N 4 HOH 61 261 149 HOH HOH B . 
N 4 HOH 62 262 42  HOH HOH B . 
N 4 HOH 63 263 127 HOH HOH B . 
N 4 HOH 64 264 150 HOH HOH B . 
N 4 HOH 65 265 104 HOH HOH B . 
N 4 HOH 66 266 109 HOH HOH B . 
N 4 HOH 67 267 115 HOH HOH B . 
N 4 HOH 68 268 17  HOH HOH B . 
N 4 HOH 69 269 6   HOH HOH B . 
N 4 HOH 70 270 116 HOH HOH B . 
N 4 HOH 71 271 94  HOH HOH B . 
N 4 HOH 72 272 111 HOH HOH B . 
N 4 HOH 73 273 61  HOH HOH B . 
N 4 HOH 74 274 130 HOH HOH B . 
N 4 HOH 75 275 128 HOH HOH B . 
# 
_pdbx_struct_assembly.id                   1 
_pdbx_struct_assembly.details              author_and_software_defined_assembly 
_pdbx_struct_assembly.method_details       PISA 
_pdbx_struct_assembly.oligomeric_details   dimeric 
_pdbx_struct_assembly.oligomeric_count     2 
# 
_pdbx_struct_assembly_gen.assembly_id       1 
_pdbx_struct_assembly_gen.oper_expression   1 
_pdbx_struct_assembly_gen.asym_id_list      A,B,C,D,E,F,G,H,I,J,K,L,M,N 
# 
loop_
_pdbx_struct_assembly_prop.biol_id 
_pdbx_struct_assembly_prop.type 
_pdbx_struct_assembly_prop.value 
_pdbx_struct_assembly_prop.details 
1 'ABSA (A^2)' 3450 ? 
1 MORE         -1   ? 
1 'SSA (A^2)'  5240 ? 
# 
_pdbx_struct_oper_list.id                   1 
_pdbx_struct_oper_list.type                 'identity operation' 
_pdbx_struct_oper_list.name                 1_555 
_pdbx_struct_oper_list.symmetry_operation   x,y,z 
_pdbx_struct_oper_list.matrix[1][1]         1.0000000000 
_pdbx_struct_oper_list.matrix[1][2]         0.0000000000 
_pdbx_struct_oper_list.matrix[1][3]         0.0000000000 
_pdbx_struct_oper_list.vector[1]            0.0000000000 
_pdbx_struct_oper_list.matrix[2][1]         0.0000000000 
_pdbx_struct_oper_list.matrix[2][2]         1.0000000000 
_pdbx_struct_oper_list.matrix[2][3]         0.0000000000 
_pdbx_struct_oper_list.vector[2]            0.0000000000 
_pdbx_struct_oper_list.matrix[3][1]         0.0000000000 
_pdbx_struct_oper_list.matrix[3][2]         0.0000000000 
_pdbx_struct_oper_list.matrix[3][3]         1.0000000000 
_pdbx_struct_oper_list.vector[3]            0.0000000000 
# 
loop_
_pdbx_struct_special_symmetry.id 
_pdbx_struct_special_symmetry.PDB_model_num 
_pdbx_struct_special_symmetry.auth_asym_id 
_pdbx_struct_special_symmetry.auth_comp_id 
_pdbx_struct_special_symmetry.auth_seq_id 
_pdbx_struct_special_symmetry.PDB_ins_code 
_pdbx_struct_special_symmetry.label_asym_id 
_pdbx_struct_special_symmetry.label_comp_id 
_pdbx_struct_special_symmetry.label_seq_id 
1 1 A MG  105 ? G MG  . 
2 1 B MG  105 ? L MG  . 
3 1 A HOH 270 ? M HOH . 
4 1 B HOH 272 ? N HOH . 
# 
loop_
_pdbx_struct_conn_angle.id 
_pdbx_struct_conn_angle.ptnr1_label_atom_id 
_pdbx_struct_conn_angle.ptnr1_label_alt_id 
_pdbx_struct_conn_angle.ptnr1_label_asym_id 
_pdbx_struct_conn_angle.ptnr1_label_comp_id 
_pdbx_struct_conn_angle.ptnr1_label_seq_id 
_pdbx_struct_conn_angle.ptnr1_auth_atom_id 
_pdbx_struct_conn_angle.ptnr1_auth_asym_id 
_pdbx_struct_conn_angle.ptnr1_auth_comp_id 
_pdbx_struct_conn_angle.ptnr1_auth_seq_id 
_pdbx_struct_conn_angle.ptnr1_PDB_ins_code 
_pdbx_struct_conn_angle.ptnr1_symmetry 
_pdbx_struct_conn_angle.ptnr2_label_atom_id 
_pdbx_struct_conn_angle.ptnr2_label_alt_id 
_pdbx_struct_conn_angle.ptnr2_label_asym_id 
_pdbx_struct_conn_angle.ptnr2_label_comp_id 
_pdbx_struct_conn_angle.ptnr2_label_seq_id 
_pdbx_struct_conn_angle.ptnr2_auth_atom_id 
_pdbx_struct_conn_angle.ptnr2_auth_asym_id 
_pdbx_struct_conn_angle.ptnr2_auth_comp_id 
_pdbx_struct_conn_angle.ptnr2_auth_seq_id 
_pdbx_struct_conn_angle.ptnr2_PDB_ins_code 
_pdbx_struct_conn_angle.ptnr2_symmetry 
_pdbx_struct_conn_angle.ptnr3_label_atom_id 
_pdbx_struct_conn_angle.ptnr3_label_alt_id 
_pdbx_struct_conn_angle.ptnr3_label_asym_id 
_pdbx_struct_conn_angle.ptnr3_label_comp_id 
_pdbx_struct_conn_angle.ptnr3_label_seq_id 
_pdbx_struct_conn_angle.ptnr3_auth_atom_id 
_pdbx_struct_conn_angle.ptnr3_auth_asym_id 
_pdbx_struct_conn_angle.ptnr3_auth_comp_id 
_pdbx_struct_conn_angle.ptnr3_auth_seq_id 
_pdbx_struct_conn_angle.ptnr3_PDB_ins_code 
_pdbx_struct_conn_angle.ptnr3_symmetry 
_pdbx_struct_conn_angle.value 
_pdbx_struct_conn_angle.value_esd 
1  O3D ? C GP3 . ? A GP3 101 ? 1_555 MG ? I MG . ? B MG 102 ? 1_555 O2D ? C GP3 . ? A GP3 101 ? 1_555 76.9  ? 
2  O3D ? C GP3 . ? A GP3 101 ? 1_555 MG ? I MG . ? B MG 102 ? 1_555 O3D ? C GP3 . ? A GP3 101 ? 1_555 0.0   ? 
3  O2D ? C GP3 . ? A GP3 101 ? 1_555 MG ? I MG . ? B MG 102 ? 1_555 O3D ? C GP3 . ? A GP3 101 ? 1_555 76.9  ? 
4  O3D ? C GP3 . ? A GP3 101 ? 1_555 MG ? I MG . ? B MG 102 ? 1_555 O2D ? C GP3 . ? A GP3 101 ? 1_555 76.9  ? 
5  O2D ? C GP3 . ? A GP3 101 ? 1_555 MG ? I MG . ? B MG 102 ? 1_555 O2D ? C GP3 . ? A GP3 101 ? 1_555 0.0   ? 
6  O3D ? C GP3 . ? A GP3 101 ? 1_555 MG ? I MG . ? B MG 102 ? 1_555 O2D ? C GP3 . ? A GP3 101 ? 1_555 76.9  ? 
7  O2A ? C GP3 . ? A GP3 101 ? 1_555 MG ? K MG . ? B MG 104 ? 1_555 O2G ? C GP3 . ? A GP3 101 ? 1_555 121.0 ? 
8  O2A ? C GP3 . ? A GP3 101 ? 1_555 MG ? K MG . ? B MG 104 ? 1_555 O   ? M HOH . ? A HOH 201 ? 1_555 69.7  ? 
9  O2G ? C GP3 . ? A GP3 101 ? 1_555 MG ? K MG . ? B MG 104 ? 1_555 O   ? M HOH . ? A HOH 201 ? 1_555 79.6  ? 
10 O2A ? C GP3 . ? A GP3 101 ? 1_555 MG ? K MG . ? B MG 104 ? 1_555 O   ? M HOH . ? A HOH 202 ? 2_785 62.9  ? 
11 O2G ? C GP3 . ? A GP3 101 ? 1_555 MG ? K MG . ? B MG 104 ? 1_555 O   ? M HOH . ? A HOH 202 ? 2_785 170.6 ? 
12 O   ? M HOH . ? A HOH 201 ? 1_555 MG ? K MG . ? B MG 104 ? 1_555 O   ? M HOH . ? A HOH 202 ? 2_785 94.6  ? 
13 O3D ? H GP3 . ? B GP3 101 ? 1_555 MG ? D MG . ? A MG 102 ? 1_555 O2D ? H GP3 . ? B GP3 101 ? 1_555 76.2  ? 
14 O3D ? H GP3 . ? B GP3 101 ? 1_555 MG ? D MG . ? A MG 102 ? 1_555 O3D ? H GP3 . ? B GP3 101 ? 2_785 101.6 ? 
15 O2D ? H GP3 . ? B GP3 101 ? 1_555 MG ? D MG . ? A MG 102 ? 1_555 O3D ? H GP3 . ? B GP3 101 ? 2_785 118.8 ? 
16 O3D ? H GP3 . ? B GP3 101 ? 1_555 MG ? D MG . ? A MG 102 ? 1_555 O2D ? H GP3 . ? B GP3 101 ? 3_475 117.6 ? 
17 O2D ? H GP3 . ? B GP3 101 ? 1_555 MG ? D MG . ? A MG 102 ? 1_555 O2D ? H GP3 . ? B GP3 101 ? 3_475 95.8  ? 
18 O3D ? H GP3 . ? B GP3 101 ? 2_785 MG ? D MG . ? A MG 102 ? 1_555 O2D ? H GP3 . ? B GP3 101 ? 3_475 133.1 ? 
19 O   ? M HOH . ? A HOH 212 ? 1_555 MG ? E MG . ? A MG 103 ? 1_555 O   ? M HOH . ? A HOH 221 ? 1_555 91.6  ? 
20 O   ? M HOH . ? A HOH 212 ? 1_555 MG ? E MG . ? A MG 103 ? 1_555 O   ? M HOH . ? A HOH 235 ? 1_555 91.9  ? 
21 O   ? M HOH . ? A HOH 221 ? 1_555 MG ? E MG . ? A MG 103 ? 1_555 O   ? M HOH . ? A HOH 235 ? 1_555 87.7  ? 
22 O   ? M HOH . ? A HOH 212 ? 1_555 MG ? E MG . ? A MG 103 ? 1_555 O   ? N HOH . ? B HOH 238 ? 1_555 89.1  ? 
23 O   ? M HOH . ? A HOH 221 ? 1_555 MG ? E MG . ? A MG 103 ? 1_555 O   ? N HOH . ? B HOH 238 ? 1_555 88.7  ? 
24 O   ? M HOH . ? A HOH 235 ? 1_555 MG ? E MG . ? A MG 103 ? 1_555 O   ? N HOH . ? B HOH 238 ? 1_555 176.3 ? 
25 O   ? M HOH . ? A HOH 212 ? 1_555 MG ? E MG . ? A MG 103 ? 1_555 O   ? N HOH . ? B HOH 240 ? 1_555 88.4  ? 
26 O   ? M HOH . ? A HOH 221 ? 1_555 MG ? E MG . ? A MG 103 ? 1_555 O   ? N HOH . ? B HOH 240 ? 1_555 179.2 ? 
27 O   ? M HOH . ? A HOH 235 ? 1_555 MG ? E MG . ? A MG 103 ? 1_555 O   ? N HOH . ? B HOH 240 ? 1_555 91.5  ? 
28 O   ? N HOH . ? B HOH 238 ? 1_555 MG ? E MG . ? A MG 103 ? 1_555 O   ? N HOH . ? B HOH 240 ? 1_555 92.1  ? 
29 O   ? M HOH . ? A HOH 212 ? 1_555 MG ? E MG . ? A MG 103 ? 1_555 O   ? N HOH . ? B HOH 269 ? 1_555 176.1 ? 
30 O   ? M HOH . ? A HOH 221 ? 1_555 MG ? E MG . ? A MG 103 ? 1_555 O   ? N HOH . ? B HOH 269 ? 1_555 92.2  ? 
31 O   ? M HOH . ? A HOH 235 ? 1_555 MG ? E MG . ? A MG 103 ? 1_555 O   ? N HOH . ? B HOH 269 ? 1_555 87.4  ? 
32 O   ? N HOH . ? B HOH 238 ? 1_555 MG ? E MG . ? A MG 103 ? 1_555 O   ? N HOH . ? B HOH 269 ? 1_555 91.9  ? 
33 O   ? N HOH . ? B HOH 240 ? 1_555 MG ? E MG . ? A MG 103 ? 1_555 O   ? N HOH . ? B HOH 269 ? 1_555 87.7  ? 
34 O2A ? H GP3 . ? B GP3 101 ? 1_555 MG ? F MG . ? A MG 104 ? 1_555 O2G ? H GP3 . ? B GP3 101 ? 1_555 120.7 ? 
35 O2A ? H GP3 . ? B GP3 101 ? 1_555 MG ? F MG . ? A MG 104 ? 1_555 O   ? N HOH . ? B HOH 201 ? 1_555 70.3  ? 
36 O2G ? H GP3 . ? B GP3 101 ? 1_555 MG ? F MG . ? A MG 104 ? 1_555 O   ? N HOH . ? B HOH 201 ? 1_555 79.4  ? 
37 O2A ? H GP3 . ? B GP3 101 ? 1_555 MG ? F MG . ? A MG 104 ? 1_555 O   ? N HOH . ? B HOH 202 ? 1_555 60.9  ? 
38 O2G ? H GP3 . ? B GP3 101 ? 1_555 MG ? F MG . ? A MG 104 ? 1_555 O   ? N HOH . ? B HOH 202 ? 1_555 169.2 ? 
39 O   ? N HOH . ? B HOH 201 ? 1_555 MG ? F MG . ? A MG 104 ? 1_555 O   ? N HOH . ? B HOH 202 ? 1_555 91.8  ? 
40 O   ? M HOH . ? A HOH 237 ? 1_555 MG ? J MG . ? B MG 103 ? 1_555 O   ? M HOH . ? A HOH 241 ? 1_555 91.4  ? 
41 O   ? M HOH . ? A HOH 237 ? 1_555 MG ? J MG . ? B MG 103 ? 1_555 O   ? M HOH . ? A HOH 267 ? 1_555 91.9  ? 
42 O   ? M HOH . ? A HOH 241 ? 1_555 MG ? J MG . ? B MG 103 ? 1_555 O   ? M HOH . ? A HOH 267 ? 1_555 87.8  ? 
43 O   ? M HOH . ? A HOH 237 ? 1_555 MG ? J MG . ? B MG 103 ? 1_555 O   ? N HOH . ? B HOH 215 ? 1_555 89.5  ? 
44 O   ? M HOH . ? A HOH 241 ? 1_555 MG ? J MG . ? B MG 103 ? 1_555 O   ? N HOH . ? B HOH 215 ? 1_555 88.4  ? 
45 O   ? M HOH . ? A HOH 267 ? 1_555 MG ? J MG . ? B MG 103 ? 1_555 O   ? N HOH . ? B HOH 215 ? 1_555 176.0 ? 
46 O   ? M HOH . ? A HOH 237 ? 1_555 MG ? J MG . ? B MG 103 ? 1_555 O   ? N HOH . ? B HOH 223 ? 1_555 89.0  ? 
47 O   ? M HOH . ? A HOH 241 ? 1_555 MG ? J MG . ? B MG 103 ? 1_555 O   ? N HOH . ? B HOH 223 ? 1_555 179.7 ? 
48 O   ? M HOH . ? A HOH 267 ? 1_555 MG ? J MG . ? B MG 103 ? 1_555 O   ? N HOH . ? B HOH 223 ? 1_555 92.1  ? 
49 O   ? N HOH . ? B HOH 215 ? 1_555 MG ? J MG . ? B MG 103 ? 1_555 O   ? N HOH . ? B HOH 223 ? 1_555 91.7  ? 
50 O   ? M HOH . ? A HOH 237 ? 1_555 MG ? J MG . ? B MG 103 ? 1_555 O   ? N HOH . ? B HOH 236 ? 1_555 177.0 ? 
51 O   ? M HOH . ? A HOH 241 ? 1_555 MG ? J MG . ? B MG 103 ? 1_555 O   ? N HOH . ? B HOH 236 ? 1_555 91.6  ? 
52 O   ? M HOH . ? A HOH 267 ? 1_555 MG ? J MG . ? B MG 103 ? 1_555 O   ? N HOH . ? B HOH 236 ? 1_555 88.5  ? 
53 O   ? N HOH . ? B HOH 215 ? 1_555 MG ? J MG . ? B MG 103 ? 1_555 O   ? N HOH . ? B HOH 236 ? 1_555 90.3  ? 
54 O   ? N HOH . ? B HOH 223 ? 1_555 MG ? J MG . ? B MG 103 ? 1_555 O   ? N HOH . ? B HOH 236 ? 1_555 88.1  ? 
55 O   ? M HOH . ? A HOH 261 ? 1_555 MG ? L MG . ? B MG 105 ? 1_555 O   ? M HOH . ? A HOH 261 ? 3_475 85.7  ? 
# 
loop_
_pdbx_audit_revision_history.ordinal 
_pdbx_audit_revision_history.data_content_type 
_pdbx_audit_revision_history.major_revision 
_pdbx_audit_revision_history.minor_revision 
_pdbx_audit_revision_history.revision_date 
1 'Structure model' 1 0 2021-09-08 
2 'Structure model' 1 1 2021-10-20 
3 'Structure model' 1 2 2022-03-23 
4 'Structure model' 1 3 2023-10-18 
# 
_pdbx_audit_revision_details.ordinal             1 
_pdbx_audit_revision_details.revision_ordinal    1 
_pdbx_audit_revision_details.data_content_type   'Structure model' 
_pdbx_audit_revision_details.provider            repository 
_pdbx_audit_revision_details.type                'Initial release' 
_pdbx_audit_revision_details.description         ? 
_pdbx_audit_revision_details.details             ? 
# 
loop_
_pdbx_audit_revision_group.ordinal 
_pdbx_audit_revision_group.revision_ordinal 
_pdbx_audit_revision_group.data_content_type 
_pdbx_audit_revision_group.group 
1 2 'Structure model' 'Database references'    
2 3 'Structure model' 'Database references'    
3 4 'Structure model' 'Data collection'        
4 4 'Structure model' 'Refinement description' 
# 
loop_
_pdbx_audit_revision_category.ordinal 
_pdbx_audit_revision_category.revision_ordinal 
_pdbx_audit_revision_category.data_content_type 
_pdbx_audit_revision_category.category 
1 2 'Structure model' citation                      
2 3 'Structure model' citation_author               
3 4 'Structure model' chem_comp_atom                
4 4 'Structure model' chem_comp_bond                
5 4 'Structure model' pdbx_initial_refinement_model 
# 
loop_
_pdbx_audit_revision_item.ordinal 
_pdbx_audit_revision_item.revision_ordinal 
_pdbx_audit_revision_item.data_content_type 
_pdbx_audit_revision_item.item 
1 2 'Structure model' '_citation.journal_volume'          
2 2 'Structure model' '_citation.page_first'              
3 2 'Structure model' '_citation.page_last'               
4 2 'Structure model' '_citation.title'                   
5 3 'Structure model' '_citation_author.identifier_ORCID' 
# 
loop_
_software.citation_id 
_software.classification 
_software.compiler_name 
_software.compiler_version 
_software.contact_author 
_software.contact_author_email 
_software.date 
_software.description 
_software.dependencies 
_software.hardware 
_software.language 
_software.location 
_software.mods 
_software.name 
_software.os 
_software.os_version 
_software.type 
_software.version 
_software.pdbx_ordinal 
? refinement       ? ? ? ? ? ? ? ? ? ? ? REFMAC   ? ? ? 5.8.0267 1 
? 'data reduction' ? ? ? ? ? ? ? ? ? ? ? HKL-2000 ? ? ? .        2 
? 'data scaling'   ? ? ? ? ? ? ? ? ? ? ? HKL-2000 ? ? ? .        3 
? phasing          ? ? ? ? ? ? ? ? ? ? ? PHASER   ? ? ? .        4 
# 
_pdbx_entry_details.entry_id                 7KUP 
_pdbx_entry_details.has_ligand_of_interest   Y 
_pdbx_entry_details.compound_details         ? 
_pdbx_entry_details.source_details           ? 
_pdbx_entry_details.nonpolymer_details       ? 
_pdbx_entry_details.sequence_details         ? 
# 
loop_
_pdbx_validate_close_contact.id 
_pdbx_validate_close_contact.PDB_model_num 
_pdbx_validate_close_contact.auth_atom_id_1 
_pdbx_validate_close_contact.auth_asym_id_1 
_pdbx_validate_close_contact.auth_comp_id_1 
_pdbx_validate_close_contact.auth_seq_id_1 
_pdbx_validate_close_contact.PDB_ins_code_1 
_pdbx_validate_close_contact.label_alt_id_1 
_pdbx_validate_close_contact.auth_atom_id_2 
_pdbx_validate_close_contact.auth_asym_id_2 
_pdbx_validate_close_contact.auth_comp_id_2 
_pdbx_validate_close_contact.auth_seq_id_2 
_pdbx_validate_close_contact.PDB_ins_code_2 
_pdbx_validate_close_contact.label_alt_id_2 
_pdbx_validate_close_contact.dist 
1 1 O2B A GP3 101 ? ? O A HOH 201 ? ? 2.14 
2 1 O2B B GP3 101 ? ? O B HOH 201 ? ? 2.17 
# 
loop_
_pdbx_validate_rmsd_angle.id 
_pdbx_validate_rmsd_angle.PDB_model_num 
_pdbx_validate_rmsd_angle.auth_atom_id_1 
_pdbx_validate_rmsd_angle.auth_asym_id_1 
_pdbx_validate_rmsd_angle.auth_comp_id_1 
_pdbx_validate_rmsd_angle.auth_seq_id_1 
_pdbx_validate_rmsd_angle.PDB_ins_code_1 
_pdbx_validate_rmsd_angle.label_alt_id_1 
_pdbx_validate_rmsd_angle.auth_atom_id_2 
_pdbx_validate_rmsd_angle.auth_asym_id_2 
_pdbx_validate_rmsd_angle.auth_comp_id_2 
_pdbx_validate_rmsd_angle.auth_seq_id_2 
_pdbx_validate_rmsd_angle.PDB_ins_code_2 
_pdbx_validate_rmsd_angle.label_alt_id_2 
_pdbx_validate_rmsd_angle.auth_atom_id_3 
_pdbx_validate_rmsd_angle.auth_asym_id_3 
_pdbx_validate_rmsd_angle.auth_comp_id_3 
_pdbx_validate_rmsd_angle.auth_seq_id_3 
_pdbx_validate_rmsd_angle.PDB_ins_code_3 
_pdbx_validate_rmsd_angle.label_alt_id_3 
_pdbx_validate_rmsd_angle.angle_value 
_pdbx_validate_rmsd_angle.angle_target_value 
_pdbx_validate_rmsd_angle.angle_deviation 
_pdbx_validate_rmsd_angle.angle_standard_deviation 
_pdbx_validate_rmsd_angle.linker_flag 
1 1 "O5'" A U   11 ? ? P     A U   11 ? ? OP2 A U   11 ? ? 99.07  105.70 -6.63 0.90 N 
2 1 "O5'" A U   12 ? ? P     A U   12 ? ? OP1 A U   12 ? ? 118.89 110.70 8.19  1.20 N 
3 1 "O5'" A U   12 ? ? P     A U   12 ? ? OP2 A U   12 ? ? 96.67  105.70 -9.03 0.90 N 
4 1 "C3'" B LKC 1  ? ? "O3'" B LKC 1  ? ? P   B LCC 2  ? ? 127.12 119.70 7.42  1.20 Y 
5 1 "O5'" B U   12 ? ? P     B U   12 ? ? OP2 B U   12 ? ? 97.58  105.70 -8.12 0.90 N 
# 
loop_
_chem_comp_atom.comp_id 
_chem_comp_atom.atom_id 
_chem_comp_atom.type_symbol 
_chem_comp_atom.pdbx_aromatic_flag 
_chem_comp_atom.pdbx_stereo_config 
_chem_comp_atom.pdbx_ordinal 
A   OP3    O  N N 1   
A   P      P  N N 2   
A   OP1    O  N N 3   
A   OP2    O  N N 4   
A   "O5'"  O  N N 5   
A   "C5'"  C  N N 6   
A   "C4'"  C  N R 7   
A   "O4'"  O  N N 8   
A   "C3'"  C  N S 9   
A   "O3'"  O  N N 10  
A   "C2'"  C  N R 11  
A   "O2'"  O  N N 12  
A   "C1'"  C  N R 13  
A   N9     N  Y N 14  
A   C8     C  Y N 15  
A   N7     N  Y N 16  
A   C5     C  Y N 17  
A   C6     C  Y N 18  
A   N6     N  N N 19  
A   N1     N  Y N 20  
A   C2     C  Y N 21  
A   N3     N  Y N 22  
A   C4     C  Y N 23  
A   HOP3   H  N N 24  
A   HOP2   H  N N 25  
A   "H5'"  H  N N 26  
A   "H5''" H  N N 27  
A   "H4'"  H  N N 28  
A   "H3'"  H  N N 29  
A   "HO3'" H  N N 30  
A   "H2'"  H  N N 31  
A   "HO2'" H  N N 32  
A   "H1'"  H  N N 33  
A   H8     H  N N 34  
A   H61    H  N N 35  
A   H62    H  N N 36  
A   H2     H  N N 37  
C   OP3    O  N N 38  
C   P      P  N N 39  
C   OP1    O  N N 40  
C   OP2    O  N N 41  
C   "O5'"  O  N N 42  
C   "C5'"  C  N N 43  
C   "C4'"  C  N R 44  
C   "O4'"  O  N N 45  
C   "C3'"  C  N S 46  
C   "O3'"  O  N N 47  
C   "C2'"  C  N R 48  
C   "O2'"  O  N N 49  
C   "C1'"  C  N R 50  
C   N1     N  N N 51  
C   C2     C  N N 52  
C   O2     O  N N 53  
C   N3     N  N N 54  
C   C4     C  N N 55  
C   N4     N  N N 56  
C   C5     C  N N 57  
C   C6     C  N N 58  
C   HOP3   H  N N 59  
C   HOP2   H  N N 60  
C   "H5'"  H  N N 61  
C   "H5''" H  N N 62  
C   "H4'"  H  N N 63  
C   "H3'"  H  N N 64  
C   "HO3'" H  N N 65  
C   "H2'"  H  N N 66  
C   "HO2'" H  N N 67  
C   "H1'"  H  N N 68  
C   H41    H  N N 69  
C   H42    H  N N 70  
C   H5     H  N N 71  
C   H6     H  N N 72  
G   OP3    O  N N 73  
G   P      P  N N 74  
G   OP1    O  N N 75  
G   OP2    O  N N 76  
G   "O5'"  O  N N 77  
G   "C5'"  C  N N 78  
G   "C4'"  C  N R 79  
G   "O4'"  O  N N 80  
G   "C3'"  C  N S 81  
G   "O3'"  O  N N 82  
G   "C2'"  C  N R 83  
G   "O2'"  O  N N 84  
G   "C1'"  C  N R 85  
G   N9     N  Y N 86  
G   C8     C  Y N 87  
G   N7     N  Y N 88  
G   C5     C  Y N 89  
G   C6     C  N N 90  
G   O6     O  N N 91  
G   N1     N  N N 92  
G   C2     C  N N 93  
G   N2     N  N N 94  
G   N3     N  N N 95  
G   C4     C  Y N 96  
G   HOP3   H  N N 97  
G   HOP2   H  N N 98  
G   "H5'"  H  N N 99  
G   "H5''" H  N N 100 
G   "H4'"  H  N N 101 
G   "H3'"  H  N N 102 
G   "HO3'" H  N N 103 
G   "H2'"  H  N N 104 
G   "HO2'" H  N N 105 
G   "H1'"  H  N N 106 
G   H8     H  N N 107 
G   H1     H  N N 108 
G   H21    H  N N 109 
G   H22    H  N N 110 
GP3 N9A    N  Y N 111 
GP3 C8A    C  Y N 112 
GP3 N7A    N  Y N 113 
GP3 C5A    C  Y N 114 
GP3 C6A    C  N N 115 
GP3 O6A    O  N N 116 
GP3 N1A    N  N N 117 
GP3 C2A    C  N N 118 
GP3 N2A    N  N N 119 
GP3 N3A    N  N N 120 
GP3 C4A    C  Y N 121 
GP3 O5D    O  N N 122 
GP3 C5D    C  N N 123 
GP3 C4D    C  N R 124 
GP3 O4D    O  N N 125 
GP3 C3D    C  N S 126 
GP3 O3D    O  N N 127 
GP3 C2D    C  N R 128 
GP3 O2D    O  N N 129 
GP3 C1D    C  N R 130 
GP3 PA     P  N R 131 
GP3 O1A    O  N N 132 
GP3 O2A    O  N N 133 
GP3 O3A    O  N N 134 
GP3 PB     P  N N 135 
GP3 O1B    O  N N 136 
GP3 O2B    O  N N 137 
GP3 O3B    O  N N 138 
GP3 PG     P  N R 139 
GP3 O1G    O  N N 140 
GP3 O2G    O  N N 141 
GP3 O5E    O  N N 142 
GP3 C5E    C  N N 143 
GP3 C4E    C  N R 144 
GP3 O4E    O  N N 145 
GP3 C3E    C  N S 146 
GP3 O3E    O  N N 147 
GP3 C2E    C  N R 148 
GP3 O2E    O  N N 149 
GP3 C1E    C  N R 150 
GP3 N9B    N  Y N 151 
GP3 C8B    C  Y N 152 
GP3 N7B    N  Y N 153 
GP3 C5B    C  Y N 154 
GP3 C6B    C  N N 155 
GP3 O6B    O  N N 156 
GP3 N1B    N  N N 157 
GP3 C2B    C  N N 158 
GP3 N2B    N  N N 159 
GP3 N3B    N  N N 160 
GP3 C4B    C  Y N 161 
GP3 H8A    H  N N 162 
GP3 H1A    H  N N 163 
GP3 H21A   H  N N 164 
GP3 H22A   H  N N 165 
GP3 H51A   H  N N 166 
GP3 H52A   H  N N 167 
GP3 H4D    H  N N 168 
GP3 H3D    H  N N 169 
GP3 HO3A   H  N N 170 
GP3 H2D    H  N N 171 
GP3 HO2A   H  N N 172 
GP3 H1D    H  N N 173 
GP3 HOA2   H  N N 174 
GP3 HOB2   H  N N 175 
GP3 HOG2   H  N N 176 
GP3 H51B   H  N N 177 
GP3 H52B   H  N N 178 
GP3 H4E    H  N N 179 
GP3 H3E    H  N N 180 
GP3 HO3B   H  N N 181 
GP3 H2E    H  N N 182 
GP3 HO2B   H  N N 183 
GP3 H1E    H  N N 184 
GP3 H8B    H  N N 185 
GP3 H1B    H  N N 186 
GP3 H21B   H  N N 187 
GP3 H22B   H  N N 188 
HOH O      O  N N 189 
HOH H1     H  N N 190 
HOH H2     H  N N 191 
LCC "O5'"  O  N N 192 
LCC "C5'"  C  N N 193 
LCC "C4'"  C  N R 194 
LCC "O4'"  O  N N 195 
LCC "C1'"  C  N R 196 
LCC N1     N  N N 197 
LCC C6     C  N N 198 
LCC C5     C  N N 199 
LCC C5M    C  N N 200 
LCC C4     C  N N 201 
LCC N4     N  N N 202 
LCC N3     N  N N 203 
LCC C2     C  N N 204 
LCC O2     O  N N 205 
LCC "C3'"  C  N S 206 
LCC "C2'"  C  N R 207 
LCC "O2'"  O  N N 208 
LCC "O3'"  O  N N 209 
LCC "C6'"  C  N N 210 
LCC P      P  N N 211 
LCC O1P    O  N N 212 
LCC O2P    O  N N 213 
LCC OXT    O  N N 214 
LCC "H5'1" H  N N 215 
LCC "H5'2" H  N N 216 
LCC "H1'"  H  N N 217 
LCC H6     H  N N 218 
LCC H5M1   H  N N 219 
LCC H5M2   H  N N 220 
LCC H5M3   H  N N 221 
LCC H41    H  N N 222 
LCC H42    H  N N 223 
LCC "H3'"  H  N N 224 
LCC "H2'1" H  N N 225 
LCC H3T    H  N N 226 
LCC "H6'1" H  N N 227 
LCC "H6'2" H  N N 228 
LCC H1P    H  N N 229 
LCC HXT    H  N N 230 
LCG P      P  N N 231 
LCG OP1    O  N N 232 
LCG "O5'"  O  N N 233 
LCG "C5'"  C  N N 234 
LCG "C3'"  C  N S 235 
LCG "C6'"  C  N N 236 
LCG N9     N  Y N 237 
LCG C8     C  Y N 238 
LCG C4     C  Y N 239 
LCG N7     N  Y N 240 
LCG C5     C  Y N 241 
LCG C6     C  N N 242 
LCG "C2'"  C  N R 243 
LCG O6     O  N N 244 
LCG "C4'"  C  N R 245 
LCG "C1'"  C  N R 246 
LCG C2     C  N N 247 
LCG N1     N  N N 248 
LCG "O4'"  O  N N 249 
LCG OP2    O  N N 250 
LCG N2     N  N N 251 
LCG N3     N  N N 252 
LCG "O2'"  O  N N 253 
LCG "O3'"  O  N N 254 
LCG OP3    O  N N 255 
LCG "H5'"  H  N N 256 
LCG "H5''" H  N N 257 
LCG "H3'"  H  N N 258 
LCG "H6'1" H  N N 259 
LCG "H6'2" H  N N 260 
LCG H8     H  N N 261 
LCG "H2'"  H  N N 262 
LCG "H1'"  H  N N 263 
LCG H1     H  N N 264 
LCG HOP2   H  N N 265 
LCG H21    H  N N 266 
LCG H22    H  N N 267 
LCG "HO3'" H  N N 268 
LCG HOP3   H  N N 269 
LKC N1     N  N N 270 
LKC C2     C  N N 271 
LKC N3     N  N N 272 
LKC C4     C  N N 273 
LKC C5     C  N N 274 
LKC C6     C  N N 275 
LKC O2     O  N N 276 
LKC N4     N  N N 277 
LKC "C1'"  C  N R 278 
LKC "C2'"  C  N R 279 
LKC "C3'"  C  N S 280 
LKC "C4'"  C  N S 281 
LKC "O4'"  O  N N 282 
LKC "O3'"  O  N N 283 
LKC "C5'"  C  N N 284 
LKC "O5'"  O  N N 285 
LKC C5A    C  N N 286 
LKC "O2'"  O  N N 287 
LKC "C6'"  C  N N 288 
LKC H6     H  N N 289 
LKC H41    H  N N 290 
LKC H42    H  N N 291 
LKC "H1'"  H  N N 292 
LKC "H2'1" H  N N 293 
LKC "H3'"  H  N N 294 
LKC H3T    H  N N 295 
LKC "H5'1" H  N N 296 
LKC "H5'2" H  N N 297 
LKC H5T    H  N N 298 
LKC H5M1   H  N N 299 
LKC H5M2   H  N N 300 
LKC H5M3   H  N N 301 
LKC "H6'1" H  N N 302 
LKC "H6'2" H  N N 303 
MG  MG     MG N N 304 
OMG P      P  N N 305 
OMG OP1    O  N N 306 
OMG OP2    O  N N 307 
OMG OP3    O  N N 308 
OMG "O5'"  O  N N 309 
OMG "C5'"  C  N N 310 
OMG "C4'"  C  N R 311 
OMG "O4'"  O  N N 312 
OMG "C3'"  C  N R 313 
OMG "O3'"  O  N N 314 
OMG "C2'"  C  N R 315 
OMG "O2'"  O  N N 316 
OMG CM2    C  N N 317 
OMG "C1'"  C  N R 318 
OMG N9     N  Y N 319 
OMG C8     C  Y N 320 
OMG N7     N  Y N 321 
OMG C5     C  Y N 322 
OMG C6     C  N N 323 
OMG O6     O  N N 324 
OMG N1     N  N N 325 
OMG C2     C  N N 326 
OMG N2     N  N N 327 
OMG N3     N  N N 328 
OMG C4     C  Y N 329 
OMG HOP2   H  N N 330 
OMG HOP3   H  N N 331 
OMG "H5'"  H  N N 332 
OMG "H5''" H  N N 333 
OMG "H4'"  H  N N 334 
OMG "H3'"  H  N N 335 
OMG "HO3'" H  N N 336 
OMG "H2'"  H  N N 337 
OMG HM21   H  N N 338 
OMG HM22   H  N N 339 
OMG HM23   H  N N 340 
OMG "H1'"  H  N N 341 
OMG H8     H  N N 342 
OMG HN1    H  N N 343 
OMG HN21   H  N N 344 
OMG HN22   H  N N 345 
U   OP3    O  N N 346 
U   P      P  N N 347 
U   OP1    O  N N 348 
U   OP2    O  N N 349 
U   "O5'"  O  N N 350 
U   "C5'"  C  N N 351 
U   "C4'"  C  N R 352 
U   "O4'"  O  N N 353 
U   "C3'"  C  N S 354 
U   "O3'"  O  N N 355 
U   "C2'"  C  N R 356 
U   "O2'"  O  N N 357 
U   "C1'"  C  N R 358 
U   N1     N  N N 359 
U   C2     C  N N 360 
U   O2     O  N N 361 
U   N3     N  N N 362 
U   C4     C  N N 363 
U   O4     O  N N 364 
U   C5     C  N N 365 
U   C6     C  N N 366 
U   HOP3   H  N N 367 
U   HOP2   H  N N 368 
U   "H5'"  H  N N 369 
U   "H5''" H  N N 370 
U   "H4'"  H  N N 371 
U   "H3'"  H  N N 372 
U   "HO3'" H  N N 373 
U   "H2'"  H  N N 374 
U   "HO2'" H  N N 375 
U   "H1'"  H  N N 376 
U   H3     H  N N 377 
U   H5     H  N N 378 
U   H6     H  N N 379 
# 
loop_
_chem_comp_bond.comp_id 
_chem_comp_bond.atom_id_1 
_chem_comp_bond.atom_id_2 
_chem_comp_bond.value_order 
_chem_comp_bond.pdbx_aromatic_flag 
_chem_comp_bond.pdbx_stereo_config 
_chem_comp_bond.pdbx_ordinal 
A   OP3   P      sing N N 1   
A   OP3   HOP3   sing N N 2   
A   P     OP1    doub N N 3   
A   P     OP2    sing N N 4   
A   P     "O5'"  sing N N 5   
A   OP2   HOP2   sing N N 6   
A   "O5'" "C5'"  sing N N 7   
A   "C5'" "C4'"  sing N N 8   
A   "C5'" "H5'"  sing N N 9   
A   "C5'" "H5''" sing N N 10  
A   "C4'" "O4'"  sing N N 11  
A   "C4'" "C3'"  sing N N 12  
A   "C4'" "H4'"  sing N N 13  
A   "O4'" "C1'"  sing N N 14  
A   "C3'" "O3'"  sing N N 15  
A   "C3'" "C2'"  sing N N 16  
A   "C3'" "H3'"  sing N N 17  
A   "O3'" "HO3'" sing N N 18  
A   "C2'" "O2'"  sing N N 19  
A   "C2'" "C1'"  sing N N 20  
A   "C2'" "H2'"  sing N N 21  
A   "O2'" "HO2'" sing N N 22  
A   "C1'" N9     sing N N 23  
A   "C1'" "H1'"  sing N N 24  
A   N9    C8     sing Y N 25  
A   N9    C4     sing Y N 26  
A   C8    N7     doub Y N 27  
A   C8    H8     sing N N 28  
A   N7    C5     sing Y N 29  
A   C5    C6     sing Y N 30  
A   C5    C4     doub Y N 31  
A   C6    N6     sing N N 32  
A   C6    N1     doub Y N 33  
A   N6    H61    sing N N 34  
A   N6    H62    sing N N 35  
A   N1    C2     sing Y N 36  
A   C2    N3     doub Y N 37  
A   C2    H2     sing N N 38  
A   N3    C4     sing Y N 39  
C   OP3   P      sing N N 40  
C   OP3   HOP3   sing N N 41  
C   P     OP1    doub N N 42  
C   P     OP2    sing N N 43  
C   P     "O5'"  sing N N 44  
C   OP2   HOP2   sing N N 45  
C   "O5'" "C5'"  sing N N 46  
C   "C5'" "C4'"  sing N N 47  
C   "C5'" "H5'"  sing N N 48  
C   "C5'" "H5''" sing N N 49  
C   "C4'" "O4'"  sing N N 50  
C   "C4'" "C3'"  sing N N 51  
C   "C4'" "H4'"  sing N N 52  
C   "O4'" "C1'"  sing N N 53  
C   "C3'" "O3'"  sing N N 54  
C   "C3'" "C2'"  sing N N 55  
C   "C3'" "H3'"  sing N N 56  
C   "O3'" "HO3'" sing N N 57  
C   "C2'" "O2'"  sing N N 58  
C   "C2'" "C1'"  sing N N 59  
C   "C2'" "H2'"  sing N N 60  
C   "O2'" "HO2'" sing N N 61  
C   "C1'" N1     sing N N 62  
C   "C1'" "H1'"  sing N N 63  
C   N1    C2     sing N N 64  
C   N1    C6     sing N N 65  
C   C2    O2     doub N N 66  
C   C2    N3     sing N N 67  
C   N3    C4     doub N N 68  
C   C4    N4     sing N N 69  
C   C4    C5     sing N N 70  
C   N4    H41    sing N N 71  
C   N4    H42    sing N N 72  
C   C5    C6     doub N N 73  
C   C5    H5     sing N N 74  
C   C6    H6     sing N N 75  
G   OP3   P      sing N N 76  
G   OP3   HOP3   sing N N 77  
G   P     OP1    doub N N 78  
G   P     OP2    sing N N 79  
G   P     "O5'"  sing N N 80  
G   OP2   HOP2   sing N N 81  
G   "O5'" "C5'"  sing N N 82  
G   "C5'" "C4'"  sing N N 83  
G   "C5'" "H5'"  sing N N 84  
G   "C5'" "H5''" sing N N 85  
G   "C4'" "O4'"  sing N N 86  
G   "C4'" "C3'"  sing N N 87  
G   "C4'" "H4'"  sing N N 88  
G   "O4'" "C1'"  sing N N 89  
G   "C3'" "O3'"  sing N N 90  
G   "C3'" "C2'"  sing N N 91  
G   "C3'" "H3'"  sing N N 92  
G   "O3'" "HO3'" sing N N 93  
G   "C2'" "O2'"  sing N N 94  
G   "C2'" "C1'"  sing N N 95  
G   "C2'" "H2'"  sing N N 96  
G   "O2'" "HO2'" sing N N 97  
G   "C1'" N9     sing N N 98  
G   "C1'" "H1'"  sing N N 99  
G   N9    C8     sing Y N 100 
G   N9    C4     sing Y N 101 
G   C8    N7     doub Y N 102 
G   C8    H8     sing N N 103 
G   N7    C5     sing Y N 104 
G   C5    C6     sing N N 105 
G   C5    C4     doub Y N 106 
G   C6    O6     doub N N 107 
G   C6    N1     sing N N 108 
G   N1    C2     sing N N 109 
G   N1    H1     sing N N 110 
G   C2    N2     sing N N 111 
G   C2    N3     doub N N 112 
G   N2    H21    sing N N 113 
G   N2    H22    sing N N 114 
G   N3    C4     sing N N 115 
GP3 N9A   C8A    sing Y N 116 
GP3 N9A   C4A    sing Y N 117 
GP3 N9A   C1D    sing N N 118 
GP3 C8A   N7A    doub Y N 119 
GP3 C8A   H8A    sing N N 120 
GP3 N7A   C5A    sing Y N 121 
GP3 C5A   C6A    sing N N 122 
GP3 C5A   C4A    doub Y N 123 
GP3 C6A   O6A    doub N N 124 
GP3 C6A   N1A    sing N N 125 
GP3 N1A   C2A    sing N N 126 
GP3 N1A   H1A    sing N N 127 
GP3 C2A   N2A    sing N N 128 
GP3 C2A   N3A    doub N N 129 
GP3 N2A   H21A   sing N N 130 
GP3 N2A   H22A   sing N N 131 
GP3 N3A   C4A    sing N N 132 
GP3 O5D   C5D    sing N N 133 
GP3 O5D   PA     sing N N 134 
GP3 C5D   C4D    sing N N 135 
GP3 C5D   H51A   sing N N 136 
GP3 C5D   H52A   sing N N 137 
GP3 C4D   O4D    sing N N 138 
GP3 C4D   C3D    sing N N 139 
GP3 C4D   H4D    sing N N 140 
GP3 O4D   C1D    sing N N 141 
GP3 C3D   O3D    sing N N 142 
GP3 C3D   C2D    sing N N 143 
GP3 C3D   H3D    sing N N 144 
GP3 O3D   HO3A   sing N N 145 
GP3 C2D   O2D    sing N N 146 
GP3 C2D   C1D    sing N N 147 
GP3 C2D   H2D    sing N N 148 
GP3 O2D   HO2A   sing N N 149 
GP3 C1D   H1D    sing N N 150 
GP3 PA    O1A    doub N N 151 
GP3 PA    O2A    sing N N 152 
GP3 PA    O3A    sing N N 153 
GP3 O2A   HOA2   sing N N 154 
GP3 O3A   PB     sing N N 155 
GP3 PB    O1B    doub N N 156 
GP3 PB    O2B    sing N N 157 
GP3 PB    O3B    sing N N 158 
GP3 O2B   HOB2   sing N N 159 
GP3 O3B   PG     sing N N 160 
GP3 PG    O1G    doub N N 161 
GP3 PG    O2G    sing N N 162 
GP3 PG    O5E    sing N N 163 
GP3 O2G   HOG2   sing N N 164 
GP3 O5E   C5E    sing N N 165 
GP3 C5E   C4E    sing N N 166 
GP3 C5E   H51B   sing N N 167 
GP3 C5E   H52B   sing N N 168 
GP3 C4E   O4E    sing N N 169 
GP3 C4E   C3E    sing N N 170 
GP3 C4E   H4E    sing N N 171 
GP3 O4E   C1E    sing N N 172 
GP3 C3E   O3E    sing N N 173 
GP3 C3E   C2E    sing N N 174 
GP3 C3E   H3E    sing N N 175 
GP3 O3E   HO3B   sing N N 176 
GP3 C2E   O2E    sing N N 177 
GP3 C2E   C1E    sing N N 178 
GP3 C2E   H2E    sing N N 179 
GP3 O2E   HO2B   sing N N 180 
GP3 C1E   N9B    sing N N 181 
GP3 C1E   H1E    sing N N 182 
GP3 N9B   C8B    sing Y N 183 
GP3 N9B   C4B    sing Y N 184 
GP3 C8B   N7B    doub Y N 185 
GP3 C8B   H8B    sing N N 186 
GP3 N7B   C5B    sing Y N 187 
GP3 C5B   C6B    sing N N 188 
GP3 C5B   C4B    doub Y N 189 
GP3 C6B   O6B    doub N N 190 
GP3 C6B   N1B    sing N N 191 
GP3 N1B   C2B    sing N N 192 
GP3 N1B   H1B    sing N N 193 
GP3 C2B   N2B    sing N N 194 
GP3 C2B   N3B    doub N N 195 
GP3 N2B   H21B   sing N N 196 
GP3 N2B   H22B   sing N N 197 
GP3 N3B   C4B    sing N N 198 
HOH O     H1     sing N N 199 
HOH O     H2     sing N N 200 
LCC "O5'" "C5'"  sing N N 201 
LCC "O5'" P      sing N N 202 
LCC "C5'" "C4'"  sing N N 203 
LCC "C5'" "H5'1" sing N N 204 
LCC "C5'" "H5'2" sing N N 205 
LCC "C4'" "O4'"  sing N N 206 
LCC "C4'" "C3'"  sing N N 207 
LCC "C4'" "C6'"  sing N N 208 
LCC "O4'" "C1'"  sing N N 209 
LCC "C1'" N1     sing N N 210 
LCC "C1'" "C2'"  sing N N 211 
LCC "C1'" "H1'"  sing N N 212 
LCC N1    C6     sing N N 213 
LCC N1    C2     sing N N 214 
LCC C6    C5     doub N N 215 
LCC C6    H6     sing N N 216 
LCC C5    C5M    sing N N 217 
LCC C5    C4     sing N N 218 
LCC C5M   H5M1   sing N N 219 
LCC C5M   H5M2   sing N N 220 
LCC C5M   H5M3   sing N N 221 
LCC C4    N4     sing N N 222 
LCC C4    N3     doub N N 223 
LCC N4    H41    sing N N 224 
LCC N4    H42    sing N N 225 
LCC N3    C2     sing N N 226 
LCC C2    O2     doub N N 227 
LCC "C3'" "C2'"  sing N N 228 
LCC "C3'" "O3'"  sing N N 229 
LCC "C3'" "H3'"  sing N N 230 
LCC "C2'" "O2'"  sing N N 231 
LCC "C2'" "H2'1" sing N N 232 
LCC "O2'" "C6'"  sing N N 233 
LCC "O3'" H3T    sing N N 234 
LCC "C6'" "H6'1" sing N N 235 
LCC "C6'" "H6'2" sing N N 236 
LCC P     O1P    sing N N 237 
LCC P     O2P    doub N N 238 
LCC P     OXT    sing N N 239 
LCC O1P   H1P    sing N N 240 
LCC OXT   HXT    sing N N 241 
LCG P     OP1    doub N N 242 
LCG P     "O5'"  sing N N 243 
LCG P     OP2    sing N N 244 
LCG P     OP3    sing N N 245 
LCG "O5'" "C5'"  sing N N 246 
LCG "C5'" "C4'"  sing N N 247 
LCG "C5'" "H5'"  sing N N 248 
LCG "C5'" "H5''" sing N N 249 
LCG "C3'" "C2'"  sing N N 250 
LCG "C3'" "C4'"  sing N N 251 
LCG "C3'" "O3'"  sing N N 252 
LCG "C3'" "H3'"  sing N N 253 
LCG "C6'" "C4'"  sing N N 254 
LCG "C6'" "O2'"  sing N N 255 
LCG "C6'" "H6'1" sing N N 256 
LCG "C6'" "H6'2" sing N N 257 
LCG N9    C8     sing Y N 258 
LCG N9    C4     sing Y N 259 
LCG N9    "C1'"  sing N N 260 
LCG C8    N7     doub Y N 261 
LCG C8    H8     sing N N 262 
LCG C4    C5     doub Y N 263 
LCG C4    N3     sing N N 264 
LCG N7    C5     sing Y N 265 
LCG C5    C6     sing N N 266 
LCG C6    O6     doub N N 267 
LCG C6    N1     sing N N 268 
LCG "C2'" "C1'"  sing N N 269 
LCG "C2'" "O2'"  sing N N 270 
LCG "C2'" "H2'"  sing N N 271 
LCG "C4'" "O4'"  sing N N 272 
LCG "C1'" "O4'"  sing N N 273 
LCG "C1'" "H1'"  sing N N 274 
LCG C2    N1     sing N N 275 
LCG C2    N2     sing N N 276 
LCG C2    N3     doub N N 277 
LCG N1    H1     sing N N 278 
LCG OP2   HOP2   sing N N 279 
LCG N2    H21    sing N N 280 
LCG N2    H22    sing N N 281 
LCG "O3'" "HO3'" sing N N 282 
LCG OP3   HOP3   sing N N 283 
LKC N1    C2     sing N N 284 
LKC N1    C6     sing N N 285 
LKC N1    "C1'"  sing N N 286 
LKC C2    N3     sing N N 287 
LKC C2    O2     doub N N 288 
LKC N3    C4     doub N N 289 
LKC C4    C5     sing N N 290 
LKC C4    N4     sing N N 291 
LKC C5    C6     doub N N 292 
LKC C5    C5A    sing N N 293 
LKC C6    H6     sing N N 294 
LKC N4    H41    sing N N 295 
LKC N4    H42    sing N N 296 
LKC "C1'" "C2'"  sing N N 297 
LKC "C1'" "O4'"  sing N N 298 
LKC "C1'" "H1'"  sing N N 299 
LKC "C2'" "C3'"  sing N N 300 
LKC "C2'" "O2'"  sing N N 301 
LKC "C2'" "H2'1" sing N N 302 
LKC "C3'" "C4'"  sing N N 303 
LKC "C3'" "O3'"  sing N N 304 
LKC "C3'" "H3'"  sing N N 305 
LKC "C4'" "O4'"  sing N N 306 
LKC "C4'" "C5'"  sing N N 307 
LKC "C4'" "C6'"  sing N N 308 
LKC "O3'" H3T    sing N N 309 
LKC "C5'" "O5'"  sing N N 310 
LKC "C5'" "H5'1" sing N N 311 
LKC "C5'" "H5'2" sing N N 312 
LKC "O5'" H5T    sing N N 313 
LKC C5A   H5M1   sing N N 314 
LKC C5A   H5M2   sing N N 315 
LKC C5A   H5M3   sing N N 316 
LKC "O2'" "C6'"  sing N N 317 
LKC "C6'" "H6'1" sing N N 318 
LKC "C6'" "H6'2" sing N N 319 
OMG P     OP1    doub N N 320 
OMG P     OP2    sing N N 321 
OMG P     OP3    sing N N 322 
OMG P     "O5'"  sing N N 323 
OMG OP2   HOP2   sing N N 324 
OMG OP3   HOP3   sing N N 325 
OMG "O5'" "C5'"  sing N N 326 
OMG "C5'" "C4'"  sing N N 327 
OMG "C5'" "H5'"  sing N N 328 
OMG "C5'" "H5''" sing N N 329 
OMG "C4'" "O4'"  sing N N 330 
OMG "C4'" "C3'"  sing N N 331 
OMG "C4'" "H4'"  sing N N 332 
OMG "O4'" "C1'"  sing N N 333 
OMG "C3'" "O3'"  sing N N 334 
OMG "C3'" "C2'"  sing N N 335 
OMG "C3'" "H3'"  sing N N 336 
OMG "O3'" "HO3'" sing N N 337 
OMG "C2'" "O2'"  sing N N 338 
OMG "C2'" "C1'"  sing N N 339 
OMG "C2'" "H2'"  sing N N 340 
OMG "O2'" CM2    sing N N 341 
OMG CM2   HM21   sing N N 342 
OMG CM2   HM22   sing N N 343 
OMG CM2   HM23   sing N N 344 
OMG "C1'" N9     sing N N 345 
OMG "C1'" "H1'"  sing N N 346 
OMG N9    C8     sing Y N 347 
OMG N9    C4     sing Y N 348 
OMG C8    N7     doub Y N 349 
OMG C8    H8     sing N N 350 
OMG N7    C5     sing Y N 351 
OMG C5    C6     sing N N 352 
OMG C5    C4     doub Y N 353 
OMG C6    O6     doub N N 354 
OMG C6    N1     sing N N 355 
OMG N1    C2     sing N N 356 
OMG N1    HN1    sing N N 357 
OMG C2    N2     sing N N 358 
OMG C2    N3     doub N N 359 
OMG N2    HN21   sing N N 360 
OMG N2    HN22   sing N N 361 
OMG N3    C4     sing N N 362 
U   OP3   P      sing N N 363 
U   OP3   HOP3   sing N N 364 
U   P     OP1    doub N N 365 
U   P     OP2    sing N N 366 
U   P     "O5'"  sing N N 367 
U   OP2   HOP2   sing N N 368 
U   "O5'" "C5'"  sing N N 369 
U   "C5'" "C4'"  sing N N 370 
U   "C5'" "H5'"  sing N N 371 
U   "C5'" "H5''" sing N N 372 
U   "C4'" "O4'"  sing N N 373 
U   "C4'" "C3'"  sing N N 374 
U   "C4'" "H4'"  sing N N 375 
U   "O4'" "C1'"  sing N N 376 
U   "C3'" "O3'"  sing N N 377 
U   "C3'" "C2'"  sing N N 378 
U   "C3'" "H3'"  sing N N 379 
U   "O3'" "HO3'" sing N N 380 
U   "C2'" "O2'"  sing N N 381 
U   "C2'" "C1'"  sing N N 382 
U   "C2'" "H2'"  sing N N 383 
U   "O2'" "HO2'" sing N N 384 
U   "C1'" N1     sing N N 385 
U   "C1'" "H1'"  sing N N 386 
U   N1    C2     sing N N 387 
U   N1    C6     sing N N 388 
U   C2    O2     doub N N 389 
U   C2    N3     sing N N 390 
U   N3    C4     sing N N 391 
U   N3    H3     sing N N 392 
U   C4    O4     doub N N 393 
U   C4    C5     sing N N 394 
U   C5    C6     doub N N 395 
U   C5    H5     sing N N 396 
U   C6    H6     sing N N 397 
# 
_ndb_struct_conf_na.entry_id   7KUP 
_ndb_struct_conf_na.feature    'a-form double helix' 
# 
loop_
_ndb_struct_na_base_pair.model_number 
_ndb_struct_na_base_pair.i_label_asym_id 
_ndb_struct_na_base_pair.i_label_comp_id 
_ndb_struct_na_base_pair.i_label_seq_id 
_ndb_struct_na_base_pair.i_symmetry 
_ndb_struct_na_base_pair.j_label_asym_id 
_ndb_struct_na_base_pair.j_label_comp_id 
_ndb_struct_na_base_pair.j_label_seq_id 
_ndb_struct_na_base_pair.j_symmetry 
_ndb_struct_na_base_pair.shear 
_ndb_struct_na_base_pair.stretch 
_ndb_struct_na_base_pair.stagger 
_ndb_struct_na_base_pair.buckle 
_ndb_struct_na_base_pair.propeller 
_ndb_struct_na_base_pair.opening 
_ndb_struct_na_base_pair.pair_number 
_ndb_struct_na_base_pair.pair_name 
_ndb_struct_na_base_pair.i_auth_asym_id 
_ndb_struct_na_base_pair.i_auth_seq_id 
_ndb_struct_na_base_pair.i_PDB_ins_code 
_ndb_struct_na_base_pair.j_auth_asym_id 
_ndb_struct_na_base_pair.j_auth_seq_id 
_ndb_struct_na_base_pair.j_PDB_ins_code 
_ndb_struct_na_base_pair.hbond_type_28 
_ndb_struct_na_base_pair.hbond_type_12 
1 A LCG 4  1_555 B C   13 1_555 -0.237 -0.193 0.122  -1.037 -12.112 -1.360 1  A_LCG4:C17_B A 4  ? B 17 ? 19 1 
1 A A   5  1_555 B U   12 1_555 0.051  -0.107 0.034  5.427  -10.332 -4.692 2  A_A9:U16_B   A 9  ? B 16 ? 20 1 
1 A C   6  1_555 B G   11 1_555 0.159  -0.154 -0.069 8.909  -17.928 -1.054 3  A_C10:G15_B  A 10 ? B 15 ? 19 1 
1 A U   7  1_555 B A   10 1_555 -0.186 -0.168 -0.066 0.777  -14.468 1.967  4  A_U11:A14_B  A 11 ? B 14 ? 20 1 
1 A U   8  1_555 B A   9  1_555 0.164  -0.198 0.078  0.748  -11.752 4.245  5  A_U12:A13_B  A 12 ? B 13 ? 20 1 
1 A A   9  1_555 B U   8  1_555 -0.151 -0.182 0.100  -0.937 -11.537 4.666  6  A_A13:U12_B  A 13 ? B 12 ? 20 1 
1 A A   10 1_555 B U   7  1_555 0.124  -0.164 -0.053 -0.167 -13.698 1.615  7  A_A14:U11_B  A 14 ? B 11 ? 20 1 
1 A G   11 1_555 B C   6  1_555 -0.148 -0.148 -0.055 -8.831 -17.515 -1.130 8  A_G15:C10_B  A 15 ? B 10 ? 19 1 
1 A U   12 1_555 B A   5  1_555 -0.031 -0.120 0.047  -5.552 -10.505 -5.013 9  A_U16:A9_B   A 16 ? B 9  ? 20 1 
1 A C   13 1_555 B LCG 4  1_555 0.243  -0.177 0.147  0.938  -12.589 -1.103 10 A_C17:LCG4_B A 17 ? B 4  ? 19 1 
# 
loop_
_ndb_struct_na_base_pair_step.model_number 
_ndb_struct_na_base_pair_step.i_label_asym_id_1 
_ndb_struct_na_base_pair_step.i_label_comp_id_1 
_ndb_struct_na_base_pair_step.i_label_seq_id_1 
_ndb_struct_na_base_pair_step.i_symmetry_1 
_ndb_struct_na_base_pair_step.j_label_asym_id_1 
_ndb_struct_na_base_pair_step.j_label_comp_id_1 
_ndb_struct_na_base_pair_step.j_label_seq_id_1 
_ndb_struct_na_base_pair_step.j_symmetry_1 
_ndb_struct_na_base_pair_step.i_label_asym_id_2 
_ndb_struct_na_base_pair_step.i_label_comp_id_2 
_ndb_struct_na_base_pair_step.i_label_seq_id_2 
_ndb_struct_na_base_pair_step.i_symmetry_2 
_ndb_struct_na_base_pair_step.j_label_asym_id_2 
_ndb_struct_na_base_pair_step.j_label_comp_id_2 
_ndb_struct_na_base_pair_step.j_label_seq_id_2 
_ndb_struct_na_base_pair_step.j_symmetry_2 
_ndb_struct_na_base_pair_step.shift 
_ndb_struct_na_base_pair_step.slide 
_ndb_struct_na_base_pair_step.rise 
_ndb_struct_na_base_pair_step.tilt 
_ndb_struct_na_base_pair_step.roll 
_ndb_struct_na_base_pair_step.twist 
_ndb_struct_na_base_pair_step.x_displacement 
_ndb_struct_na_base_pair_step.y_displacement 
_ndb_struct_na_base_pair_step.helical_rise 
_ndb_struct_na_base_pair_step.inclination 
_ndb_struct_na_base_pair_step.tip 
_ndb_struct_na_base_pair_step.helical_twist 
_ndb_struct_na_base_pair_step.step_number 
_ndb_struct_na_base_pair_step.step_name 
_ndb_struct_na_base_pair_step.i_auth_asym_id_1 
_ndb_struct_na_base_pair_step.i_auth_seq_id_1 
_ndb_struct_na_base_pair_step.i_PDB_ins_code_1 
_ndb_struct_na_base_pair_step.j_auth_asym_id_1 
_ndb_struct_na_base_pair_step.j_auth_seq_id_1 
_ndb_struct_na_base_pair_step.j_PDB_ins_code_1 
_ndb_struct_na_base_pair_step.i_auth_asym_id_2 
_ndb_struct_na_base_pair_step.i_auth_seq_id_2 
_ndb_struct_na_base_pair_step.i_PDB_ins_code_2 
_ndb_struct_na_base_pair_step.j_auth_asym_id_2 
_ndb_struct_na_base_pair_step.j_auth_seq_id_2 
_ndb_struct_na_base_pair_step.j_PDB_ins_code_2 
1 A LCG 4  1_555 B C 13 1_555 A A 5  1_555 B U   12 1_555 -0.808 -1.488 3.085 -1.858 4.707  31.817 -3.452 1.153  2.882 8.519  
3.362  32.206 1 AA_LCG4A9:U16C17_BB A 4  ? B 17 ? A 9  ? B 16 ? 
1 A A   5  1_555 B U 12 1_555 A C 6  1_555 B G   11 1_555 0.467  -1.587 3.195 0.660  3.178  32.333 -3.369 -0.725 3.038 5.690  
-1.182 32.491 2 AA_A9C10:G15U16_BB  A 9  ? B 16 ? A 10 ? B 15 ? 
1 A C   6  1_555 B G 11 1_555 A U 7  1_555 B A   10 1_555 -0.329 -1.707 3.412 -2.226 11.845 29.561 -5.160 0.213  2.572 22.093 
4.151  31.873 3 AA_C10U11:A14G15_BB A 10 ? B 15 ? A 11 ? B 14 ? 
1 A U   7  1_555 B A 10 1_555 A U 8  1_555 B A   9  1_555 0.017  -1.090 3.287 -2.594 7.793  33.053 -3.066 -0.429 2.951 13.441 
4.474  34.030 4 AA_U11U12:A13A14_BB A 11 ? B 14 ? A 12 ? B 13 ? 
1 A U   8  1_555 B A 9  1_555 A A 9  1_555 B U   8  1_555 0.023  -1.433 3.199 -0.078 15.807 28.734 -4.928 -0.053 2.141 29.226 
0.145  32.715 5 AA_U12A13:U12A13_BB A 12 ? B 13 ? A 13 ? B 12 ? 
1 A A   9  1_555 B U 8  1_555 A A 10 1_555 B U   7  1_555 -0.024 -1.085 3.256 2.630  7.819  32.693 -3.093 0.452  2.916 13.623 
-4.581 33.690 6 AA_A13A14:U11U12_BB A 13 ? B 12 ? A 14 ? B 11 ? 
1 A A   10 1_555 B U 7  1_555 A G 11 1_555 B C   6  1_555 0.353  -1.725 3.428 2.485  11.676 30.067 -5.086 -0.211 2.614 21.472 
-4.570 32.299 7 AA_A14G15:C10U11_BB A 14 ? B 11 ? A 15 ? B 10 ? 
1 A G   11 1_555 B C 6  1_555 A U 12 1_555 B A   5  1_555 -0.443 -1.598 3.199 -0.533 3.111  32.080 -3.408 0.707  3.041 5.612  
0.961  32.231 8 AA_G15U16:A9C10_BB  A 15 ? B 10 ? A 16 ? B 9  ? 
1 A U   12 1_555 B A 5  1_555 A C 13 1_555 B LCG 4  1_555 0.816  -1.494 3.070 1.832  4.859  31.956 -3.462 -1.169 2.859 8.753  
-3.301 32.365 9 AA_U16C17:LCG4A9_BB A 16 ? B 9  ? A 17 ? B 4  ? 
# 
loop_
_pdbx_audit_support.funding_organization 
_pdbx_audit_support.country 
_pdbx_audit_support.grant_number 
_pdbx_audit_support.ordinal 
'National Science Foundation (NSF, United States)' 'United States' 1607034 1 
'Howard Hughes Medical Institute (HHMI)'           'United States' ?       2 
# 
loop_
_pdbx_entity_instance_feature.ordinal 
_pdbx_entity_instance_feature.comp_id 
_pdbx_entity_instance_feature.asym_id 
_pdbx_entity_instance_feature.seq_num 
_pdbx_entity_instance_feature.auth_comp_id 
_pdbx_entity_instance_feature.auth_asym_id 
_pdbx_entity_instance_feature.auth_seq_num 
_pdbx_entity_instance_feature.feature_type 
_pdbx_entity_instance_feature.details 
1 OMG ? ? OMG ? ? 'SUBJECT OF INVESTIGATION' ? 
2 GP3 ? ? GP3 ? ? 'SUBJECT OF INVESTIGATION' ? 
# 
loop_
_pdbx_entity_nonpoly.entity_id 
_pdbx_entity_nonpoly.name 
_pdbx_entity_nonpoly.comp_id 
2 "DIGUANOSINE-5'-TRIPHOSPHATE" GP3 
3 'MAGNESIUM ION'               MG  
4 water                         HOH 
# 
_pdbx_initial_refinement_model.id               1 
_pdbx_initial_refinement_model.entity_id_list   ? 
_pdbx_initial_refinement_model.type             'experimental model' 
_pdbx_initial_refinement_model.source_name      PDB 
_pdbx_initial_refinement_model.accession_code   5UEE 
_pdbx_initial_refinement_model.details          ? 
# 
_pdbx_struct_assembly_auth_evidence.id                     1 
_pdbx_struct_assembly_auth_evidence.assembly_id            1 
_pdbx_struct_assembly_auth_evidence.experimental_support   none 
_pdbx_struct_assembly_auth_evidence.details                ? 
# 
